data_4KUO
# 
_entry.id   4KUO 
# 
_audit_conform.dict_name       mmcif_pdbx.dic 
_audit_conform.dict_version    5.379 
_audit_conform.dict_location   http://mmcif.pdb.org/dictionaries/ascii/mmcif_pdbx.dic 
# 
loop_
_database_2.database_id 
_database_2.database_code 
_database_2.pdbx_database_accession 
_database_2.pdbx_DOI 
PDB   4KUO         pdb_00004kuo 10.2210/pdb4kuo/pdb 
RCSB  RCSB079816   ?            ?                   
WWPDB D_1000079816 ?            ?                   
# 
_pdbx_database_related.db_name        PDB 
_pdbx_database_related.db_id          4KUK 
_pdbx_database_related.details        
;"illuminated" LOV protein
;
_pdbx_database_related.content_type   unspecified 
# 
_pdbx_database_status.status_code                     REL 
_pdbx_database_status.entry_id                        4KUO 
_pdbx_database_status.recvd_initial_deposition_date   2013-05-22 
_pdbx_database_status.deposit_site                    RCSB 
_pdbx_database_status.process_site                    RCSB 
_pdbx_database_status.status_code_sf                  REL 
_pdbx_database_status.status_code_mr                  ? 
_pdbx_database_status.SG_entry                        ? 
_pdbx_database_status.status_code_cs                  ? 
_pdbx_database_status.methods_development_category    ? 
_pdbx_database_status.pdb_format_compatible           Y 
_pdbx_database_status.status_code_nmr_data            ? 
# 
loop_
_audit_author.name 
_audit_author.pdbx_ordinal 
'Circolone, F.'         1  
'Granzin, J.'           2  
'Stadler, A.'           3  
'Krauss, U.'            4  
'Drepper, T.'           5  
'Endres, S.'            6  
'Knieps-Gruenhagen, E.' 7  
'Wirtz, A.'             8  
'Willbold, D.'          9  
'Batra-Safferling, R.'  10 
'Jaeger, K.-E.'         11 
# 
_citation.id                        primary 
_citation.title                     
'Structure and function of a short LOV protein from the marine phototrophic bacterium Dinoroseobacter shibae.' 
_citation.journal_abbrev            'BMC Microbiol' 
_citation.journal_volume            15 
_citation.page_first                30 
_citation.page_last                 30 
_citation.year                      2015 
_citation.journal_id_ASTM           ? 
_citation.country                   UK 
_citation.journal_id_ISSN           1471-2180 
_citation.journal_id_CSD            ? 
_citation.book_publisher            ? 
_citation.pdbx_database_id_PubMed   25887755 
_citation.pdbx_database_id_DOI      10.1186/s12866-015-0365-0 
# 
loop_
_citation_author.citation_id 
_citation_author.name 
_citation_author.ordinal 
_citation_author.identifier_ORCID 
primary 'Endres, S.'           1  ? 
primary 'Granzin, J.'          2  ? 
primary 'Circolone, F.'        3  ? 
primary 'Stadler, A.'          4  ? 
primary 'Krauss, U.'           5  ? 
primary 'Drepper, T.'          6  ? 
primary 'Svensson, V.'         7  ? 
primary 'Knieps-Grunhagen, E.' 8  ? 
primary 'Wirtz, A.'            9  ? 
primary 'Cousin, A.'           10 ? 
primary 'Tielen, P.'           11 ? 
primary 'Willbold, D.'         12 ? 
primary 'Jaeger, K.E.'         13 ? 
primary 'Batra-Safferling, R.' 14 ? 
# 
_cell.entry_id           4KUO 
_cell.length_a           90.780 
_cell.length_b           30.936 
_cell.length_c           49.538 
_cell.angle_alpha        90.00 
_cell.angle_beta         113.09 
_cell.angle_gamma        90.00 
_cell.Z_PDB              4 
_cell.pdbx_unique_axis   ? 
_cell.length_a_esd       ? 
_cell.length_b_esd       ? 
_cell.length_c_esd       ? 
_cell.angle_alpha_esd    ? 
_cell.angle_beta_esd     ? 
_cell.angle_gamma_esd    ? 
# 
_symmetry.entry_id                         4KUO 
_symmetry.space_group_name_H-M             'C 1 2 1' 
_symmetry.pdbx_full_space_group_name_H-M   ? 
_symmetry.cell_setting                     ? 
_symmetry.Int_Tables_number                5 
_symmetry.space_group_name_Hall            ? 
# 
loop_
_entity.id 
_entity.type 
_entity.src_method 
_entity.pdbx_description 
_entity.formula_weight 
_entity.pdbx_number_of_molecules 
_entity.pdbx_ec 
_entity.pdbx_mutation 
_entity.pdbx_fragment 
_entity.details 
1 polymer     man 'blue-light photoreceptor' 16860.922 1  ? ? ? ? 
2 non-polymer syn RIBOFLAVIN                 376.364   1  ? ? ? ? 
3 water       nat water                      18.015    84 ? ? ? ? 
# 
_entity_name_com.entity_id   1 
_entity_name_com.name        'light-oxygen-voltage (LOV) photoreceptor' 
# 
_entity_poly.entity_id                      1 
_entity_poly.type                           'polypeptide(L)' 
_entity_poly.nstd_linkage                   no 
_entity_poly.nstd_monomer                   no 
_entity_poly.pdbx_seq_one_letter_code       
;MRRHYRDLIRNTPMPDTPQDIADLRALLDEDEAEMSVVFSDPSQPDNPMIYVSDAFLVQTGYTLEEVLGRNCRFLQGPDT
NPHAVEAIRQGLKAETRFTIDILNYRKDGSAFVNRLRIRPIYDPEGNLMFFAGAQNPVLEHHHHHH
;
_entity_poly.pdbx_seq_one_letter_code_can   
;MRRHYRDLIRNTPMPDTPQDIADLRALLDEDEAEMSVVFSDPSQPDNPMIYVSDAFLVQTGYTLEEVLGRNCRFLQGPDT
NPHAVEAIRQGLKAETRFTIDILNYRKDGSAFVNRLRIRPIYDPEGNLMFFAGAQNPVLEHHHHHH
;
_entity_poly.pdbx_strand_id                 A 
_entity_poly.pdbx_target_identifier         ? 
# 
loop_
_entity_poly_seq.entity_id 
_entity_poly_seq.num 
_entity_poly_seq.mon_id 
_entity_poly_seq.hetero 
1 1   MET n 
1 2   ARG n 
1 3   ARG n 
1 4   HIS n 
1 5   TYR n 
1 6   ARG n 
1 7   ASP n 
1 8   LEU n 
1 9   ILE n 
1 10  ARG n 
1 11  ASN n 
1 12  THR n 
1 13  PRO n 
1 14  MET n 
1 15  PRO n 
1 16  ASP n 
1 17  THR n 
1 18  PRO n 
1 19  GLN n 
1 20  ASP n 
1 21  ILE n 
1 22  ALA n 
1 23  ASP n 
1 24  LEU n 
1 25  ARG n 
1 26  ALA n 
1 27  LEU n 
1 28  LEU n 
1 29  ASP n 
1 30  GLU n 
1 31  ASP n 
1 32  GLU n 
1 33  ALA n 
1 34  GLU n 
1 35  MET n 
1 36  SER n 
1 37  VAL n 
1 38  VAL n 
1 39  PHE n 
1 40  SER n 
1 41  ASP n 
1 42  PRO n 
1 43  SER n 
1 44  GLN n 
1 45  PRO n 
1 46  ASP n 
1 47  ASN n 
1 48  PRO n 
1 49  MET n 
1 50  ILE n 
1 51  TYR n 
1 52  VAL n 
1 53  SER n 
1 54  ASP n 
1 55  ALA n 
1 56  PHE n 
1 57  LEU n 
1 58  VAL n 
1 59  GLN n 
1 60  THR n 
1 61  GLY n 
1 62  TYR n 
1 63  THR n 
1 64  LEU n 
1 65  GLU n 
1 66  GLU n 
1 67  VAL n 
1 68  LEU n 
1 69  GLY n 
1 70  ARG n 
1 71  ASN n 
1 72  CYS n 
1 73  ARG n 
1 74  PHE n 
1 75  LEU n 
1 76  GLN n 
1 77  GLY n 
1 78  PRO n 
1 79  ASP n 
1 80  THR n 
1 81  ASN n 
1 82  PRO n 
1 83  HIS n 
1 84  ALA n 
1 85  VAL n 
1 86  GLU n 
1 87  ALA n 
1 88  ILE n 
1 89  ARG n 
1 90  GLN n 
1 91  GLY n 
1 92  LEU n 
1 93  LYS n 
1 94  ALA n 
1 95  GLU n 
1 96  THR n 
1 97  ARG n 
1 98  PHE n 
1 99  THR n 
1 100 ILE n 
1 101 ASP n 
1 102 ILE n 
1 103 LEU n 
1 104 ASN n 
1 105 TYR n 
1 106 ARG n 
1 107 LYS n 
1 108 ASP n 
1 109 GLY n 
1 110 SER n 
1 111 ALA n 
1 112 PHE n 
1 113 VAL n 
1 114 ASN n 
1 115 ARG n 
1 116 LEU n 
1 117 ARG n 
1 118 ILE n 
1 119 ARG n 
1 120 PRO n 
1 121 ILE n 
1 122 TYR n 
1 123 ASP n 
1 124 PRO n 
1 125 GLU n 
1 126 GLY n 
1 127 ASN n 
1 128 LEU n 
1 129 MET n 
1 130 PHE n 
1 131 PHE n 
1 132 ALA n 
1 133 GLY n 
1 134 ALA n 
1 135 GLN n 
1 136 ASN n 
1 137 PRO n 
1 138 VAL n 
1 139 LEU n 
1 140 GLU n 
1 141 HIS n 
1 142 HIS n 
1 143 HIS n 
1 144 HIS n 
1 145 HIS n 
1 146 HIS n 
# 
_entity_src_gen.entity_id                          1 
_entity_src_gen.pdbx_src_id                        1 
_entity_src_gen.pdbx_alt_source_flag               sample 
_entity_src_gen.pdbx_seq_type                      ? 
_entity_src_gen.pdbx_beg_seq_num                   ? 
_entity_src_gen.pdbx_end_seq_num                   ? 
_entity_src_gen.gene_src_common_name               ? 
_entity_src_gen.gene_src_genus                     ? 
_entity_src_gen.pdbx_gene_src_gene                 Dshi_2006 
_entity_src_gen.gene_src_species                   ? 
_entity_src_gen.gene_src_strain                    'DFL 12' 
_entity_src_gen.gene_src_tissue                    ? 
_entity_src_gen.gene_src_tissue_fraction           ? 
_entity_src_gen.gene_src_details                   ? 
_entity_src_gen.pdbx_gene_src_fragment             ? 
_entity_src_gen.pdbx_gene_src_scientific_name      'Dinoroseobacter shibae' 
_entity_src_gen.pdbx_gene_src_ncbi_taxonomy_id     398580 
_entity_src_gen.pdbx_gene_src_variant              ? 
_entity_src_gen.pdbx_gene_src_cell_line            ? 
_entity_src_gen.pdbx_gene_src_atcc                 ? 
_entity_src_gen.pdbx_gene_src_organ                ? 
_entity_src_gen.pdbx_gene_src_organelle            ? 
_entity_src_gen.pdbx_gene_src_cell                 ? 
_entity_src_gen.pdbx_gene_src_cellular_location    ? 
_entity_src_gen.host_org_common_name               ? 
_entity_src_gen.pdbx_host_org_scientific_name      'Escherichia coli' 
_entity_src_gen.pdbx_host_org_ncbi_taxonomy_id     562 
_entity_src_gen.host_org_genus                     ? 
_entity_src_gen.pdbx_host_org_gene                 ? 
_entity_src_gen.pdbx_host_org_organ                ? 
_entity_src_gen.host_org_species                   ? 
_entity_src_gen.pdbx_host_org_tissue               ? 
_entity_src_gen.pdbx_host_org_tissue_fraction      ? 
_entity_src_gen.pdbx_host_org_strain               ? 
_entity_src_gen.pdbx_host_org_variant              ? 
_entity_src_gen.pdbx_host_org_cell_line            ? 
_entity_src_gen.pdbx_host_org_atcc                 ? 
_entity_src_gen.pdbx_host_org_culture_collection   ? 
_entity_src_gen.pdbx_host_org_cell                 ? 
_entity_src_gen.pdbx_host_org_organelle            ? 
_entity_src_gen.pdbx_host_org_cellular_location    ? 
_entity_src_gen.pdbx_host_org_vector_type          plasmid 
_entity_src_gen.pdbx_host_org_vector               ? 
_entity_src_gen.host_org_details                   ? 
_entity_src_gen.expression_system_id               ? 
_entity_src_gen.plasmid_name                       pBluescript-DsLOV 
_entity_src_gen.plasmid_details                    ? 
_entity_src_gen.pdbx_description                   ? 
# 
_struct_ref.id                         1 
_struct_ref.db_name                    UNP 
_struct_ref.db_code                    A8LP63_DINSH 
_struct_ref.pdbx_db_accession          A8LP63 
_struct_ref.entity_id                  1 
_struct_ref.pdbx_seq_one_letter_code   
;MRRHYRDLIRNTPMPDTPQDIADLRALLDEDEAEMSVVFSDPSQPDNPMIYVSDAFLVQTGYTLEEVLGRNCRFLQGPDT
NPHAVEAIRQGLKAETRFTIDILNYRKDGSAFVNRLRIRPIYDPEGNLMFFAGAQNPV
;
_struct_ref.pdbx_align_begin           2 
_struct_ref.pdbx_db_isoform            ? 
# 
_struct_ref_seq.align_id                      1 
_struct_ref_seq.ref_id                        1 
_struct_ref_seq.pdbx_PDB_id_code              4KUO 
_struct_ref_seq.pdbx_strand_id                A 
_struct_ref_seq.seq_align_beg                 1 
_struct_ref_seq.pdbx_seq_align_beg_ins_code   ? 
_struct_ref_seq.seq_align_end                 138 
_struct_ref_seq.pdbx_seq_align_end_ins_code   ? 
_struct_ref_seq.pdbx_db_accession             A8LP63 
_struct_ref_seq.db_align_beg                  2 
_struct_ref_seq.pdbx_db_align_beg_ins_code    ? 
_struct_ref_seq.db_align_end                  139 
_struct_ref_seq.pdbx_db_align_end_ins_code    ? 
_struct_ref_seq.pdbx_auth_seq_align_beg       1 
_struct_ref_seq.pdbx_auth_seq_align_end       138 
# 
loop_
_struct_ref_seq_dif.align_id 
_struct_ref_seq_dif.pdbx_pdb_id_code 
_struct_ref_seq_dif.mon_id 
_struct_ref_seq_dif.pdbx_pdb_strand_id 
_struct_ref_seq_dif.seq_num 
_struct_ref_seq_dif.pdbx_pdb_ins_code 
_struct_ref_seq_dif.pdbx_seq_db_name 
_struct_ref_seq_dif.pdbx_seq_db_accession_code 
_struct_ref_seq_dif.db_mon_id 
_struct_ref_seq_dif.pdbx_seq_db_seq_num 
_struct_ref_seq_dif.details 
_struct_ref_seq_dif.pdbx_auth_seq_num 
_struct_ref_seq_dif.pdbx_ordinal 
1 4KUO LEU A 139 ? UNP A8LP63 ? ? 'expression tag' 139 1 
1 4KUO GLU A 140 ? UNP A8LP63 ? ? 'expression tag' 140 2 
1 4KUO HIS A 141 ? UNP A8LP63 ? ? 'expression tag' 141 3 
1 4KUO HIS A 142 ? UNP A8LP63 ? ? 'expression tag' 142 4 
1 4KUO HIS A 143 ? UNP A8LP63 ? ? 'expression tag' 143 5 
1 4KUO HIS A 144 ? UNP A8LP63 ? ? 'expression tag' 144 6 
1 4KUO HIS A 145 ? UNP A8LP63 ? ? 'expression tag' 145 7 
1 4KUO HIS A 146 ? UNP A8LP63 ? ? 'expression tag' 146 8 
# 
loop_
_chem_comp.id 
_chem_comp.type 
_chem_comp.mon_nstd_flag 
_chem_comp.name 
_chem_comp.pdbx_synonyms 
_chem_comp.formula 
_chem_comp.formula_weight 
ALA 'L-peptide linking' y ALANINE         ?                         'C3 H7 N O2'     89.093  
ARG 'L-peptide linking' y ARGININE        ?                         'C6 H15 N4 O2 1' 175.209 
ASN 'L-peptide linking' y ASPARAGINE      ?                         'C4 H8 N2 O3'    132.118 
ASP 'L-peptide linking' y 'ASPARTIC ACID' ?                         'C4 H7 N O4'     133.103 
CYS 'L-peptide linking' y CYSTEINE        ?                         'C3 H7 N O2 S'   121.158 
GLN 'L-peptide linking' y GLUTAMINE       ?                         'C5 H10 N2 O3'   146.144 
GLU 'L-peptide linking' y 'GLUTAMIC ACID' ?                         'C5 H9 N O4'     147.129 
GLY 'peptide linking'   y GLYCINE         ?                         'C2 H5 N O2'     75.067  
HIS 'L-peptide linking' y HISTIDINE       ?                         'C6 H10 N3 O2 1' 156.162 
HOH non-polymer         . WATER           ?                         'H2 O'           18.015  
ILE 'L-peptide linking' y ISOLEUCINE      ?                         'C6 H13 N O2'    131.173 
LEU 'L-peptide linking' y LEUCINE         ?                         'C6 H13 N O2'    131.173 
LYS 'L-peptide linking' y LYSINE          ?                         'C6 H15 N2 O2 1' 147.195 
MET 'L-peptide linking' y METHIONINE      ?                         'C5 H11 N O2 S'  149.211 
PHE 'L-peptide linking' y PHENYLALANINE   ?                         'C9 H11 N O2'    165.189 
PRO 'L-peptide linking' y PROLINE         ?                         'C5 H9 N O2'     115.130 
RBF non-polymer         . RIBOFLAVIN      'RIBOFLAVINE; VITAMIN B2' 'C17 H20 N4 O6'  376.364 
SER 'L-peptide linking' y SERINE          ?                         'C3 H7 N O3'     105.093 
THR 'L-peptide linking' y THREONINE       ?                         'C4 H9 N O3'     119.119 
TYR 'L-peptide linking' y TYROSINE        ?                         'C9 H11 N O3'    181.189 
VAL 'L-peptide linking' y VALINE          ?                         'C5 H11 N O2'    117.146 
# 
_exptl.entry_id          4KUO 
_exptl.method            'X-RAY DIFFRACTION' 
_exptl.crystals_number   1 
# 
_exptl_crystal.id                    1 
_exptl_crystal.density_meas          ? 
_exptl_crystal.density_Matthews      1.90 
_exptl_crystal.density_percent_sol   35.18 
_exptl_crystal.description           ? 
_exptl_crystal.F_000                 ? 
_exptl_crystal.preparation           ? 
# 
_exptl_crystal_grow.crystal_id      1 
_exptl_crystal_grow.method          'VAPOR DIFFUSION, SITTING DROP' 
_exptl_crystal_grow.temp            292.15 
_exptl_crystal_grow.temp_details    ? 
_exptl_crystal_grow.pH              5.0 
_exptl_crystal_grow.pdbx_details    
'0.3 M magnesium chloride, 8% PGA-LM, 0.1 M sodium acetate, pH 5.0, VAPOR DIFFUSION, SITTING DROP, temperature 292.15K' 
_exptl_crystal_grow.pdbx_pH_range   ? 
# 
_diffrn.id                     1 
_diffrn.ambient_temp           100 
_diffrn.ambient_temp_details   ? 
_diffrn.crystal_id             1 
# 
_diffrn_detector.diffrn_id              1 
_diffrn_detector.detector               CCD 
_diffrn_detector.type                   'ADSC QUANTUM 315r' 
_diffrn_detector.pdbx_collection_date   2011-10-28 
_diffrn_detector.details                ? 
# 
_diffrn_radiation.diffrn_id                        1 
_diffrn_radiation.wavelength_id                    1 
_diffrn_radiation.pdbx_monochromatic_or_laue_m_l   M 
_diffrn_radiation.monochromator                    'Si(111)' 
_diffrn_radiation.pdbx_diffrn_protocol             'SINGLE WAVELENGTH' 
_diffrn_radiation.pdbx_scattering_type             x-ray 
# 
_diffrn_radiation_wavelength.id           1 
_diffrn_radiation_wavelength.wavelength   0.95372 
_diffrn_radiation_wavelength.wt           1.0 
# 
_diffrn_source.diffrn_id                   1 
_diffrn_source.source                      SYNCHROTRON 
_diffrn_source.type                        'ESRF BEAMLINE ID23-1' 
_diffrn_source.pdbx_synchrotron_site       ESRF 
_diffrn_source.pdbx_synchrotron_beamline   ID23-1 
_diffrn_source.pdbx_wavelength             ? 
_diffrn_source.pdbx_wavelength_list        0.95372 
# 
_reflns.entry_id                     4KUO 
_reflns.observed_criterion_sigma_I   1.0 
_reflns.observed_criterion_sigma_F   1.0 
_reflns.d_resolution_low             26.138 
_reflns.d_resolution_high            2.0 
_reflns.number_obs                   8206 
_reflns.number_all                   ? 
_reflns.percent_possible_obs         93.48 
_reflns.pdbx_Rmerge_I_obs            ? 
_reflns.pdbx_Rsym_value              0.061 
_reflns.pdbx_netI_over_sigmaI        16.3 
_reflns.B_iso_Wilson_estimate        10.62 
_reflns.pdbx_redundancy              3.7 
_reflns.R_free_details               ? 
_reflns.limit_h_max                  ? 
_reflns.limit_h_min                  ? 
_reflns.limit_k_max                  ? 
_reflns.limit_k_min                  ? 
_reflns.limit_l_max                  ? 
_reflns.limit_l_min                  ? 
_reflns.observed_criterion_F_max     ? 
_reflns.observed_criterion_F_min     ? 
_reflns.pdbx_chi_squared             ? 
_reflns.pdbx_scaling_rejects         ? 
_reflns.pdbx_ordinal                 1 
_reflns.pdbx_diffrn_id               1 
# 
_reflns_shell.d_res_high             2.0 
_reflns_shell.d_res_low              2.07 
_reflns_shell.percent_possible_all   98.15 
_reflns_shell.Rmerge_I_obs           ? 
_reflns_shell.pdbx_Rsym_value        0.085 
_reflns_shell.meanI_over_sigI_obs    10.4 
_reflns_shell.pdbx_redundancy        4.0 
_reflns_shell.percent_possible_obs   ? 
_reflns_shell.number_unique_all      ? 
_reflns_shell.number_measured_all    ? 
_reflns_shell.number_measured_obs    ? 
_reflns_shell.number_unique_obs      ? 
_reflns_shell.pdbx_chi_squared       ? 
_reflns_shell.pdbx_ordinal           1 
_reflns_shell.pdbx_diffrn_id         1 
# 
_refine.entry_id                                 4KUO 
_refine.ls_number_reflns_obs                     8205 
_refine.ls_number_reflns_all                     8205 
_refine.pdbx_ls_sigma_I                          ? 
_refine.pdbx_ls_sigma_F                          1.49 
_refine.pdbx_data_cutoff_high_absF               ? 
_refine.pdbx_data_cutoff_low_absF                ? 
_refine.pdbx_data_cutoff_high_rms_absF           ? 
_refine.ls_d_res_low                             26.138 
_refine.ls_d_res_high                            2.000 
_refine.ls_percent_reflns_obs                    93.47 
_refine.ls_R_factor_obs                          0.1643 
_refine.ls_R_factor_all                          ? 
_refine.ls_R_factor_R_work                       0.1633 
_refine.ls_R_factor_R_free                       0.1824 
_refine.ls_R_factor_R_free_error                 ? 
_refine.ls_R_factor_R_free_error_details         ? 
_refine.ls_percent_reflns_R_free                 4.84 
_refine.ls_number_reflns_R_free                  397 
_refine.ls_number_parameters                     ? 
_refine.ls_number_restraints                     ? 
_refine.occupancy_min                            ? 
_refine.occupancy_max                            ? 
_refine.correlation_coeff_Fo_to_Fc               ? 
_refine.correlation_coeff_Fo_to_Fc_free          ? 
_refine.B_iso_mean                               ? 
_refine.aniso_B[1][1]                            ? 
_refine.aniso_B[2][2]                            ? 
_refine.aniso_B[3][3]                            ? 
_refine.aniso_B[1][2]                            ? 
_refine.aniso_B[1][3]                            ? 
_refine.aniso_B[2][3]                            ? 
_refine.solvent_model_details                    'FLAT BULK SOLVENT MODEL' 
_refine.solvent_model_param_ksol                 ? 
_refine.solvent_model_param_bsol                 ? 
_refine.pdbx_solvent_vdw_probe_radii             1.20 
_refine.pdbx_solvent_ion_probe_radii             ? 
_refine.pdbx_solvent_shrinkage_radii             1.00 
_refine.pdbx_ls_cross_valid_method               THROUGHOUT 
_refine.details                                  ? 
_refine.pdbx_starting_model                      'PDB ENTRY 4KUK' 
_refine.pdbx_method_to_determine_struct          'MOLECULAR REPLACEMENT' 
_refine.pdbx_isotropic_thermal_model             ? 
_refine.pdbx_stereochemistry_target_values       ML 
_refine.pdbx_stereochem_target_val_spec_case     ? 
_refine.pdbx_R_Free_selection_details            RANDOM 
_refine.pdbx_overall_ESU_R                       ? 
_refine.pdbx_overall_ESU_R_Free                  ? 
_refine.overall_SU_ML                            0.16 
_refine.pdbx_overall_phase_error                 17.64 
_refine.overall_SU_B                             ? 
_refine.overall_SU_R_Cruickshank_DPI             ? 
_refine.ls_redundancy_reflns_obs                 ? 
_refine.B_iso_min                                ? 
_refine.B_iso_max                                ? 
_refine.overall_SU_R_free                        ? 
_refine.ls_wR_factor_R_free                      ? 
_refine.ls_wR_factor_R_work                      ? 
_refine.overall_FOM_free_R_set                   ? 
_refine.overall_FOM_work_R_set                   ? 
_refine.pdbx_diffrn_id                           1 
_refine.pdbx_refine_id                           'X-RAY DIFFRACTION' 
_refine.pdbx_TLS_residual_ADP_flag               ? 
_refine.pdbx_overall_SU_R_free_Cruickshank_DPI   ? 
_refine.pdbx_overall_SU_R_Blow_DPI               ? 
_refine.pdbx_overall_SU_R_free_Blow_DPI          ? 
# 
_refine_hist.pdbx_refine_id                   'X-RAY DIFFRACTION' 
_refine_hist.cycle_id                         LAST 
_refine_hist.pdbx_number_atoms_protein        888 
_refine_hist.pdbx_number_atoms_nucleic_acid   0 
_refine_hist.pdbx_number_atoms_ligand         27 
_refine_hist.number_atoms_solvent             84 
_refine_hist.number_atoms_total               999 
_refine_hist.d_res_high                       2.000 
_refine_hist.d_res_low                        26.138 
# 
loop_
_refine_ls_restr.type 
_refine_ls_restr.dev_ideal 
_refine_ls_restr.dev_ideal_target 
_refine_ls_restr.weight 
_refine_ls_restr.number 
_refine_ls_restr.pdbx_restraint_function 
_refine_ls_restr.pdbx_refine_id 
f_bond_d           0.004  ? ? 955  ? 'X-RAY DIFFRACTION' 
f_angle_d          0.766  ? ? 1309 ? 'X-RAY DIFFRACTION' 
f_dihedral_angle_d 14.493 ? ? 350  ? 'X-RAY DIFFRACTION' 
f_chiral_restr     0.051  ? ? 148  ? 'X-RAY DIFFRACTION' 
f_plane_restr      0.003  ? ? 170  ? 'X-RAY DIFFRACTION' 
# 
loop_
_refine_ls_shell.pdbx_total_number_of_bins_used 
_refine_ls_shell.d_res_high 
_refine_ls_shell.d_res_low 
_refine_ls_shell.number_reflns_R_work 
_refine_ls_shell.R_factor_R_work 
_refine_ls_shell.percent_reflns_obs 
_refine_ls_shell.R_factor_R_free 
_refine_ls_shell.R_factor_R_free_error 
_refine_ls_shell.percent_reflns_R_free 
_refine_ls_shell.number_reflns_R_free 
_refine_ls_shell.number_reflns_all 
_refine_ls_shell.R_factor_all 
_refine_ls_shell.number_reflns_obs 
_refine_ls_shell.redundancy_reflns_obs 
_refine_ls_shell.pdbx_refine_id 
. 2.0000 2.2893  2698 0.1479 98.0 0.1844 . . 136 . . 2698 . 'X-RAY DIFFRACTION' 
. 2.2893 2.8837  2715 0.1706 98.0 0.2104 . . 136 . . 2715 . 'X-RAY DIFFRACTION' 
. 2.8837 26.1402 2395 0.1666 84.0 0.1631 . . 125 . . 2395 . 'X-RAY DIFFRACTION' 
# 
_struct.entry_id                  4KUO 
_struct.title                     
'A superfast recovering full-length LOV protein from the marine phototrophic bacterium Dinoroseobacter shibae (Photoexcited state)' 
_struct.pdbx_model_details        ? 
_struct.pdbx_CASP_flag            ? 
_struct.pdbx_model_type_details   ? 
# 
_struct_keywords.entry_id        4KUO 
_struct_keywords.pdbx_keywords   'SIGNALING PROTEIN' 
_struct_keywords.text            'PAS domain, light-oxygen-voltage, LOV, FMN Binding, SIGNALING PROTEIN' 
# 
loop_
_struct_asym.id 
_struct_asym.pdbx_blank_PDB_chainid_flag 
_struct_asym.pdbx_modified 
_struct_asym.entity_id 
_struct_asym.details 
A N N 1 ? 
B N N 2 ? 
C N N 3 ? 
# 
_struct_biol.id        1 
_struct_biol.details   ? 
# 
loop_
_struct_conf.conf_type_id 
_struct_conf.id 
_struct_conf.pdbx_PDB_helix_id 
_struct_conf.beg_label_comp_id 
_struct_conf.beg_label_asym_id 
_struct_conf.beg_label_seq_id 
_struct_conf.pdbx_beg_PDB_ins_code 
_struct_conf.end_label_comp_id 
_struct_conf.end_label_asym_id 
_struct_conf.end_label_seq_id 
_struct_conf.pdbx_end_PDB_ins_code 
_struct_conf.beg_auth_comp_id 
_struct_conf.beg_auth_asym_id 
_struct_conf.beg_auth_seq_id 
_struct_conf.end_auth_comp_id 
_struct_conf.end_auth_asym_id 
_struct_conf.end_auth_seq_id 
_struct_conf.pdbx_PDB_helix_class 
_struct_conf.details 
_struct_conf.pdbx_PDB_helix_length 
HELX_P HELX_P1 1 ASP A 23 ? LEU A 28 ? ASP A 23 LEU A 28 5 ? 6  
HELX_P HELX_P2 2 SER A 53 ? GLY A 61 ? SER A 53 GLY A 61 1 ? 9  
HELX_P HELX_P3 3 THR A 63 ? LEU A 68 ? THR A 63 LEU A 68 1 ? 6  
HELX_P HELX_P4 4 ASN A 71 ? GLN A 76 ? ASN A 71 GLN A 76 5 ? 6  
HELX_P HELX_P5 5 ASN A 81 ? GLU A 95 ? ASN A 81 GLU A 95 1 ? 15 
# 
_struct_conf_type.id          HELX_P 
_struct_conf_type.criteria    ? 
_struct_conf_type.reference   ? 
# 
_struct_sheet.id               A 
_struct_sheet.type             ? 
_struct_sheet.number_strands   5 
_struct_sheet.details          ? 
# 
loop_
_struct_sheet_order.sheet_id 
_struct_sheet_order.range_id_1 
_struct_sheet_order.range_id_2 
_struct_sheet_order.offset 
_struct_sheet_order.sense 
A 1 2 ? anti-parallel 
A 2 3 ? anti-parallel 
A 3 4 ? anti-parallel 
A 4 5 ? anti-parallel 
# 
loop_
_struct_sheet_range.sheet_id 
_struct_sheet_range.id 
_struct_sheet_range.beg_label_comp_id 
_struct_sheet_range.beg_label_asym_id 
_struct_sheet_range.beg_label_seq_id 
_struct_sheet_range.pdbx_beg_PDB_ins_code 
_struct_sheet_range.end_label_comp_id 
_struct_sheet_range.end_label_asym_id 
_struct_sheet_range.end_label_seq_id 
_struct_sheet_range.pdbx_end_PDB_ins_code 
_struct_sheet_range.beg_auth_comp_id 
_struct_sheet_range.beg_auth_asym_id 
_struct_sheet_range.beg_auth_seq_id 
_struct_sheet_range.end_auth_comp_id 
_struct_sheet_range.end_auth_asym_id 
_struct_sheet_range.end_auth_seq_id 
A 1 MET A 49  ? VAL A 52  ? MET A 49  VAL A 52  
A 2 SER A 36  ? SER A 40  ? SER A 36  SER A 40  
A 3 LEU A 128 ? PRO A 137 ? LEU A 128 PRO A 137 
A 4 ALA A 111 ? TYR A 122 ? ALA A 111 TYR A 122 
A 5 PHE A 98  ? TYR A 105 ? PHE A 98  TYR A 105 
# 
loop_
_pdbx_struct_sheet_hbond.sheet_id 
_pdbx_struct_sheet_hbond.range_id_1 
_pdbx_struct_sheet_hbond.range_id_2 
_pdbx_struct_sheet_hbond.range_1_label_atom_id 
_pdbx_struct_sheet_hbond.range_1_label_comp_id 
_pdbx_struct_sheet_hbond.range_1_label_asym_id 
_pdbx_struct_sheet_hbond.range_1_label_seq_id 
_pdbx_struct_sheet_hbond.range_1_PDB_ins_code 
_pdbx_struct_sheet_hbond.range_1_auth_atom_id 
_pdbx_struct_sheet_hbond.range_1_auth_comp_id 
_pdbx_struct_sheet_hbond.range_1_auth_asym_id 
_pdbx_struct_sheet_hbond.range_1_auth_seq_id 
_pdbx_struct_sheet_hbond.range_2_label_atom_id 
_pdbx_struct_sheet_hbond.range_2_label_comp_id 
_pdbx_struct_sheet_hbond.range_2_label_asym_id 
_pdbx_struct_sheet_hbond.range_2_label_seq_id 
_pdbx_struct_sheet_hbond.range_2_PDB_ins_code 
_pdbx_struct_sheet_hbond.range_2_auth_atom_id 
_pdbx_struct_sheet_hbond.range_2_auth_comp_id 
_pdbx_struct_sheet_hbond.range_2_auth_asym_id 
_pdbx_struct_sheet_hbond.range_2_auth_seq_id 
A 1 2 O ILE A 50  ? O ILE A 50  N PHE A 39  ? N PHE A 39  
A 2 3 N VAL A 38  ? N VAL A 38  O GLY A 133 ? O GLY A 133 
A 3 4 O MET A 129 ? O MET A 129 N ILE A 121 ? N ILE A 121 
A 4 5 O PHE A 112 ? O PHE A 112 N ASN A 104 ? N ASN A 104 
# 
_struct_site.id                   AC1 
_struct_site.pdbx_evidence_code   Software 
_struct_site.pdbx_auth_asym_id    A 
_struct_site.pdbx_auth_comp_id    RBF 
_struct_site.pdbx_auth_seq_id     500 
_struct_site.pdbx_auth_ins_code   ? 
_struct_site.pdbx_num_residues    21 
_struct_site.details              'BINDING SITE FOR RESIDUE RBF A 500' 
# 
loop_
_struct_site_gen.id 
_struct_site_gen.site_id 
_struct_site_gen.pdbx_num_res 
_struct_site_gen.label_comp_id 
_struct_site_gen.label_asym_id 
_struct_site_gen.label_seq_id 
_struct_site_gen.pdbx_auth_ins_code 
_struct_site_gen.auth_comp_id 
_struct_site_gen.auth_asym_id 
_struct_site_gen.auth_seq_id 
_struct_site_gen.label_atom_id 
_struct_site_gen.label_alt_id 
_struct_site_gen.symmetry 
_struct_site_gen.details 
1  AC1 21 VAL A 38  ? VAL A 38  . ? 1_555 ? 
2  AC1 21 SER A 40  ? SER A 40  . ? 1_555 ? 
3  AC1 21 ASN A 47  ? ASN A 47  . ? 1_555 ? 
4  AC1 21 ASN A 71  ? ASN A 71  . ? 1_555 ? 
5  AC1 21 CYS A 72  ? CYS A 72  . ? 1_555 ? 
6  AC1 21 ARG A 73  ? ARG A 73  . ? 1_555 ? 
7  AC1 21 LEU A 75  ? LEU A 75  . ? 1_555 ? 
8  AC1 21 GLN A 76  ? GLN A 76  . ? 1_555 ? 
9  AC1 21 VAL A 85  ? VAL A 85  . ? 1_555 ? 
10 AC1 21 ILE A 88  ? ILE A 88  . ? 1_555 ? 
11 AC1 21 LEU A 92  ? LEU A 92  . ? 1_555 ? 
12 AC1 21 ASN A 104 ? ASN A 104 . ? 1_555 ? 
13 AC1 21 ASN A 114 ? ASN A 114 . ? 1_555 ? 
14 AC1 21 LEU A 116 ? LEU A 116 . ? 1_555 ? 
15 AC1 21 PHE A 131 ? PHE A 131 . ? 1_555 ? 
16 AC1 21 GLY A 133 ? GLY A 133 . ? 1_555 ? 
17 AC1 21 GLN A 135 ? GLN A 135 . ? 1_555 ? 
18 AC1 21 HOH C .   ? HOH A 614 . ? 1_555 ? 
19 AC1 21 HOH C .   ? HOH A 620 . ? 1_555 ? 
20 AC1 21 HOH C .   ? HOH A 621 . ? 1_555 ? 
21 AC1 21 HOH C .   ? HOH A 639 . ? 1_555 ? 
# 
_atom_sites.entry_id                    4KUO 
_atom_sites.fract_transf_matrix[1][1]   0.00727629 
_atom_sites.fract_transf_matrix[1][2]   -0.00668577 
_atom_sites.fract_transf_matrix[1][3]   -0.00676466 
_atom_sites.fract_transf_matrix[2][1]   -0.00901056 
_atom_sites.fract_transf_matrix[2][2]   0.01668270 
_atom_sites.fract_transf_matrix[2][3]   -0.02618020 
_atom_sites.fract_transf_matrix[3][1]   0.02024144 
_atom_sites.fract_transf_matrix[3][2]   0.00830821 
_atom_sites.fract_transf_matrix[3][3]   -0.00167239 
_atom_sites.fract_transf_vector[1]      0.096509 
_atom_sites.fract_transf_vector[2]      0.025937 
_atom_sites.fract_transf_vector[3]      -0.154696 
# 
loop_
_atom_type.symbol 
C 
N 
O 
S 
# 
loop_
_atom_site.group_PDB 
_atom_site.id 
_atom_site.type_symbol 
_atom_site.label_atom_id 
_atom_site.label_alt_id 
_atom_site.label_comp_id 
_atom_site.label_asym_id 
_atom_site.label_entity_id 
_atom_site.label_seq_id 
_atom_site.pdbx_PDB_ins_code 
_atom_site.Cartn_x 
_atom_site.Cartn_y 
_atom_site.Cartn_z 
_atom_site.occupancy 
_atom_site.B_iso_or_equiv 
_atom_site.pdbx_formal_charge 
_atom_site.auth_seq_id 
_atom_site.auth_comp_id 
_atom_site.auth_asym_id 
_atom_site.auth_atom_id 
_atom_site.pdbx_PDB_model_num 
ATOM   1    N N     . ASP A 1 20  ? -19.465 -13.338 -7.667  1.00 26.22 ? 20  ASP A N     1 
ATOM   2    C CA    . ASP A 1 20  ? -19.197 -11.947 -8.011  1.00 28.47 ? 20  ASP A CA    1 
ATOM   3    C C     . ASP A 1 20  ? -18.001 -11.406 -7.237  1.00 36.22 ? 20  ASP A C     1 
ATOM   4    O O     . ASP A 1 20  ? -17.854 -11.664 -6.040  1.00 16.31 ? 20  ASP A O     1 
ATOM   5    C CB    . ASP A 1 20  ? -20.428 -11.080 -7.740  1.00 31.01 ? 20  ASP A CB    1 
ATOM   6    N N     . ILE A 1 21  ? -17.150 -10.656 -7.930  1.00 18.59 ? 21  ILE A N     1 
ATOM   7    C CA    . ILE A 1 21  ? -16.000 -10.015 -7.305  1.00 19.16 ? 21  ILE A CA    1 
ATOM   8    C C     . ILE A 1 21  ? -16.304 -8.548  -7.037  1.00 14.29 ? 21  ILE A C     1 
ATOM   9    O O     . ILE A 1 21  ? -16.767 -7.834  -7.924  1.00 25.10 ? 21  ILE A O     1 
ATOM   10   C CB    . ILE A 1 21  ? -14.751 -10.094 -8.201  1.00 30.37 ? 21  ILE A CB    1 
ATOM   11   C CG1   . ILE A 1 21  ? -14.507 -11.533 -8.663  1.00 23.88 ? 21  ILE A CG1   1 
ATOM   12   C CG2   . ILE A 1 21  ? -13.533 -9.546  -7.468  1.00 21.76 ? 21  ILE A CG2   1 
ATOM   13   C CD1   . ILE A 1 21  ? -14.065 -12.467 -7.559  1.00 46.29 ? 21  ILE A CD1   1 
ATOM   14   N N     . ALA A 1 22  ? -16.052 -8.104  -5.811  1.00 11.06 ? 22  ALA A N     1 
ATOM   15   C CA    . ALA A 1 22  ? -16.248 -6.705  -5.457  1.00 16.54 ? 22  ALA A CA    1 
ATOM   16   C C     . ALA A 1 22  ? -15.346 -5.799  -6.289  1.00 30.42 ? 22  ALA A C     1 
ATOM   17   O O     . ALA A 1 22  ? -14.136 -6.012  -6.360  1.00 20.47 ? 22  ALA A O     1 
ATOM   18   C CB    . ALA A 1 22  ? -15.986 -6.491  -3.977  1.00 15.41 ? 22  ALA A CB    1 
ATOM   19   N N     . ASP A 1 23  ? -15.948 -4.801  -6.928  1.00 17.09 ? 23  ASP A N     1 
ATOM   20   C CA    . ASP A 1 23  ? -15.204 -3.782  -7.661  1.00 30.00 ? 23  ASP A CA    1 
ATOM   21   C C     . ASP A 1 23  ? -14.633 -2.777  -6.668  1.00 22.15 ? 23  ASP A C     1 
ATOM   22   O O     . ASP A 1 23  ? -15.240 -1.740  -6.403  1.00 22.95 ? 23  ASP A O     1 
ATOM   23   C CB    . ASP A 1 23  ? -16.127 -3.071  -8.657  1.00 34.24 ? 23  ASP A CB    1 
ATOM   24   C CG    . ASP A 1 23  ? -15.372 -2.167  -9.624  1.00 44.89 ? 23  ASP A CG    1 
ATOM   25   O OD1   . ASP A 1 23  ? -14.224 -1.773  -9.329  1.00 37.48 ? 23  ASP A OD1   1 
ATOM   26   O OD2   . ASP A 1 23  ? -15.938 -1.844  -10.689 1.00 58.60 ? 23  ASP A OD2   1 
ATOM   27   N N     . LEU A 1 24  ? -13.462 -3.084  -6.124  1.00 19.04 ? 24  LEU A N     1 
ATOM   28   C CA    . LEU A 1 24  ? -12.854 -2.237  -5.106  1.00 17.11 ? 24  LEU A CA    1 
ATOM   29   C C     . LEU A 1 24  ? -12.388 -0.888  -5.656  1.00 30.74 ? 24  LEU A C     1 
ATOM   30   O O     . LEU A 1 24  ? -12.323 0.096   -4.918  1.00 23.39 ? 24  LEU A O     1 
ATOM   31   C CB    . LEU A 1 24  ? -11.700 -2.972  -4.421  1.00 25.85 ? 24  LEU A CB    1 
ATOM   32   C CG    . LEU A 1 24  ? -12.123 -4.251  -3.692  1.00 24.42 ? 24  LEU A CG    1 
ATOM   33   C CD1   . LEU A 1 24  ? -10.934 -4.928  -3.034  1.00 33.98 ? 24  LEU A CD1   1 
ATOM   34   C CD2   . LEU A 1 24  ? -13.201 -3.945  -2.665  1.00 45.31 ? 24  LEU A CD2   1 
ATOM   35   N N     . ARG A 1 25  ? -12.081 -0.843  -6.949  1.00 22.99 ? 25  ARG A N     1 
ATOM   36   C CA    . ARG A 1 25  ? -11.615 0.389   -7.584  1.00 35.02 ? 25  ARG A CA    1 
ATOM   37   C C     . ARG A 1 25  ? -12.704 1.458   -7.616  1.00 34.77 ? 25  ARG A C     1 
ATOM   38   O O     . ARG A 1 25  ? -12.414 2.644   -7.775  1.00 56.90 ? 25  ARG A O     1 
ATOM   39   C CB    . ARG A 1 25  ? -11.103 0.115   -9.000  1.00 22.14 ? 25  ARG A CB    1 
ATOM   40   N N     . ALA A 1 26  ? -13.954 1.036   -7.450  1.00 23.62 ? 26  ALA A N     1 
ATOM   41   C CA    . ALA A 1 26  ? -15.081 1.961   -7.380  1.00 38.35 ? 26  ALA A CA    1 
ATOM   42   C C     . ALA A 1 26  ? -15.159 2.622   -6.005  1.00 70.40 ? 26  ALA A C     1 
ATOM   43   O O     . ALA A 1 26  ? -16.226 3.057   -5.571  1.00 49.97 ? 26  ALA A O     1 
ATOM   44   C CB    . ALA A 1 26  ? -16.384 1.238   -7.699  1.00 21.73 ? 26  ALA A CB    1 
ATOM   45   N N     . LEU A 1 27  ? -14.018 2.682   -5.323  1.00 61.00 ? 27  LEU A N     1 
ATOM   46   C CA    . LEU A 1 27  ? -13.914 3.301   -4.007  1.00 44.63 ? 27  LEU A CA    1 
ATOM   47   C C     . LEU A 1 27  ? -12.744 4.276   -3.969  1.00 51.17 ? 27  LEU A C     1 
ATOM   48   O O     . LEU A 1 27  ? -12.382 4.785   -2.907  1.00 47.51 ? 27  LEU A O     1 
ATOM   49   C CB    . LEU A 1 27  ? -13.738 2.237   -2.921  1.00 27.47 ? 27  LEU A CB    1 
ATOM   50   C CG    . LEU A 1 27  ? -15.007 1.524   -2.453  1.00 40.35 ? 27  LEU A CG    1 
ATOM   51   C CD1   . LEU A 1 27  ? -16.115 2.540   -2.306  1.00 22.53 ? 27  LEU A CD1   1 
ATOM   52   C CD2   . LEU A 1 27  ? -15.422 0.400   -3.393  1.00 52.00 ? 27  LEU A CD2   1 
ATOM   53   N N     . LEU A 1 28  ? -12.152 4.526   -5.132  1.00 45.82 ? 28  LEU A N     1 
ATOM   54   C CA    . LEU A 1 28  ? -11.012 5.427   -5.236  1.00 69.31 ? 28  LEU A CA    1 
ATOM   55   C C     . LEU A 1 28  ? -11.462 6.842   -5.579  1.00 55.80 ? 28  LEU A C     1 
ATOM   56   O O     . LEU A 1 28  ? -12.143 7.060   -6.581  1.00 60.89 ? 28  LEU A O     1 
ATOM   57   C CB    . LEU A 1 28  ? -10.023 4.919   -6.289  1.00 41.50 ? 28  LEU A CB    1 
ATOM   58   N N     . GLU A 1 34  ? -5.088  5.795   -13.454 1.00 49.15 ? 34  GLU A N     1 
ATOM   59   C CA    . GLU A 1 34  ? -3.814  5.811   -14.164 1.00 21.66 ? 34  GLU A CA    1 
ATOM   60   C C     . GLU A 1 34  ? -2.638  5.763   -13.202 1.00 60.82 ? 34  GLU A C     1 
ATOM   61   O O     . GLU A 1 34  ? -1.515  6.113   -13.564 1.00 43.69 ? 34  GLU A O     1 
ATOM   62   C CB    . GLU A 1 34  ? -3.703  7.065   -15.027 1.00 52.83 ? 34  GLU A CB    1 
ATOM   63   N N     . MET A 1 35  ? -2.900  5.320   -11.979 1.00 50.71 ? 35  MET A N     1 
ATOM   64   C CA    . MET A 1 35  ? -1.909  5.410   -10.922 1.00 23.67 ? 35  MET A CA    1 
ATOM   65   C C     . MET A 1 35  ? -1.734  4.074   -10.211 1.00 18.44 ? 35  MET A C     1 
ATOM   66   O O     . MET A 1 35  ? -2.538  3.156   -10.376 1.00 12.60 ? 35  MET A O     1 
ATOM   67   C CB    . MET A 1 35  ? -2.330  6.492   -9.923  1.00 36.27 ? 35  MET A CB    1 
ATOM   68   C CG    . MET A 1 35  ? -1.189  7.208   -9.230  1.00 51.31 ? 35  MET A CG    1 
ATOM   69   S SD    . MET A 1 35  ? -1.794  8.511   -8.139  1.00 76.85 ? 35  MET A SD    1 
ATOM   70   C CE    . MET A 1 35  ? -0.255  9.104   -7.439  1.00 32.48 ? 35  MET A CE    1 
ATOM   71   N N     . SER A 1 36  ? -0.661  3.968   -9.436  1.00 5.82  ? 36  SER A N     1 
ATOM   72   C CA    A SER A 1 36  ? -0.414  2.797   -8.607  0.51 8.36  ? 36  SER A CA    1 
ATOM   73   C CA    B SER A 1 36  ? -0.424  2.794   -8.610  0.49 8.36  ? 36  SER A CA    1 
ATOM   74   C C     . SER A 1 36  ? -1.250  2.891   -7.336  1.00 11.26 ? 36  SER A C     1 
ATOM   75   O O     . SER A 1 36  ? -0.989  3.733   -6.484  1.00 14.39 ? 36  SER A O     1 
ATOM   76   C CB    A SER A 1 36  ? 1.071   2.719   -8.254  0.51 9.14  ? 36  SER A CB    1 
ATOM   77   C CB    B SER A 1 36  ? 1.062   2.671   -8.271  0.49 9.14  ? 36  SER A CB    1 
ATOM   78   O OG    A SER A 1 36  ? 1.353   1.597   -7.442  0.51 6.30  ? 36  SER A OG    1 
ATOM   79   O OG    B SER A 1 36  ? 1.827   2.368   -9.426  0.49 11.67 ? 36  SER A OG    1 
ATOM   80   N N     . VAL A 1 37  ? -2.256  2.030   -7.218  1.00 7.77  ? 37  VAL A N     1 
ATOM   81   C CA    . VAL A 1 37  ? -3.173  2.071   -6.082  1.00 8.20  ? 37  VAL A CA    1 
ATOM   82   C C     . VAL A 1 37  ? -3.241  0.726   -5.367  1.00 17.02 ? 37  VAL A C     1 
ATOM   83   O O     . VAL A 1 37  ? -3.203  -0.326  -6.001  1.00 7.03  ? 37  VAL A O     1 
ATOM   84   C CB    . VAL A 1 37  ? -4.594  2.497   -6.532  1.00 16.51 ? 37  VAL A CB    1 
ATOM   85   C CG1   . VAL A 1 37  ? -5.570  2.494   -5.363  1.00 19.12 ? 37  VAL A CG1   1 
ATOM   86   C CG2   . VAL A 1 37  ? -4.554  3.870   -7.178  1.00 18.79 ? 37  VAL A CG2   1 
ATOM   87   N N     . VAL A 1 38  ? -3.314  0.771   -4.039  1.00 5.70  ? 38  VAL A N     1 
ATOM   88   C CA    A VAL A 1 38  ? -3.442  -0.445  -3.247  0.39 4.26  ? 38  VAL A CA    1 
ATOM   89   C CA    B VAL A 1 38  ? -3.381  -0.422  -3.201  0.61 4.19  ? 38  VAL A CA    1 
ATOM   90   C C     . VAL A 1 38  ? -4.479  -0.269  -2.143  1.00 9.48  ? 38  VAL A C     1 
ATOM   91   O O     . VAL A 1 38  ? -4.643  0.816   -1.583  1.00 6.66  ? 38  VAL A O     1 
ATOM   92   C CB    A VAL A 1 38  ? -2.104  -0.869  -2.611  0.39 11.30 ? 38  VAL A CB    1 
ATOM   93   C CB    B VAL A 1 38  ? -2.024  -0.640  -2.492  0.61 11.21 ? 38  VAL A CB    1 
ATOM   94   C CG1   A VAL A 1 38  ? -1.081  -1.215  -3.680  0.39 14.14 ? 38  VAL A CG1   1 
ATOM   95   C CG1   B VAL A 1 38  ? -2.164  -1.568  -1.302  0.61 6.29  ? 38  VAL A CG1   1 
ATOM   96   C CG2   A VAL A 1 38  ? -1.583  0.227   -1.727  0.39 3.78  ? 38  VAL A CG2   1 
ATOM   97   C CG2   B VAL A 1 38  ? -0.980  -1.158  -3.474  0.61 13.83 ? 38  VAL A CG2   1 
ATOM   98   N N     . PHE A 1 39  ? -5.217  -1.344  -1.863  1.00 2.98  ? 39  PHE A N     1 
ATOM   99   C CA    . PHE A 1 39  ? -6.158  -1.354  -0.743  1.00 6.37  ? 39  PHE A CA    1 
ATOM   100  C C     . PHE A 1 39  ? -5.769  -2.474  0.214   1.00 5.92  ? 39  PHE A C     1 
ATOM   101  O O     . PHE A 1 39  ? -5.468  -3.585  -0.223  1.00 3.94  ? 39  PHE A O     1 
ATOM   102  C CB    . PHE A 1 39  ? -7.599  -1.569  -1.212  1.00 5.69  ? 39  PHE A CB    1 
ATOM   103  C CG    . PHE A 1 39  ? -8.170  -0.418  -1.987  1.00 11.11 ? 39  PHE A CG    1 
ATOM   104  C CD1   . PHE A 1 39  ? -8.630  0.714   -1.337  1.00 22.60 ? 39  PHE A CD1   1 
ATOM   105  C CD2   . PHE A 1 39  ? -8.266  -0.476  -3.364  1.00 19.41 ? 39  PHE A CD2   1 
ATOM   106  C CE1   . PHE A 1 39  ? -9.162  1.770   -2.050  1.00 29.25 ? 39  PHE A CE1   1 
ATOM   107  C CE2   . PHE A 1 39  ? -8.796  0.578   -4.082  1.00 30.38 ? 39  PHE A CE2   1 
ATOM   108  C CZ    . PHE A 1 39  ? -9.244  1.701   -3.424  1.00 22.49 ? 39  PHE A CZ    1 
ATOM   109  N N     . SER A 1 40  ? -5.774  -2.182  1.511   1.00 1.53  ? 40  SER A N     1 
ATOM   110  C CA    . SER A 1 40  ? -5.465  -3.188  2.524   1.00 6.99  ? 40  SER A CA    1 
ATOM   111  C C     . SER A 1 40  ? -6.638  -3.368  3.485   1.00 10.23 ? 40  SER A C     1 
ATOM   112  O O     . SER A 1 40  ? -7.481  -2.483  3.613   1.00 9.27  ? 40  SER A O     1 
ATOM   113  C CB    . SER A 1 40  ? -4.215  -2.799  3.311   1.00 6.71  ? 40  SER A CB    1 
ATOM   114  O OG    . SER A 1 40  ? -4.535  -1.872  4.339   1.00 7.81  ? 40  SER A OG    1 
ATOM   115  N N     . ASP A 1 41  ? -6.681  -4.512  4.162   1.00 6.49  ? 41  ASP A N     1 
ATOM   116  C CA    . ASP A 1 41  ? -7.760  -4.809  5.106   1.00 4.12  ? 41  ASP A CA    1 
ATOM   117  C C     . ASP A 1 41  ? -7.202  -4.964  6.521   1.00 4.86  ? 41  ASP A C     1 
ATOM   118  O O     . ASP A 1 41  ? -6.710  -6.031  6.886   1.00 9.94  ? 41  ASP A O     1 
ATOM   119  C CB    . ASP A 1 41  ? -8.497  -6.084  4.683   1.00 5.54  ? 41  ASP A CB    1 
ATOM   120  C CG    . ASP A 1 41  ? -9.717  -6.381  5.552   1.00 18.44 ? 41  ASP A CG    1 
ATOM   121  O OD1   . ASP A 1 41  ? -9.952  -5.659  6.545   1.00 17.27 ? 41  ASP A OD1   1 
ATOM   122  O OD2   . ASP A 1 41  ? -10.440 -7.351  5.243   1.00 17.34 ? 41  ASP A OD2   1 
ATOM   123  N N     . PRO A 1 42  ? -7.292  -3.900  7.330   1.00 6.25  ? 42  PRO A N     1 
ATOM   124  C CA    . PRO A 1 42  ? -6.709  -3.918  8.678   1.00 10.12 ? 42  PRO A CA    1 
ATOM   125  C C     . PRO A 1 42  ? -7.431  -4.854  9.649   1.00 15.48 ? 42  PRO A C     1 
ATOM   126  O O     . PRO A 1 42  ? -6.930  -5.078  10.750  1.00 14.11 ? 42  PRO A O     1 
ATOM   127  C CB    . PRO A 1 42  ? -6.837  -2.462  9.137   1.00 13.79 ? 42  PRO A CB    1 
ATOM   128  C CG    . PRO A 1 42  ? -7.978  -1.916  8.345   1.00 5.37  ? 42  PRO A CG    1 
ATOM   129  C CD    . PRO A 1 42  ? -7.932  -2.611  7.014   1.00 11.39 ? 42  PRO A CD    1 
ATOM   130  N N     . SER A 1 43  ? -8.578  -5.397  9.249   1.00 17.13 ? 43  SER A N     1 
ATOM   131  C CA    . SER A 1 43  ? -9.303  -6.335  10.101  1.00 15.73 ? 43  SER A CA    1 
ATOM   132  C C     . SER A 1 43  ? -8.727  -7.745  9.989   1.00 22.43 ? 43  SER A C     1 
ATOM   133  O O     . SER A 1 43  ? -8.962  -8.591  10.851  1.00 21.26 ? 43  SER A O     1 
ATOM   134  C CB    . SER A 1 43  ? -10.798 -6.345  9.762   1.00 14.82 ? 43  SER A CB    1 
ATOM   135  O OG    . SER A 1 43  ? -11.039 -7.011  8.535   1.00 29.86 ? 43  SER A OG    1 
ATOM   136  N N     . GLN A 1 44  ? -7.973  -7.995  8.923   1.00 16.29 ? 44  GLN A N     1 
ATOM   137  C CA    . GLN A 1 44  ? -7.310  -9.284  8.746   1.00 18.43 ? 44  GLN A CA    1 
ATOM   138  C C     . GLN A 1 44  ? -5.927  -9.249  9.386   1.00 17.28 ? 44  GLN A C     1 
ATOM   139  O O     . GLN A 1 44  ? -5.326  -8.182  9.499   1.00 16.13 ? 44  GLN A O     1 
ATOM   140  C CB    . GLN A 1 44  ? -7.191  -9.638  7.262   1.00 15.51 ? 44  GLN A CB    1 
ATOM   141  C CG    . GLN A 1 44  ? -8.510  -9.878  6.554   1.00 18.48 ? 44  GLN A CG    1 
ATOM   142  C CD    . GLN A 1 44  ? -8.319  -10.375 5.131   1.00 16.61 ? 44  GLN A CD    1 
ATOM   143  O OE1   . GLN A 1 44  ? -7.510  -11.267 4.878   1.00 25.54 ? 44  GLN A OE1   1 
ATOM   144  N NE2   . GLN A 1 44  ? -9.058  -9.791  4.194   1.00 20.49 ? 44  GLN A NE2   1 
ATOM   145  N N     . PRO A 1 45  ? -5.421  -10.416 9.817   1.00 18.49 ? 45  PRO A N     1 
ATOM   146  C CA    . PRO A 1 45  ? -4.082  -10.482 10.411  1.00 18.39 ? 45  PRO A CA    1 
ATOM   147  C C     . PRO A 1 45  ? -3.012  -9.951  9.459   1.00 11.05 ? 45  PRO A C     1 
ATOM   148  O O     . PRO A 1 45  ? -2.978  -10.353 8.293   1.00 12.72 ? 45  PRO A O     1 
ATOM   149  C CB    . PRO A 1 45  ? -3.881  -11.982 10.646  1.00 22.98 ? 45  PRO A CB    1 
ATOM   150  C CG    . PRO A 1 45  ? -5.259  -12.523 10.803  1.00 30.36 ? 45  PRO A CG    1 
ATOM   151  C CD    . PRO A 1 45  ? -6.110  -11.719 9.861   1.00 27.68 ? 45  PRO A CD    1 
ATOM   152  N N     . ASP A 1 46  ? -2.179  -9.042  9.964   1.00 15.50 ? 46  ASP A N     1 
ATOM   153  C CA    . ASP A 1 46  ? -1.042  -8.467  9.237   1.00 18.00 ? 46  ASP A CA    1 
ATOM   154  C C     . ASP A 1 46  ? -1.425  -7.446  8.159   1.00 12.37 ? 46  ASP A C     1 
ATOM   155  O O     . ASP A 1 46  ? -0.602  -7.108  7.310   1.00 12.37 ? 46  ASP A O     1 
ATOM   156  C CB    . ASP A 1 46  ? -0.136  -9.562  8.657   1.00 11.30 ? 46  ASP A CB    1 
ATOM   157  C CG    . ASP A 1 46  ? 1.299   -9.093  8.455   1.00 20.24 ? 46  ASP A CG    1 
ATOM   158  O OD1   . ASP A 1 46  ? 1.723   -8.140  9.143   1.00 20.01 ? 46  ASP A OD1   1 
ATOM   159  O OD2   . ASP A 1 46  ? 2.005   -9.681  7.610   1.00 27.40 ? 46  ASP A OD2   1 
ATOM   160  N N     . ASN A 1 47  ? -2.665  -6.955  8.207   1.00 9.28  ? 47  ASN A N     1 
ATOM   161  C CA    . ASN A 1 47  ? -3.125  -5.876  7.325   1.00 6.35  ? 47  ASN A CA    1 
ATOM   162  C C     . ASN A 1 47  ? -2.752  -6.107  5.856   1.00 7.66  ? 47  ASN A C     1 
ATOM   163  O O     . ASN A 1 47  ? -1.997  -5.332  5.268   1.00 7.86  ? 47  ASN A O     1 
ATOM   164  C CB    . ASN A 1 47  ? -2.573  -4.530  7.821   1.00 5.98  ? 47  ASN A CB    1 
ATOM   165  C CG    . ASN A 1 47  ? -3.171  -3.335  7.090   1.00 17.34 ? 47  ASN A CG    1 
ATOM   166  O OD1   . ASN A 1 47  ? -4.303  -3.382  6.609   1.00 14.40 ? 47  ASN A OD1   1 
ATOM   167  N ND2   . ASN A 1 47  ? -2.404  -2.255  7.003   1.00 18.39 ? 47  ASN A ND2   1 
ATOM   168  N N     . PRO A 1 48  ? -3.277  -7.190  5.261   1.00 7.85  ? 48  PRO A N     1 
ATOM   169  C CA    . PRO A 1 48  ? -2.820  -7.620  3.937   1.00 9.24  ? 48  PRO A CA    1 
ATOM   170  C C     . PRO A 1 48  ? -3.463  -6.814  2.822   1.00 7.99  ? 48  PRO A C     1 
ATOM   171  O O     . PRO A 1 48  ? -4.549  -6.266  3.000   1.00 3.47  ? 48  PRO A O     1 
ATOM   172  C CB    . PRO A 1 48  ? -3.317  -9.061  3.867   1.00 15.82 ? 48  PRO A CB    1 
ATOM   173  C CG    . PRO A 1 48  ? -4.602  -9.023  4.639   1.00 11.10 ? 48  PRO A CG    1 
ATOM   174  C CD    . PRO A 1 48  ? -4.377  -8.035  5.762   1.00 7.25  ? 48  PRO A CD    1 
ATOM   175  N N     . MET A 1 49  ? -2.793  -6.750  1.679   1.00 5.76  ? 49  MET A N     1 
ATOM   176  C CA    . MET A 1 49  ? -3.375  -6.135  0.495   1.00 7.49  ? 49  MET A CA    1 
ATOM   177  C C     . MET A 1 49  ? -4.487  -7.009  -0.073  1.00 5.15  ? 49  MET A C     1 
ATOM   178  O O     . MET A 1 49  ? -4.321  -8.222  -0.220  1.00 6.25  ? 49  MET A O     1 
ATOM   179  C CB    . MET A 1 49  ? -2.300  -5.908  -0.563  1.00 7.84  ? 49  MET A CB    1 
ATOM   180  C CG    . MET A 1 49  ? -1.344  -4.789  -0.208  1.00 24.35 ? 49  MET A CG    1 
ATOM   181  S SD    . MET A 1 49  ? 0.104   -4.812  -1.264  1.00 27.54 ? 49  MET A SD    1 
ATOM   182  C CE    . MET A 1 49  ? 0.789   -6.368  -0.741  1.00 24.84 ? 49  MET A CE    1 
ATOM   183  N N     . ILE A 1 50  ? -5.618  -6.390  -0.392  1.00 4.65  ? 50  ILE A N     1 
ATOM   184  C CA    . ILE A 1 50  ? -6.742  -7.121  -0.966  1.00 6.18  ? 50  ILE A CA    1 
ATOM   185  C C     . ILE A 1 50  ? -7.007  -6.691  -2.406  1.00 4.28  ? 50  ILE A C     1 
ATOM   186  O O     . ILE A 1 50  ? -7.731  -7.361  -3.141  1.00 8.43  ? 50  ILE A O     1 
ATOM   187  C CB    . ILE A 1 50  ? -8.022  -6.956  -0.126  1.00 10.25 ? 50  ILE A CB    1 
ATOM   188  C CG1   . ILE A 1 50  ? -8.433  -5.484  -0.057  1.00 9.88  ? 50  ILE A CG1   1 
ATOM   189  C CG2   . ILE A 1 50  ? -7.818  -7.526  1.271   1.00 13.48 ? 50  ILE A CG2   1 
ATOM   190  C CD1   . ILE A 1 50  ? -9.740  -5.258  0.666   1.00 18.66 ? 50  ILE A CD1   1 
ATOM   191  N N     . TYR A 1 51  ? -6.415  -5.570  -2.801  1.00 6.06  ? 51  TYR A N     1 
ATOM   192  C CA    . TYR A 1 51  ? -6.464  -5.118  -4.188  1.00 4.07  ? 51  TYR A CA    1 
ATOM   193  C C     . TYR A 1 51  ? -5.205  -4.337  -4.535  1.00 9.85  ? 51  TYR A C     1 
ATOM   194  O O     . TYR A 1 51  ? -4.725  -3.536  -3.735  1.00 4.21  ? 51  TYR A O     1 
ATOM   195  C CB    . TYR A 1 51  ? -7.696  -4.239  -4.435  1.00 10.82 ? 51  TYR A CB    1 
ATOM   196  C CG    . TYR A 1 51  ? -7.689  -3.546  -5.785  1.00 13.42 ? 51  TYR A CG    1 
ATOM   197  C CD1   . TYR A 1 51  ? -8.258  -4.148  -6.903  1.00 13.30 ? 51  TYR A CD1   1 
ATOM   198  C CD2   . TYR A 1 51  ? -7.105  -2.291  -5.944  1.00 19.28 ? 51  TYR A CD2   1 
ATOM   199  C CE1   . TYR A 1 51  ? -8.244  -3.517  -8.139  1.00 23.47 ? 51  TYR A CE1   1 
ATOM   200  C CE2   . TYR A 1 51  ? -7.084  -1.659  -7.170  1.00 16.17 ? 51  TYR A CE2   1 
ATOM   201  C CZ    . TYR A 1 51  ? -7.655  -2.272  -8.264  1.00 19.88 ? 51  TYR A CZ    1 
ATOM   202  O OH    . TYR A 1 51  ? -7.631  -1.633  -9.484  1.00 22.03 ? 51  TYR A OH    1 
ATOM   203  N N     . VAL A 1 52  ? -4.675  -4.568  -5.731  1.00 2.32  ? 52  VAL A N     1 
ATOM   204  C CA    . VAL A 1 52  ? -3.599  -3.738  -6.267  1.00 7.62  ? 52  VAL A CA    1 
ATOM   205  C C     . VAL A 1 52  ? -3.862  -3.465  -7.746  1.00 15.45 ? 52  VAL A C     1 
ATOM   206  O O     . VAL A 1 52  ? -4.368  -4.328  -8.462  1.00 7.65  ? 52  VAL A O     1 
ATOM   207  C CB    . VAL A 1 52  ? -2.200  -4.387  -6.095  1.00 11.73 ? 52  VAL A CB    1 
ATOM   208  C CG1   . VAL A 1 52  ? -1.863  -4.576  -4.616  1.00 9.86  ? 52  VAL A CG1   1 
ATOM   209  C CG2   . VAL A 1 52  ? -2.121  -5.713  -6.836  1.00 17.43 ? 52  VAL A CG2   1 
ATOM   210  N N     . SER A 1 53  ? -3.533  -2.263  -8.202  1.00 3.86  ? 53  SER A N     1 
ATOM   211  C CA    . SER A 1 53  ? -3.750  -1.916  -9.602  1.00 6.98  ? 53  SER A CA    1 
ATOM   212  C C     . SER A 1 53  ? -2.654  -2.529  -10.467 1.00 9.14  ? 53  SER A C     1 
ATOM   213  O O     . SER A 1 53  ? -1.596  -2.915  -9.961  1.00 5.16  ? 53  SER A O     1 
ATOM   214  C CB    . SER A 1 53  ? -3.777  -0.399  -9.786  1.00 7.17  ? 53  SER A CB    1 
ATOM   215  O OG    . SER A 1 53  ? -2.503  0.160   -9.522  1.00 10.37 ? 53  SER A OG    1 
ATOM   216  N N     . ASP A 1 54  ? -2.914  -2.629  -11.767 1.00 6.69  ? 54  ASP A N     1 
ATOM   217  C CA    . ASP A 1 54  ? -1.920  -3.165  -12.690 1.00 8.51  ? 54  ASP A CA    1 
ATOM   218  C C     . ASP A 1 54  ? -0.654  -2.316  -12.695 1.00 4.77  ? 54  ASP A C     1 
ATOM   219  O O     . ASP A 1 54  ? 0.446   -2.848  -12.802 1.00 8.06  ? 54  ASP A O     1 
ATOM   220  C CB    . ASP A 1 54  ? -2.488  -3.295  -14.109 1.00 7.92  ? 54  ASP A CB    1 
ATOM   221  C CG    . ASP A 1 54  ? -3.217  -4.613  -14.323 1.00 40.76 ? 54  ASP A CG    1 
ATOM   222  O OD1   . ASP A 1 54  ? -3.039  -5.533  -13.495 1.00 18.60 ? 54  ASP A OD1   1 
ATOM   223  O OD2   . ASP A 1 54  ? -3.957  -4.731  -15.323 1.00 32.42 ? 54  ASP A OD2   1 
ATOM   224  N N     . ALA A 1 55  ? -0.816  -1.002  -12.563 1.00 7.72  ? 55  ALA A N     1 
ATOM   225  C CA    . ALA A 1 55  ? 0.328   -0.090  -12.511 1.00 7.57  ? 55  ALA A CA    1 
ATOM   226  C C     . ALA A 1 55  ? 1.268   -0.430  -11.356 1.00 6.12  ? 55  ALA A C     1 
ATOM   227  O O     . ALA A 1 55  ? 2.489   -0.351  -11.499 1.00 5.51  ? 55  ALA A O     1 
ATOM   228  C CB    . ALA A 1 55  ? -0.143  1.361   -12.409 1.00 5.94  ? 55  ALA A CB    1 
ATOM   229  N N     . PHE A 1 56  ? 0.694   -0.801  -10.214 1.00 4.18  ? 56  PHE A N     1 
ATOM   230  C CA    . PHE A 1 56  ? 1.483   -1.212  -9.056  1.00 4.60  ? 56  PHE A CA    1 
ATOM   231  C C     . PHE A 1 56  ? 2.322   -2.434  -9.400  1.00 3.81  ? 56  PHE A C     1 
ATOM   232  O O     . PHE A 1 56  ? 3.517   -2.482  -9.108  1.00 4.03  ? 56  PHE A O     1 
ATOM   233  C CB    . PHE A 1 56  ? 0.570   -1.517  -7.861  1.00 9.41  ? 56  PHE A CB    1 
ATOM   234  C CG    . PHE A 1 56  ? 1.304   -2.018  -6.640  1.00 8.71  ? 56  PHE A CG    1 
ATOM   235  C CD1   . PHE A 1 56  ? 1.784   -1.129  -5.690  1.00 14.51 ? 56  PHE A CD1   1 
ATOM   236  C CD2   . PHE A 1 56  ? 1.505   -3.377  -6.439  1.00 8.90  ? 56  PHE A CD2   1 
ATOM   237  C CE1   . PHE A 1 56  ? 2.453   -1.584  -4.564  1.00 8.72  ? 56  PHE A CE1   1 
ATOM   238  C CE2   . PHE A 1 56  ? 2.179   -3.838  -5.321  1.00 14.94 ? 56  PHE A CE2   1 
ATOM   239  C CZ    . PHE A 1 56  ? 2.653   -2.940  -4.381  1.00 17.99 ? 56  PHE A CZ    1 
ATOM   240  N N     . LEU A 1 57  ? 1.686   -3.419  -10.026 1.00 3.72  ? 57  LEU A N     1 
ATOM   241  C CA    . LEU A 1 57  ? 2.341   -4.678  -10.363 1.00 2.78  ? 57  LEU A CA    1 
ATOM   242  C C     . LEU A 1 57  ? 3.453   -4.484  -11.386 1.00 1.83  ? 57  LEU A C     1 
ATOM   243  O O     . LEU A 1 57  ? 4.511   -5.103  -11.287 1.00 3.53  ? 57  LEU A O     1 
ATOM   244  C CB    . LEU A 1 57  ? 1.315   -5.685  -10.883 1.00 2.75  ? 57  LEU A CB    1 
ATOM   245  C CG    . LEU A 1 57  ? 0.301   -6.164  -9.843  1.00 6.27  ? 57  LEU A CG    1 
ATOM   246  C CD1   . LEU A 1 57  ? -0.730  -7.096  -10.467 1.00 8.07  ? 57  LEU A CD1   1 
ATOM   247  C CD2   . LEU A 1 57  ? 1.029   -6.847  -8.708  1.00 6.70  ? 57  LEU A CD2   1 
ATOM   248  N N     . VAL A 1 58  ? 3.200   -3.624  -12.367 1.00 3.50  ? 58  VAL A N     1 
ATOM   249  C CA    . VAL A 1 58  ? 4.177   -3.340  -13.411 1.00 4.11  ? 58  VAL A CA    1 
ATOM   250  C C     . VAL A 1 58  ? 5.401   -2.642  -12.837 1.00 9.82  ? 58  VAL A C     1 
ATOM   251  O O     . VAL A 1 58  ? 6.535   -2.995  -13.151 1.00 6.78  ? 58  VAL A O     1 
ATOM   252  C CB    . VAL A 1 58  ? 3.559   -2.483  -14.534 1.00 5.45  ? 58  VAL A CB    1 
ATOM   253  C CG1   . VAL A 1 58  ? 4.613   -2.080  -15.554 1.00 8.78  ? 58  VAL A CG1   1 
ATOM   254  C CG2   . VAL A 1 58  ? 2.429   -3.247  -15.209 1.00 5.89  ? 58  VAL A CG2   1 
ATOM   255  N N     . GLN A 1 59  ? 5.171   -1.653  -11.981 1.00 2.35  ? 59  GLN A N     1 
ATOM   256  C CA    . GLN A 1 59  ? 6.274   -0.915  -11.376 1.00 3.01  ? 59  GLN A CA    1 
ATOM   257  C C     . GLN A 1 59  ? 7.138   -1.777  -10.452 1.00 7.70  ? 59  GLN A C     1 
ATOM   258  O O     . GLN A 1 59  ? 8.357   -1.619  -10.410 1.00 8.77  ? 59  GLN A O     1 
ATOM   259  C CB    . GLN A 1 59  ? 5.742   0.308   -10.622 1.00 3.97  ? 59  GLN A CB    1 
ATOM   260  C CG    . GLN A 1 59  ? 6.649   0.812   -9.507  1.00 43.08 ? 59  GLN A CG    1 
ATOM   261  C CD    . GLN A 1 59  ? 7.881   1.552   -10.008 1.00 32.24 ? 59  GLN A CD    1 
ATOM   262  O OE1   . GLN A 1 59  ? 8.332   1.363   -11.139 1.00 51.97 ? 59  GLN A OE1   1 
ATOM   263  N NE2   . GLN A 1 59  ? 8.434   2.399   -9.154  1.00 54.56 ? 59  GLN A NE2   1 
ATOM   264  N N     . THR A 1 60  ? 6.508   -2.698  -9.727  1.00 3.79  ? 60  THR A N     1 
ATOM   265  C CA    . THR A 1 60  ? 7.223   -3.487  -8.723  1.00 3.10  ? 60  THR A CA    1 
ATOM   266  C C     . THR A 1 60  ? 7.769   -4.813  -9.253  1.00 8.49  ? 60  THR A C     1 
ATOM   267  O O     . THR A 1 60  ? 8.634   -5.426  -8.625  1.00 9.57  ? 60  THR A O     1 
ATOM   268  C CB    . THR A 1 60  ? 6.347   -3.758  -7.481  1.00 5.43  ? 60  THR A CB    1 
ATOM   269  O OG1   . THR A 1 60  ? 5.210   -4.542  -7.858  1.00 5.75  ? 60  THR A OG1   1 
ATOM   270  C CG2   . THR A 1 60  ? 5.884   -2.445  -6.868  1.00 5.70  ? 60  THR A CG2   1 
ATOM   271  N N     . GLY A 1 61  ? 7.250   -5.258  -10.394 1.00 10.85 ? 61  GLY A N     1 
ATOM   272  C CA    . GLY A 1 61  ? 7.736   -6.461  -11.043 1.00 7.06  ? 61  GLY A CA    1 
ATOM   273  C C     . GLY A 1 61  ? 7.163   -7.764  -10.511 1.00 10.77 ? 61  GLY A C     1 
ATOM   274  O O     . GLY A 1 61  ? 7.747   -8.830  -10.716 1.00 9.98  ? 61  GLY A O     1 
ATOM   275  N N     . TYR A 1 62  ? 6.022   -7.688  -9.833  1.00 3.61  ? 62  TYR A N     1 
ATOM   276  C CA    . TYR A 1 62  ? 5.391   -8.878  -9.267  1.00 5.76  ? 62  TYR A CA    1 
ATOM   277  C C     . TYR A 1 62  ? 4.144   -9.292  -10.041 1.00 12.14 ? 62  TYR A C     1 
ATOM   278  O O     . TYR A 1 62  ? 3.568   -8.498  -10.783 1.00 7.66  ? 62  TYR A O     1 
ATOM   279  C CB    . TYR A 1 62  ? 5.025   -8.653  -7.797  1.00 5.24  ? 62  TYR A CB    1 
ATOM   280  C CG    . TYR A 1 62  ? 6.220   -8.515  -6.880  1.00 6.08  ? 62  TYR A CG    1 
ATOM   281  C CD1   . TYR A 1 62  ? 6.839   -9.636  -6.343  1.00 10.87 ? 62  TYR A CD1   1 
ATOM   282  C CD2   . TYR A 1 62  ? 6.728   -7.266  -6.553  1.00 7.27  ? 62  TYR A CD2   1 
ATOM   283  C CE1   . TYR A 1 62  ? 7.937   -9.518  -5.507  1.00 12.03 ? 62  TYR A CE1   1 
ATOM   284  C CE2   . TYR A 1 62  ? 7.826   -7.136  -5.719  1.00 7.35  ? 62  TYR A CE2   1 
ATOM   285  C CZ    . TYR A 1 62  ? 8.426   -8.266  -5.198  1.00 8.88  ? 62  TYR A CZ    1 
ATOM   286  O OH    . TYR A 1 62  ? 9.517   -8.141  -4.368  1.00 9.27  ? 62  TYR A OH    1 
ATOM   287  N N     . THR A 1 63  ? 3.730   -10.541 -9.863  1.00 6.22  ? 63  THR A N     1 
ATOM   288  C CA    . THR A 1 63  ? 2.450   -10.997 -10.384 1.00 6.17  ? 63  THR A CA    1 
ATOM   289  C C     . THR A 1 63  ? 1.393   -10.820 -9.303  1.00 9.43  ? 63  THR A C     1 
ATOM   290  O O     . THR A 1 63  ? 1.722   -10.634 -8.132  1.00 8.50  ? 63  THR A O     1 
ATOM   291  C CB    . THR A 1 63  ? 2.494   -12.477 -10.807 1.00 20.54 ? 63  THR A CB    1 
ATOM   292  O OG1   . THR A 1 63  ? 2.731   -13.300 -9.659  1.00 11.66 ? 63  THR A OG1   1 
ATOM   293  C CG2   . THR A 1 63  ? 3.593   -12.707 -11.830 1.00 16.85 ? 63  THR A CG2   1 
ATOM   294  N N     . LEU A 1 64  ? 0.127   -10.882 -9.694  1.00 9.11  ? 64  LEU A N     1 
ATOM   295  C CA    . LEU A 1 64  ? -0.970  -10.693 -8.753  1.00 9.70  ? 64  LEU A CA    1 
ATOM   296  C C     . LEU A 1 64  ? -0.942  -11.724 -7.625  1.00 9.91  ? 64  LEU A C     1 
ATOM   297  O O     . LEU A 1 64  ? -1.165  -11.390 -6.464  1.00 11.89 ? 64  LEU A O     1 
ATOM   298  C CB    . LEU A 1 64  ? -2.311  -10.739 -9.486  1.00 14.55 ? 64  LEU A CB    1 
ATOM   299  C CG    . LEU A 1 64  ? -3.529  -10.291 -8.681  1.00 15.75 ? 64  LEU A CG    1 
ATOM   300  C CD1   . LEU A 1 64  ? -3.312  -8.886  -8.146  1.00 12.01 ? 64  LEU A CD1   1 
ATOM   301  C CD2   . LEU A 1 64  ? -4.789  -10.353 -9.533  1.00 24.54 ? 64  LEU A CD2   1 
ATOM   302  N N     . GLU A 1 65  ? -0.646  -12.974 -7.973  1.00 14.81 ? 65  GLU A N     1 
ATOM   303  C CA    . GLU A 1 65  ? -0.612  -14.059 -6.994  1.00 18.42 ? 65  GLU A CA    1 
ATOM   304  C C     . GLU A 1 65  ? 0.482   -13.889 -5.937  1.00 19.22 ? 65  GLU A C     1 
ATOM   305  O O     . GLU A 1 65  ? 0.365   -14.412 -4.827  1.00 13.27 ? 65  GLU A O     1 
ATOM   306  C CB    . GLU A 1 65  ? -0.456  -15.410 -7.700  1.00 20.10 ? 65  GLU A CB    1 
ATOM   307  N N     . GLU A 1 66  ? 1.542   -13.162 -6.280  1.00 15.90 ? 66  GLU A N     1 
ATOM   308  C CA    . GLU A 1 66  ? 2.654   -12.942 -5.357  1.00 9.59  ? 66  GLU A CA    1 
ATOM   309  C C     . GLU A 1 66  ? 2.365   -11.843 -4.339  1.00 11.23 ? 66  GLU A C     1 
ATOM   310  O O     . GLU A 1 66  ? 3.050   -11.737 -3.323  1.00 14.84 ? 66  GLU A O     1 
ATOM   311  C CB    . GLU A 1 66  ? 3.926   -12.555 -6.124  1.00 15.65 ? 66  GLU A CB    1 
ATOM   312  C CG    . GLU A 1 66  ? 4.543   -13.643 -6.990  1.00 17.50 ? 66  GLU A CG    1 
ATOM   313  C CD    . GLU A 1 66  ? 5.771   -13.147 -7.745  1.00 33.59 ? 66  GLU A CD    1 
ATOM   314  O OE1   . GLU A 1 66  ? 5.603   -12.508 -8.806  1.00 11.64 ? 66  GLU A OE1   1 
ATOM   315  O OE2   . GLU A 1 66  ? 6.905   -13.386 -7.272  1.00 16.82 ? 66  GLU A OE2   1 
ATOM   316  N N     . VAL A 1 67  ? 1.356   -11.026 -4.614  1.00 6.39  ? 67  VAL A N     1 
ATOM   317  C CA    A VAL A 1 67  ? 1.093   -9.822  -3.834  0.72 15.53 ? 67  VAL A CA    1 
ATOM   318  C CA    B VAL A 1 67  ? 1.115   -9.845  -3.791  0.28 15.20 ? 67  VAL A CA    1 
ATOM   319  C C     . VAL A 1 67  ? -0.140  -9.924  -2.926  1.00 8.58  ? 67  VAL A C     1 
ATOM   320  O O     . VAL A 1 67  ? -0.074  -9.622  -1.732  1.00 5.15  ? 67  VAL A O     1 
ATOM   321  C CB    A VAL A 1 67  ? 0.936   -8.608  -4.777  0.72 6.88  ? 67  VAL A CB    1 
ATOM   322  C CB    B VAL A 1 67  ? 1.121   -8.534  -4.620  0.28 8.17  ? 67  VAL A CB    1 
ATOM   323  C CG1   A VAL A 1 67  ? 0.391   -7.412  -4.037  0.72 10.13 ? 67  VAL A CG1   1 
ATOM   324  C CG1   B VAL A 1 67  ? 2.502   -8.284  -5.199  0.28 9.96  ? 67  VAL A CG1   1 
ATOM   325  C CG2   A VAL A 1 67  ? 2.269   -8.277  -5.434  0.72 13.18 ? 67  VAL A CG2   1 
ATOM   326  C CG2   B VAL A 1 67  ? 0.081   -8.578  -5.723  0.28 5.24  ? 67  VAL A CG2   1 
ATOM   327  N N     . LEU A 1 68  ? -1.269  -10.338 -3.502  1.00 12.92 ? 68  LEU A N     1 
ATOM   328  C CA    . LEU A 1 68  ? -2.523  -10.389 -2.745  1.00 12.48 ? 68  LEU A CA    1 
ATOM   329  C C     . LEU A 1 68  ? -2.400  -11.281 -1.514  1.00 10.21 ? 68  LEU A C     1 
ATOM   330  O O     . LEU A 1 68  ? -1.929  -12.414 -1.604  1.00 8.84  ? 68  LEU A O     1 
ATOM   331  C CB    . LEU A 1 68  ? -3.690  -10.859 -3.619  1.00 8.43  ? 68  LEU A CB    1 
ATOM   332  C CG    . LEU A 1 68  ? -4.194  -9.921  -4.718  1.00 16.24 ? 68  LEU A CG    1 
ATOM   333  C CD1   . LEU A 1 68  ? -5.456  -10.482 -5.355  1.00 10.69 ? 68  LEU A CD1   1 
ATOM   334  C CD2   . LEU A 1 68  ? -4.443  -8.518  -4.184  1.00 10.41 ? 68  LEU A CD2   1 
ATOM   335  N N     . GLY A 1 69  ? -2.813  -10.754 -0.366  1.00 8.07  ? 69  GLY A N     1 
ATOM   336  C CA    . GLY A 1 69  ? -2.747  -11.496 0.879   1.00 7.39  ? 69  GLY A CA    1 
ATOM   337  C C     . GLY A 1 69  ? -1.512  -11.199 1.708   1.00 12.57 ? 69  GLY A C     1 
ATOM   338  O O     . GLY A 1 69  ? -1.421  -11.615 2.861   1.00 13.79 ? 69  GLY A O     1 
ATOM   339  N N     . ARG A 1 70  ? -0.554  -10.482 1.126   1.00 10.16 ? 70  ARG A N     1 
ATOM   340  C CA    . ARG A 1 70  ? 0.658   -10.116 1.851   1.00 8.49  ? 70  ARG A CA    1 
ATOM   341  C C     . ARG A 1 70  ? 0.602   -8.662  2.306   1.00 7.05  ? 70  ARG A C     1 
ATOM   342  O O     . ARG A 1 70  ? -0.132  -7.857  1.741   1.00 6.65  ? 70  ARG A O     1 
ATOM   343  C CB    . ARG A 1 70  ? 1.901   -10.338 0.981   1.00 8.44  ? 70  ARG A CB    1 
ATOM   344  C CG    . ARG A 1 70  ? 2.145   -11.785 0.579   1.00 10.86 ? 70  ARG A CG    1 
ATOM   345  C CD    . ARG A 1 70  ? 3.516   -11.946 -0.067  1.00 12.88 ? 70  ARG A CD    1 
ATOM   346  N NE    . ARG A 1 70  ? 4.584   -11.557 0.851   1.00 14.12 ? 70  ARG A NE    1 
ATOM   347  C CZ    . ARG A 1 70  ? 5.854   -11.381 0.499   1.00 19.55 ? 70  ARG A CZ    1 
ATOM   348  N NH1   . ARG A 1 70  ? 6.227   -11.558 -0.760  1.00 11.38 ? 70  ARG A NH1   1 
ATOM   349  N NH2   . ARG A 1 70  ? 6.750   -11.026 1.409   1.00 26.47 ? 70  ARG A NH2   1 
ATOM   350  N N     . ASN A 1 71  ? 1.381   -8.327  3.329   1.00 10.97 ? 71  ASN A N     1 
ATOM   351  C CA    . ASN A 1 71  ? 1.536   -6.937  3.742   1.00 7.09  ? 71  ASN A CA    1 
ATOM   352  C C     . ASN A 1 71  ? 2.485   -6.226  2.778   1.00 7.20  ? 71  ASN A C     1 
ATOM   353  O O     . ASN A 1 71  ? 3.446   -6.820  2.298   1.00 4.91  ? 71  ASN A O     1 
ATOM   354  C CB    . ASN A 1 71  ? 2.064   -6.859  5.176   1.00 8.60  ? 71  ASN A CB    1 
ATOM   355  C CG    . ASN A 1 71  ? 2.107   -5.438  5.706   1.00 7.31  ? 71  ASN A CG    1 
ATOM   356  O OD1   . ASN A 1 71  ? 3.028   -4.682  5.408   1.00 11.61 ? 71  ASN A OD1   1 
ATOM   357  N ND2   . ASN A 1 71  ? 1.110   -5.074  6.508   1.00 13.42 ? 71  ASN A ND2   1 
ATOM   358  N N     . CYS A 1 72  ? 2.222   -4.955  2.501   1.00 6.73  ? 72  CYS A N     1 
ATOM   359  C CA    . CYS A 1 72  ? 2.978   -4.228  1.483   1.00 6.10  ? 72  CYS A CA    1 
ATOM   360  C C     . CYS A 1 72  ? 4.434   -3.948  1.874   1.00 12.91 ? 72  CYS A C     1 
ATOM   361  O O     . CYS A 1 72  ? 5.183   -3.341  1.107   1.00 10.45 ? 72  CYS A O     1 
ATOM   362  C CB    . CYS A 1 72  ? 2.266   -2.919  1.118   1.00 13.86 ? 72  CYS A CB    1 
ATOM   363  S SG    . CYS A 1 72  ? 2.573   -2.347  -0.573  1.00 23.98 ? 72  CYS A SG    1 
ATOM   364  N N     . ARG A 1 73  ? 4.842   -4.399  3.058   1.00 8.08  ? 73  ARG A N     1 
ATOM   365  C CA    . ARG A 1 73  ? 6.219   -4.195  3.505   1.00 11.49 ? 73  ARG A CA    1 
ATOM   366  C C     . ARG A 1 73  ? 7.228   -5.020  2.705   1.00 12.13 ? 73  ARG A C     1 
ATOM   367  O O     . ARG A 1 73  ? 8.438   -4.855  2.866   1.00 6.18  ? 73  ARG A O     1 
ATOM   368  C CB    . ARG A 1 73  ? 6.363   -4.486  5.003   1.00 9.68  ? 73  ARG A CB    1 
ATOM   369  C CG    . ARG A 1 73  ? 6.200   -5.949  5.380   1.00 10.63 ? 73  ARG A CG    1 
ATOM   370  C CD    . ARG A 1 73  ? 6.497   -6.151  6.858   1.00 19.92 ? 73  ARG A CD    1 
ATOM   371  N NE    . ARG A 1 73  ? 5.706   -5.247  7.686   1.00 26.70 ? 73  ARG A NE    1 
ATOM   372  C CZ    . ARG A 1 73  ? 4.504   -5.541  8.168   1.00 37.16 ? 73  ARG A CZ    1 
ATOM   373  N NH1   . ARG A 1 73  ? 3.957   -6.722  7.911   1.00 16.49 ? 73  ARG A NH1   1 
ATOM   374  N NH2   . ARG A 1 73  ? 3.847   -4.659  8.909   1.00 17.53 ? 73  ARG A NH2   1 
ATOM   375  N N     . PHE A 1 74  ? 6.742   -5.904  1.839   1.00 6.89  ? 74  PHE A N     1 
ATOM   376  C CA    . PHE A 1 74  ? 7.647   -6.664  0.982   1.00 2.80  ? 74  PHE A CA    1 
ATOM   377  C C     . PHE A 1 74  ? 8.357   -5.741  -0.012  1.00 4.07  ? 74  PHE A C     1 
ATOM   378  O O     . PHE A 1 74  ? 9.340   -6.132  -0.637  1.00 5.69  ? 74  PHE A O     1 
ATOM   379  C CB    . PHE A 1 74  ? 6.913   -7.794  0.251   1.00 11.55 ? 74  PHE A CB    1 
ATOM   380  C CG    . PHE A 1 74  ? 6.027   -7.318  -0.862  1.00 8.70  ? 74  PHE A CG    1 
ATOM   381  C CD1   . PHE A 1 74  ? 4.736   -6.904  -0.604  1.00 29.00 ? 74  PHE A CD1   1 
ATOM   382  C CD2   . PHE A 1 74  ? 6.486   -7.285  -2.165  1.00 18.32 ? 74  PHE A CD2   1 
ATOM   383  C CE1   . PHE A 1 74  ? 3.927   -6.463  -1.627  1.00 25.48 ? 74  PHE A CE1   1 
ATOM   384  C CE2   . PHE A 1 74  ? 5.674   -6.845  -3.187  1.00 16.39 ? 74  PHE A CE2   1 
ATOM   385  C CZ    . PHE A 1 74  ? 4.393   -6.433  -2.917  1.00 17.66 ? 74  PHE A CZ    1 
ATOM   386  N N     . LEU A 1 75  ? 7.855   -4.516  -0.156  1.00 3.75  ? 75  LEU A N     1 
ATOM   387  C CA    . LEU A 1 75  ? 8.512   -3.519  -1.002  1.00 4.81  ? 75  LEU A CA    1 
ATOM   388  C C     . LEU A 1 75  ? 9.729   -2.906  -0.312  1.00 9.64  ? 75  LEU A C     1 
ATOM   389  O O     . LEU A 1 75  ? 10.554  -2.255  -0.947  1.00 4.36  ? 75  LEU A O     1 
ATOM   390  C CB    . LEU A 1 75  ? 7.534   -2.409  -1.399  1.00 4.26  ? 75  LEU A CB    1 
ATOM   391  C CG    . LEU A 1 75  ? 6.434   -2.781  -2.392  1.00 18.09 ? 75  LEU A CG    1 
ATOM   392  C CD1   . LEU A 1 75  ? 5.710   -1.534  -2.878  1.00 6.54  ? 75  LEU A CD1   1 
ATOM   393  C CD2   . LEU A 1 75  ? 7.017   -3.560  -3.566  1.00 7.74  ? 75  LEU A CD2   1 
ATOM   394  N N     . GLN A 1 76  ? 9.835   -3.107  0.996   1.00 2.79  ? 76  GLN A N     1 
ATOM   395  C CA    . GLN A 1 76  ? 10.956  -2.561  1.751   1.00 0.29  ? 76  GLN A CA    1 
ATOM   396  C C     . GLN A 1 76  ? 12.190  -3.450  1.603   1.00 6.60  ? 76  GLN A C     1 
ATOM   397  O O     . GLN A 1 76  ? 12.068  -4.653  1.387   1.00 11.94 ? 76  GLN A O     1 
ATOM   398  C CB    . GLN A 1 76  ? 10.561  -2.376  3.216   1.00 1.68  ? 76  GLN A CB    1 
ATOM   399  C CG    . GLN A 1 76  ? 9.490   -1.303  3.395   1.00 2.89  ? 76  GLN A CG    1 
ATOM   400  C CD    . GLN A 1 76  ? 8.704   -1.456  4.678   1.00 7.51  ? 76  GLN A CD    1 
ATOM   401  O OE1   . GLN A 1 76  ? 9.112   -2.171  5.591   1.00 9.01  ? 76  GLN A OE1   1 
ATOM   402  N NE2   . GLN A 1 76  ? 7.562   -0.781  4.754   1.00 5.43  ? 76  GLN A NE2   1 
ATOM   403  N N     . GLY A 1 77  ? 13.374  -2.852  1.701   1.00 5.37  ? 77  GLY A N     1 
ATOM   404  C CA    . GLY A 1 77  ? 14.602  -3.586  1.454   1.00 1.86  ? 77  GLY A CA    1 
ATOM   405  C C     . GLY A 1 77  ? 15.762  -3.152  2.328   1.00 9.88  ? 77  GLY A C     1 
ATOM   406  O O     . GLY A 1 77  ? 15.562  -2.480  3.337   1.00 5.49  ? 77  GLY A O     1 
ATOM   407  N N     . PRO A 1 78  ? 16.989  -3.532  1.936   1.00 9.04  ? 78  PRO A N     1 
ATOM   408  C CA    . PRO A 1 78  ? 18.193  -3.375  2.765   1.00 8.55  ? 78  PRO A CA    1 
ATOM   409  C C     . PRO A 1 78  ? 18.490  -1.944  3.225   1.00 6.69  ? 78  PRO A C     1 
ATOM   410  O O     . PRO A 1 78  ? 18.945  -1.775  4.354   1.00 11.59 ? 78  PRO A O     1 
ATOM   411  C CB    . PRO A 1 78  ? 19.320  -3.915  1.866   1.00 9.45  ? 78  PRO A CB    1 
ATOM   412  C CG    . PRO A 1 78  ? 18.754  -3.938  0.481   1.00 12.26 ? 78  PRO A CG    1 
ATOM   413  C CD    . PRO A 1 78  ? 17.287  -4.197  0.655   1.00 5.82  ? 78  PRO A CD    1 
ATOM   414  N N     . ASP A 1 79  ? 18.234  -0.942  2.389   1.00 3.74  ? 79  ASP A N     1 
ATOM   415  C CA    . ASP A 1 79  ? 18.563  0.438   2.751   1.00 5.60  ? 79  ASP A CA    1 
ATOM   416  C C     . ASP A 1 79  ? 17.339  1.282   3.094   1.00 15.54 ? 79  ASP A C     1 
ATOM   417  O O     . ASP A 1 79  ? 17.433  2.504   3.196   1.00 7.45  ? 79  ASP A O     1 
ATOM   418  C CB    . ASP A 1 79  ? 19.371  1.123   1.642   1.00 9.01  ? 79  ASP A CB    1 
ATOM   419  C CG    . ASP A 1 79  ? 20.751  0.518   1.466   1.00 32.44 ? 79  ASP A CG    1 
ATOM   420  O OD1   . ASP A 1 79  ? 21.273  -0.073  2.434   1.00 27.68 ? 79  ASP A OD1   1 
ATOM   421  O OD2   . ASP A 1 79  ? 21.315  0.641   0.359   1.00 27.26 ? 79  ASP A OD2   1 
ATOM   422  N N     . THR A 1 80  ? 16.194  0.632   3.268   1.00 12.78 ? 80  THR A N     1 
ATOM   423  C CA    . THR A 1 80  ? 14.988  1.332   3.682   1.00 4.73  ? 80  THR A CA    1 
ATOM   424  C C     . THR A 1 80  ? 15.163  1.848   5.106   1.00 8.73  ? 80  THR A C     1 
ATOM   425  O O     . THR A 1 80  ? 15.642  1.127   5.978   1.00 5.92  ? 80  THR A O     1 
ATOM   426  C CB    . THR A 1 80  ? 13.751  0.413   3.617   1.00 5.96  ? 80  THR A CB    1 
ATOM   427  O OG1   . THR A 1 80  ? 13.559  -0.042  2.272   1.00 2.92  ? 80  THR A OG1   1 
ATOM   428  C CG2   . THR A 1 80  ? 12.499  1.158   4.086   1.00 2.40  ? 80  THR A CG2   1 
ATOM   429  N N     . ASN A 1 81  ? 14.776  3.098   5.339   1.00 8.05  ? 81  ASN A N     1 
ATOM   430  C CA    . ASN A 1 81  ? 14.918  3.707   6.658   1.00 5.76  ? 81  ASN A CA    1 
ATOM   431  C C     . ASN A 1 81  ? 13.910  3.150   7.665   1.00 5.69  ? 81  ASN A C     1 
ATOM   432  O O     . ASN A 1 81  ? 12.700  3.259   7.463   1.00 4.24  ? 81  ASN A O     1 
ATOM   433  C CB    . ASN A 1 81  ? 14.774  5.229   6.554   1.00 3.72  ? 81  ASN A CB    1 
ATOM   434  C CG    . ASN A 1 81  ? 15.235  5.942   7.806   1.00 7.60  ? 81  ASN A CG    1 
ATOM   435  O OD1   . ASN A 1 81  ? 14.629  5.806   8.865   1.00 9.31  ? 81  ASN A OD1   1 
ATOM   436  N ND2   . ASN A 1 81  ? 16.313  6.716   7.690   1.00 8.65  ? 81  ASN A ND2   1 
ATOM   437  N N     . PRO A 1 82  ? 14.408  2.559   8.763   1.00 6.43  ? 82  PRO A N     1 
ATOM   438  C CA    . PRO A 1 82  ? 13.535  1.919   9.754   1.00 8.91  ? 82  PRO A CA    1 
ATOM   439  C C     . PRO A 1 82  ? 12.646  2.913   10.502  1.00 10.48 ? 82  PRO A C     1 
ATOM   440  O O     . PRO A 1 82  ? 11.587  2.531   10.999  1.00 3.96  ? 82  PRO A O     1 
ATOM   441  C CB    . PRO A 1 82  ? 14.524  1.246   10.712  1.00 16.17 ? 82  PRO A CB    1 
ATOM   442  C CG    . PRO A 1 82  ? 15.786  2.025   10.564  1.00 19.12 ? 82  PRO A CG    1 
ATOM   443  C CD    . PRO A 1 82  ? 15.833  2.463   9.130   1.00 11.36 ? 82  PRO A CD    1 
ATOM   444  N N     . HIS A 1 83  ? 13.067  4.172   10.580  1.00 3.57  ? 83  HIS A N     1 
ATOM   445  C CA    . HIS A 1 83  ? 12.235  5.197   11.200  1.00 7.09  ? 83  HIS A CA    1 
ATOM   446  C C     . HIS A 1 83  ? 11.073  5.576   10.290  1.00 5.02  ? 83  HIS A C     1 
ATOM   447  O O     . HIS A 1 83  ? 9.986   5.895   10.765  1.00 4.62  ? 83  HIS A O     1 
ATOM   448  C CB    . HIS A 1 83  ? 13.061  6.429   11.571  1.00 4.87  ? 83  HIS A CB    1 
ATOM   449  C CG    . HIS A 1 83  ? 14.099  6.159   12.615  1.00 8.92  ? 83  HIS A CG    1 
ATOM   450  N ND1   . HIS A 1 83  ? 13.779  5.911   13.934  1.00 10.64 ? 83  HIS A ND1   1 
ATOM   451  C CD2   . HIS A 1 83  ? 15.449  6.082   12.535  1.00 11.76 ? 83  HIS A CD2   1 
ATOM   452  C CE1   . HIS A 1 83  ? 14.886  5.699   14.620  1.00 18.16 ? 83  HIS A CE1   1 
ATOM   453  N NE2   . HIS A 1 83  ? 15.915  5.798   13.796  1.00 17.52 ? 83  HIS A NE2   1 
ATOM   454  N N     . ALA A 1 84  ? 11.310  5.537   8.981   1.00 4.99  ? 84  ALA A N     1 
ATOM   455  C CA    . ALA A 1 84  ? 10.250  5.785   8.012   1.00 9.51  ? 84  ALA A CA    1 
ATOM   456  C C     . ALA A 1 84  ? 9.190   4.691   8.106   1.00 7.00  ? 84  ALA A C     1 
ATOM   457  O O     . ALA A 1 84  ? 7.994   4.958   7.992   1.00 6.26  ? 84  ALA A O     1 
ATOM   458  C CB    . ALA A 1 84  ? 10.822  5.851   6.605   1.00 6.69  ? 84  ALA A CB    1 
ATOM   459  N N     . VAL A 1 85  ? 9.640   3.459   8.314   1.00 4.55  ? 85  VAL A N     1 
ATOM   460  C CA    . VAL A 1 85  ? 8.731   2.327   8.476   1.00 5.43  ? 85  VAL A CA    1 
ATOM   461  C C     . VAL A 1 85  ? 7.869   2.506   9.721   1.00 2.72  ? 85  VAL A C     1 
ATOM   462  O O     . VAL A 1 85  ? 6.657   2.278   9.691   1.00 6.06  ? 85  VAL A O     1 
ATOM   463  C CB    . VAL A 1 85  ? 9.501   0.990   8.565   1.00 9.19  ? 85  VAL A CB    1 
ATOM   464  C CG1   . VAL A 1 85  ? 8.557   -0.156  8.917   1.00 7.71  ? 85  VAL A CG1   1 
ATOM   465  C CG2   . VAL A 1 85  ? 10.231  0.706   7.259   1.00 6.84  ? 85  VAL A CG2   1 
ATOM   466  N N     . GLU A 1 86  ? 8.492   2.930   10.815  1.00 5.27  ? 86  GLU A N     1 
ATOM   467  C CA    . GLU A 1 86  ? 7.762   3.131   12.067  1.00 6.06  ? 86  GLU A CA    1 
ATOM   468  C C     . GLU A 1 86  ? 6.800   4.317   11.973  1.00 3.73  ? 86  GLU A C     1 
ATOM   469  O O     . GLU A 1 86  ? 5.723   4.300   12.570  1.00 7.60  ? 86  GLU A O     1 
ATOM   470  C CB    . GLU A 1 86  ? 8.728   3.299   13.246  1.00 7.93  ? 86  GLU A CB    1 
ATOM   471  C CG    . GLU A 1 86  ? 8.049   3.460   14.606  1.00 16.62 ? 86  GLU A CG    1 
ATOM   472  C CD    . GLU A 1 86  ? 7.131   2.299   14.959  1.00 32.11 ? 86  GLU A CD    1 
ATOM   473  O OE1   . GLU A 1 86  ? 7.403   1.158   14.529  1.00 28.12 ? 86  GLU A OE1   1 
ATOM   474  O OE2   . GLU A 1 86  ? 6.133   2.531   15.671  1.00 21.28 ? 86  GLU A OE2   1 
ATOM   475  N N     . ALA A 1 87  ? 7.191   5.338   11.214  1.00 5.62  ? 87  ALA A N     1 
ATOM   476  C CA    . ALA A 1 87  ? 6.324   6.489   10.971  1.00 5.31  ? 87  ALA A CA    1 
ATOM   477  C C     . ALA A 1 87  ? 5.030   6.067   10.275  1.00 4.44  ? 87  ALA A C     1 
ATOM   478  O O     . ALA A 1 87  ? 3.946   6.542   10.616  1.00 3.28  ? 87  ALA A O     1 
ATOM   479  C CB    . ALA A 1 87  ? 7.054   7.542   10.145  1.00 3.91  ? 87  ALA A CB    1 
ATOM   480  N N     . ILE A 1 88  ? 5.149   5.174   9.298   1.00 2.11  ? 88  ILE A N     1 
ATOM   481  C CA    . ILE A 1 88  ? 3.977   4.647   8.605   1.00 5.35  ? 88  ILE A CA    1 
ATOM   482  C C     . ILE A 1 88  ? 3.079   3.863   9.559   1.00 3.75  ? 88  ILE A C     1 
ATOM   483  O O     . ILE A 1 88  ? 1.856   4.029   9.553   1.00 4.66  ? 88  ILE A O     1 
ATOM   484  C CB    . ILE A 1 88  ? 4.380   3.739   7.430   1.00 1.36  ? 88  ILE A CB    1 
ATOM   485  C CG1   . ILE A 1 88  ? 5.155   4.543   6.380   1.00 6.54  ? 88  ILE A CG1   1 
ATOM   486  C CG2   . ILE A 1 88  ? 3.144   3.092   6.810   1.00 4.52  ? 88  ILE A CG2   1 
ATOM   487  C CD1   . ILE A 1 88  ? 5.749   3.696   5.272   1.00 4.23  ? 88  ILE A CD1   1 
ATOM   488  N N     . ARG A 1 89  ? 3.691   3.012   10.376  1.00 4.50  ? 89  ARG A N     1 
ATOM   489  C CA    . ARG A 1 89  ? 2.943   2.188   11.319  1.00 12.77 ? 89  ARG A CA    1 
ATOM   490  C C     . ARG A 1 89  ? 2.115   3.050   12.271  1.00 3.78  ? 89  ARG A C     1 
ATOM   491  O O     . ARG A 1 89  ? 0.939   2.770   12.510  1.00 3.57  ? 89  ARG A O     1 
ATOM   492  C CB    . ARG A 1 89  ? 3.888   1.277   12.106  1.00 7.31  ? 89  ARG A CB    1 
ATOM   493  C CG    . ARG A 1 89  ? 3.177   0.194   12.908  1.00 19.81 ? 89  ARG A CG    1 
ATOM   494  C CD    . ARG A 1 89  ? 4.171   -0.693  13.641  1.00 19.00 ? 89  ARG A CD    1 
ATOM   495  N NE    . ARG A 1 89  ? 4.690   -0.047  14.841  1.00 29.57 ? 89  ARG A NE    1 
ATOM   496  C CZ    . ARG A 1 89  ? 4.246   -0.294  16.068  1.00 53.61 ? 89  ARG A CZ    1 
ATOM   497  N NH1   . ARG A 1 89  ? 3.280   -1.182  16.257  1.00 35.93 ? 89  ARG A NH1   1 
ATOM   498  N NH2   . ARG A 1 89  ? 4.773   0.340   17.106  1.00 33.47 ? 89  ARG A NH2   1 
ATOM   499  N N     . GLN A 1 90  ? 2.731   4.103   12.804  1.00 3.62  ? 90  GLN A N     1 
ATOM   500  C CA    . GLN A 1 90  ? 2.026   5.032   13.682  1.00 6.38  ? 90  GLN A CA    1 
ATOM   501  C C     . GLN A 1 90  ? 0.955   5.824   12.935  1.00 4.91  ? 90  GLN A C     1 
ATOM   502  O O     . GLN A 1 90  ? -0.108  6.107   13.481  1.00 4.02  ? 90  GLN A O     1 
ATOM   503  C CB    . GLN A 1 90  ? 3.008   5.993   14.362  1.00 4.25  ? 90  GLN A CB    1 
ATOM   504  C CG    . GLN A 1 90  ? 3.947   5.319   15.343  1.00 8.35  ? 90  GLN A CG    1 
ATOM   505  C CD    . GLN A 1 90  ? 3.231   4.798   16.572  1.00 11.81 ? 90  GLN A CD    1 
ATOM   506  O OE1   . GLN A 1 90  ? 2.220   5.353   16.996  1.00 12.64 ? 90  GLN A OE1   1 
ATOM   507  N NE2   . GLN A 1 90  ? 3.750   3.721   17.147  1.00 17.19 ? 90  GLN A NE2   1 
ATOM   508  N N     . GLY A 1 91  ? 1.241   6.192   11.689  1.00 3.87  ? 91  GLY A N     1 
ATOM   509  C CA    . GLY A 1 91  ? 0.276   6.922   10.885  1.00 3.15  ? 91  GLY A CA    1 
ATOM   510  C C     . GLY A 1 91  ? -0.984  6.103   10.656  1.00 9.56  ? 91  GLY A C     1 
ATOM   511  O O     . GLY A 1 91  ? -2.098  6.635   10.628  1.00 6.54  ? 91  GLY A O     1 
ATOM   512  N N     . LEU A 1 92  ? -0.805  4.796   10.499  1.00 1.96  ? 92  LEU A N     1 
ATOM   513  C CA    . LEU A 1 92  ? -1.930  3.883   10.349  1.00 2.99  ? 92  LEU A CA    1 
ATOM   514  C C     . LEU A 1 92  ? -2.755  3.819   11.631  1.00 4.79  ? 92  LEU A C     1 
ATOM   515  O O     . LEU A 1 92  ? -3.985  3.884   11.594  1.00 8.73  ? 92  LEU A O     1 
ATOM   516  C CB    . LEU A 1 92  ? -1.435  2.487   9.967   1.00 4.38  ? 92  LEU A CB    1 
ATOM   517  C CG    . LEU A 1 92  ? -0.793  2.346   8.585   1.00 8.18  ? 92  LEU A CG    1 
ATOM   518  C CD1   . LEU A 1 92  ? -0.285  0.925   8.371   1.00 13.05 ? 92  LEU A CD1   1 
ATOM   519  C CD2   . LEU A 1 92  ? -1.777  2.739   7.489   1.00 2.70  ? 92  LEU A CD2   1 
ATOM   520  N N     . LYS A 1 93  ? -2.071  3.692   12.764  1.00 9.20  ? 93  LYS A N     1 
ATOM   521  C CA    . LYS A 1 93  ? -2.737  3.650   14.063  1.00 11.05 ? 93  LYS A CA    1 
ATOM   522  C C     . LYS A 1 93  ? -3.513  4.935   14.325  1.00 9.02  ? 93  LYS A C     1 
ATOM   523  O O     . LYS A 1 93  ? -4.543  4.922   14.998  1.00 6.46  ? 93  LYS A O     1 
ATOM   524  C CB    . LYS A 1 93  ? -1.719  3.426   15.181  1.00 12.78 ? 93  LYS A CB    1 
ATOM   525  C CG    . LYS A 1 93  ? -1.056  2.060   15.158  1.00 10.42 ? 93  LYS A CG    1 
ATOM   526  C CD    . LYS A 1 93  ? -0.057  1.924   16.300  1.00 13.77 ? 93  LYS A CD    1 
ATOM   527  C CE    . LYS A 1 93  ? 0.532   0.524   16.351  1.00 39.81 ? 93  LYS A CE    1 
ATOM   528  N NZ    . LYS A 1 93  ? -0.518  -0.516  16.547  1.00 45.05 ? 93  LYS A NZ    1 
ATOM   529  N N     . ALA A 1 94  ? -3.012  6.042   13.786  1.00 0.89  ? 94  ALA A N     1 
ATOM   530  C CA    . ALA A 1 94  ? -3.660  7.342   13.948  1.00 2.23  ? 94  ALA A CA    1 
ATOM   531  C C     . ALA A 1 94  ? -4.923  7.472   13.102  1.00 7.25  ? 94  ALA A C     1 
ATOM   532  O O     . ALA A 1 94  ? -5.768  8.329   13.372  1.00 7.88  ? 94  ALA A O     1 
ATOM   533  C CB    . ALA A 1 94  ? -2.685  8.459   13.609  1.00 6.80  ? 94  ALA A CB    1 
ATOM   534  N N     . GLU A 1 95  ? -5.038  6.631   12.077  1.00 5.86  ? 95  GLU A N     1 
ATOM   535  C CA    . GLU A 1 95  ? -6.161  6.687   11.139  1.00 9.74  ? 95  GLU A CA    1 
ATOM   536  C C     . GLU A 1 95  ? -6.377  8.088   10.572  1.00 14.23 ? 95  GLU A C     1 
ATOM   537  O O     . GLU A 1 95  ? -7.447  8.679   10.709  1.00 10.71 ? 95  GLU A O     1 
ATOM   538  C CB    . GLU A 1 95  ? -7.439  6.156   11.791  1.00 6.48  ? 95  GLU A CB    1 
ATOM   539  C CG    . GLU A 1 95  ? -7.365  4.674   12.131  1.00 6.36  ? 95  GLU A CG    1 
ATOM   540  C CD    . GLU A 1 95  ? -8.635  4.160   12.786  1.00 16.35 ? 95  GLU A CD    1 
ATOM   541  O OE1   . GLU A 1 95  ? -9.698  4.786   12.595  1.00 17.30 ? 95  GLU A OE1   1 
ATOM   542  O OE2   . GLU A 1 95  ? -8.567  3.134   13.494  1.00 17.23 ? 95  GLU A OE2   1 
ATOM   543  N N     . THR A 1 96  ? -5.338  8.615   9.938   1.00 9.81  ? 96  THR A N     1 
ATOM   544  C CA    . THR A 1 96  ? -5.391  9.947   9.361   1.00 10.15 ? 96  THR A CA    1 
ATOM   545  C C     . THR A 1 96  ? -4.713  9.923   8.000   1.00 6.92  ? 96  THR A C     1 
ATOM   546  O O     . THR A 1 96  ? -4.054  8.948   7.649   1.00 10.06 ? 96  THR A O     1 
ATOM   547  C CB    . THR A 1 96  ? -4.684  10.972  10.270  1.00 14.08 ? 96  THR A CB    1 
ATOM   548  O OG1   . THR A 1 96  ? -4.870  12.290  9.743   1.00 21.03 ? 96  THR A OG1   1 
ATOM   549  C CG2   . THR A 1 96  ? -3.188  10.666  10.371  1.00 7.48  ? 96  THR A CG2   1 
ATOM   550  N N     . ARG A 1 97  ? -4.889  10.992  7.231   1.00 8.23  ? 97  ARG A N     1 
ATOM   551  C CA    . ARG A 1 97  ? -4.220  11.127  5.946   1.00 3.04  ? 97  ARG A CA    1 
ATOM   552  C C     . ARG A 1 97  ? -2.752  11.472  6.148   1.00 6.46  ? 97  ARG A C     1 
ATOM   553  O O     . ARG A 1 97  ? -2.423  12.380  6.906   1.00 7.22  ? 97  ARG A O     1 
ATOM   554  C CB    . ARG A 1 97  ? -4.875  12.231  5.113   1.00 7.87  ? 97  ARG A CB    1 
ATOM   555  C CG    . ARG A 1 97  ? -6.215  11.859  4.505   1.00 17.97 ? 97  ARG A CG    1 
ATOM   556  C CD    . ARG A 1 97  ? -6.797  13.043  3.741   1.00 23.48 ? 97  ARG A CD    1 
ATOM   557  N NE    . ARG A 1 97  ? -7.791  12.635  2.753   1.00 64.99 ? 97  ARG A NE    1 
ATOM   558  C CZ    . ARG A 1 97  ? -7.513  12.384  1.477   1.00 45.47 ? 97  ARG A CZ    1 
ATOM   559  N NH1   . ARG A 1 97  ? -6.269  12.501  1.029   1.00 37.99 ? 97  ARG A NH1   1 
ATOM   560  N NH2   . ARG A 1 97  ? -8.480  12.018  0.647   1.00 58.45 ? 97  ARG A NH2   1 
ATOM   561  N N     . PHE A 1 98  ? -1.871  10.747  5.467   1.00 3.73  ? 98  PHE A N     1 
ATOM   562  C CA    . PHE A 1 98  ? -0.452  11.069  5.512   1.00 5.06  ? 98  PHE A CA    1 
ATOM   563  C C     . PHE A 1 98  ? 0.278   10.671  4.233   1.00 15.63 ? 98  PHE A C     1 
ATOM   564  O O     . PHE A 1 98  ? -0.201  9.846   3.453   1.00 6.24  ? 98  PHE A O     1 
ATOM   565  C CB    . PHE A 1 98  ? 0.227   10.466  6.755   1.00 5.74  ? 98  PHE A CB    1 
ATOM   566  C CG    . PHE A 1 98  ? 0.306   8.963   6.748   1.00 3.86  ? 98  PHE A CG    1 
ATOM   567  C CD1   . PHE A 1 98  ? -0.751  8.200   7.209   1.00 3.66  ? 98  PHE A CD1   1 
ATOM   568  C CD2   . PHE A 1 98  ? 1.450   8.316   6.300   1.00 8.89  ? 98  PHE A CD2   1 
ATOM   569  C CE1   . PHE A 1 98  ? -0.682  6.814   7.209   1.00 6.86  ? 98  PHE A CE1   1 
ATOM   570  C CE2   . PHE A 1 98  ? 1.530   6.932   6.299   1.00 6.49  ? 98  PHE A CE2   1 
ATOM   571  C CZ    . PHE A 1 98  ? 0.464   6.179   6.755   1.00 5.01  ? 98  PHE A CZ    1 
ATOM   572  N N     . THR A 1 99  ? 1.435   11.288  4.027   1.00 5.05  ? 99  THR A N     1 
ATOM   573  C CA    . THR A 1 99  ? 2.278   11.030  2.872   1.00 3.69  ? 99  THR A CA    1 
ATOM   574  C C     . THR A 1 99  ? 3.724   10.929  3.346   1.00 9.93  ? 99  THR A C     1 
ATOM   575  O O     . THR A 1 99  ? 4.130   11.657  4.250   1.00 5.54  ? 99  THR A O     1 
ATOM   576  C CB    . THR A 1 99  ? 2.158   12.168  1.834   1.00 6.55  ? 99  THR A CB    1 
ATOM   577  O OG1   . THR A 1 99  ? 0.802   12.263  1.383   1.00 11.04 ? 99  THR A OG1   1 
ATOM   578  C CG2   . THR A 1 99  ? 3.065   11.915  0.634   1.00 11.68 ? 99  THR A CG2   1 
ATOM   579  N N     . ILE A 1 100 ? 4.495   10.022  2.757   1.00 5.00  ? 100 ILE A N     1 
ATOM   580  C CA    . ILE A 1 100 ? 5.896   9.879   3.131   1.00 5.35  ? 100 ILE A CA    1 
ATOM   581  C C     . ILE A 1 100 ? 6.732   9.333   1.972   1.00 7.10  ? 100 ILE A C     1 
ATOM   582  O O     . ILE A 1 100 ? 6.257   8.511   1.189   1.00 5.32  ? 100 ILE A O     1 
ATOM   583  C CB    . ILE A 1 100 ? 6.059   8.997   4.398   1.00 7.28  ? 100 ILE A CB    1 
ATOM   584  C CG1   . ILE A 1 100 ? 7.487   9.082   4.947   1.00 9.45  ? 100 ILE A CG1   1 
ATOM   585  C CG2   . ILE A 1 100 ? 5.651   7.547   4.115   1.00 7.38  ? 100 ILE A CG2   1 
ATOM   586  C CD1   . ILE A 1 100 ? 7.644   8.488   6.336   1.00 12.87 ? 100 ILE A CD1   1 
ATOM   587  N N     . ASP A 1 101 ? 7.965   9.819   1.850   1.00 6.61  ? 101 ASP A N     1 
ATOM   588  C CA    . ASP A 1 101 ? 8.907   9.265   0.882   1.00 6.28  ? 101 ASP A CA    1 
ATOM   589  C C     . ASP A 1 101 ? 9.727   8.168   1.540   1.00 12.74 ? 101 ASP A C     1 
ATOM   590  O O     . ASP A 1 101 ? 10.383  8.393   2.557   1.00 6.19  ? 101 ASP A O     1 
ATOM   591  C CB    . ASP A 1 101 ? 9.841   10.344  0.330   1.00 5.72  ? 101 ASP A CB    1 
ATOM   592  C CG    . ASP A 1 101 ? 9.111   11.373  -0.512  1.00 27.10 ? 101 ASP A CG    1 
ATOM   593  O OD1   . ASP A 1 101 ? 7.892   11.213  -0.737  1.00 12.57 ? 101 ASP A OD1   1 
ATOM   594  O OD2   . ASP A 1 101 ? 9.763   12.340  -0.959  1.00 12.93 ? 101 ASP A OD2   1 
ATOM   595  N N     . ILE A 1 102 ? 9.690   6.980   0.952   1.00 4.28  ? 102 ILE A N     1 
ATOM   596  C CA    . ILE A 1 102 ? 10.380  5.829   1.522   1.00 6.27  ? 102 ILE A CA    1 
ATOM   597  C C     . ILE A 1 102 ? 11.080  5.034   0.421   1.00 6.09  ? 102 ILE A C     1 
ATOM   598  O O     . ILE A 1 102 ? 10.546  4.874   -0.679  1.00 4.69  ? 102 ILE A O     1 
ATOM   599  C CB    . ILE A 1 102 ? 9.393   4.933   2.317   1.00 5.97  ? 102 ILE A CB    1 
ATOM   600  C CG1   . ILE A 1 102 ? 10.119  3.788   3.022   1.00 4.15  ? 102 ILE A CG1   1 
ATOM   601  C CG2   . ILE A 1 102 ? 8.282   4.400   1.419   1.00 7.21  ? 102 ILE A CG2   1 
ATOM   602  C CD1   . ILE A 1 102 ? 9.232   3.033   4.007   1.00 3.60  ? 102 ILE A CD1   1 
ATOM   603  N N     . LEU A 1 103 ? 12.287  4.556   0.706   1.00 4.95  ? 103 LEU A N     1 
ATOM   604  C CA    . LEU A 1 103 ? 13.022  3.768   -0.281  1.00 2.13  ? 103 LEU A CA    1 
ATOM   605  C C     . LEU A 1 103 ? 12.387  2.390   -0.428  1.00 7.09  ? 103 LEU A C     1 
ATOM   606  O O     . LEU A 1 103 ? 12.311  1.628   0.535   1.00 5.44  ? 103 LEU A O     1 
ATOM   607  C CB    . LEU A 1 103 ? 14.493  3.635   0.112   1.00 6.84  ? 103 LEU A CB    1 
ATOM   608  C CG    . LEU A 1 103 ? 15.410  2.990   -0.931  1.00 8.08  ? 103 LEU A CG    1 
ATOM   609  C CD1   . LEU A 1 103 ? 15.491  3.851   -2.187  1.00 6.95  ? 103 LEU A CD1   1 
ATOM   610  C CD2   . LEU A 1 103 ? 16.798  2.750   -0.353  1.00 9.12  ? 103 LEU A CD2   1 
ATOM   611  N N     . ASN A 1 104 ? 11.918  2.083   -1.632  1.00 5.33  ? 104 ASN A N     1 
ATOM   612  C CA    . ASN A 1 104 ? 11.328  0.778   -1.917  1.00 1.21  ? 104 ASN A CA    1 
ATOM   613  C C     . ASN A 1 104 ? 12.116  0.044   -2.992  1.00 5.43  ? 104 ASN A C     1 
ATOM   614  O O     . ASN A 1 104 ? 12.966  0.631   -3.652  1.00 2.93  ? 104 ASN A O     1 
ATOM   615  C CB    . ASN A 1 104 ? 9.871   0.912   -2.365  1.00 6.61  ? 104 ASN A CB    1 
ATOM   616  C CG    . ASN A 1 104 ? 8.896   1.050   -1.203  1.00 7.98  ? 104 ASN A CG    1 
ATOM   617  O OD1   . ASN A 1 104 ? 7.714   1.292   -1.421  1.00 4.73  ? 104 ASN A OD1   1 
ATOM   618  N ND2   . ASN A 1 104 ? 9.383   0.896   0.029   1.00 2.31  ? 104 ASN A ND2   1 
ATOM   619  N N     . TYR A 1 105 ? 11.820  -1.239  -3.175  1.00 2.55  ? 105 TYR A N     1 
ATOM   620  C CA    . TYR A 1 105 ? 12.572  -2.068  -4.109  1.00 2.71  ? 105 TYR A CA    1 
ATOM   621  C C     . TYR A 1 105 ? 11.650  -2.902  -4.983  1.00 6.38  ? 105 TYR A C     1 
ATOM   622  O O     . TYR A 1 105 ? 10.596  -3.363  -4.531  1.00 3.56  ? 105 TYR A O     1 
ATOM   623  C CB    . TYR A 1 105 ? 13.496  -3.017  -3.348  1.00 4.63  ? 105 TYR A CB    1 
ATOM   624  C CG    . TYR A 1 105 ? 14.630  -2.355  -2.598  1.00 2.37  ? 105 TYR A CG    1 
ATOM   625  C CD1   . TYR A 1 105 ? 14.402  -1.679  -1.407  1.00 3.38  ? 105 TYR A CD1   1 
ATOM   626  C CD2   . TYR A 1 105 ? 15.936  -2.436  -3.067  1.00 1.38  ? 105 TYR A CD2   1 
ATOM   627  C CE1   . TYR A 1 105 ? 15.441  -1.081  -0.716  1.00 3.19  ? 105 TYR A CE1   1 
ATOM   628  C CE2   . TYR A 1 105 ? 16.981  -1.845  -2.380  1.00 9.18  ? 105 TYR A CE2   1 
ATOM   629  C CZ    . TYR A 1 105 ? 16.727  -1.171  -1.205  1.00 8.67  ? 105 TYR A CZ    1 
ATOM   630  O OH    . TYR A 1 105 ? 17.758  -0.583  -0.515  1.00 8.01  ? 105 TYR A OH    1 
ATOM   631  N N     . ARG A 1 106 ? 12.062  -3.110  -6.230  1.00 1.52  ? 106 ARG A N     1 
ATOM   632  C CA    . ARG A 1 106 ? 11.352  -4.009  -7.131  1.00 0.85  ? 106 ARG A CA    1 
ATOM   633  C C     . ARG A 1 106 ? 11.831  -5.435  -6.904  1.00 2.61  ? 106 ARG A C     1 
ATOM   634  O O     . ARG A 1 106 ? 12.826  -5.657  -6.210  1.00 6.97  ? 106 ARG A O     1 
ATOM   635  C CB    . ARG A 1 106 ? 11.589  -3.608  -8.588  1.00 1.26  ? 106 ARG A CB    1 
ATOM   636  C CG    . ARG A 1 106 ? 11.249  -2.158  -8.881  1.00 5.67  ? 106 ARG A CG    1 
ATOM   637  C CD    . ARG A 1 106 ? 11.506  -1.797  -10.336 1.00 9.22  ? 106 ARG A CD    1 
ATOM   638  N NE    . ARG A 1 106 ? 11.131  -0.413  -10.608 1.00 7.25  ? 106 ARG A NE    1 
ATOM   639  C CZ    . ARG A 1 106 ? 11.966  0.619   -10.529 1.00 13.82 ? 106 ARG A CZ    1 
ATOM   640  N NH1   . ARG A 1 106 ? 13.235  0.425   -10.197 1.00 6.39  ? 106 ARG A NH1   1 
ATOM   641  N NH2   . ARG A 1 106 ? 11.533  1.845   -10.791 1.00 9.44  ? 106 ARG A NH2   1 
ATOM   642  N N     . LYS A 1 107 ? 11.123  -6.395  -7.493  1.00 2.18  ? 107 LYS A N     1 
ATOM   643  C CA    . LYS A 1 107 ? 11.490  -7.803  -7.383  1.00 8.80  ? 107 LYS A CA    1 
ATOM   644  C C     . LYS A 1 107 ? 12.930  -8.060  -7.830  1.00 7.22  ? 107 LYS A C     1 
ATOM   645  O O     . LYS A 1 107 ? 13.618  -8.899  -7.252  1.00 7.55  ? 107 LYS A O     1 
ATOM   646  C CB    . LYS A 1 107 ? 10.521  -8.684  -8.180  1.00 6.56  ? 107 LYS A CB    1 
ATOM   647  C CG    . LYS A 1 107 ? 10.796  -10.177 -8.037  1.00 13.51 ? 107 LYS A CG    1 
ATOM   648  C CD    . LYS A 1 107 ? 9.698   -11.020 -8.663  1.00 16.34 ? 107 LYS A CD    1 
ATOM   649  C CE    . LYS A 1 107 ? 9.935   -12.504 -8.409  1.00 22.61 ? 107 LYS A CE    1 
ATOM   650  N NZ    . LYS A 1 107 ? 8.878   -13.352 -9.030  1.00 21.07 ? 107 LYS A NZ    1 
ATOM   651  N N     . ASP A 1 108 ? 13.388  -7.324  -8.842  1.00 6.13  ? 108 ASP A N     1 
ATOM   652  C CA    . ASP A 1 108 ? 14.746  -7.510  -9.359  1.00 6.76  ? 108 ASP A CA    1 
ATOM   653  C C     . ASP A 1 108 ? 15.823  -6.871  -8.478  1.00 11.30 ? 108 ASP A C     1 
ATOM   654  O O     . ASP A 1 108 ? 17.016  -6.951  -8.775  1.00 7.40  ? 108 ASP A O     1 
ATOM   655  C CB    . ASP A 1 108 ? 14.856  -7.033  -10.818 1.00 11.23 ? 108 ASP A CB    1 
ATOM   656  C CG    . ASP A 1 108 ? 14.785  -5.514  -10.962 1.00 18.06 ? 108 ASP A CG    1 
ATOM   657  O OD1   . ASP A 1 108 ? 14.495  -4.807  -9.974  1.00 14.06 ? 108 ASP A OD1   1 
ATOM   658  O OD2   . ASP A 1 108 ? 15.012  -5.025  -12.089 1.00 16.67 ? 108 ASP A OD2   1 
ATOM   659  N N     . GLY A 1 109 ? 15.393  -6.233  -7.394  1.00 4.49  ? 109 GLY A N     1 
ATOM   660  C CA    . GLY A 1 109 ? 16.322  -5.665  -6.433  1.00 3.41  ? 109 GLY A CA    1 
ATOM   661  C C     . GLY A 1 109 ? 16.682  -4.215  -6.693  1.00 6.27  ? 109 GLY A C     1 
ATOM   662  O O     . GLY A 1 109 ? 17.420  -3.610  -5.916  1.00 9.64  ? 109 GLY A O     1 
ATOM   663  N N     . SER A 1 110 ? 16.170  -3.653  -7.784  1.00 7.83  ? 110 SER A N     1 
ATOM   664  C CA    . SER A 1 110 ? 16.413  -2.244  -8.076  1.00 6.74  ? 110 SER A CA    1 
ATOM   665  C C     . SER A 1 110 ? 15.610  -1.363  -7.120  1.00 11.59 ? 110 SER A C     1 
ATOM   666  O O     . SER A 1 110 ? 14.481  -1.693  -6.756  1.00 5.48  ? 110 SER A O     1 
ATOM   667  C CB    . SER A 1 110 ? 16.079  -1.912  -9.532  1.00 7.46  ? 110 SER A CB    1 
ATOM   668  O OG    . SER A 1 110 ? 14.723  -2.197  -9.831  1.00 10.23 ? 110 SER A OG    1 
ATOM   669  N N     . ALA A 1 111 ? 16.201  -0.246  -6.713  1.00 8.67  ? 111 ALA A N     1 
ATOM   670  C CA    . ALA A 1 111 ? 15.592  0.623   -5.712  1.00 10.32 ? 111 ALA A CA    1 
ATOM   671  C C     . ALA A 1 111 ? 14.981  1.874   -6.333  1.00 14.01 ? 111 ALA A C     1 
ATOM   672  O O     . ALA A 1 111 ? 15.443  2.361   -7.367  1.00 11.01 ? 111 ALA A O     1 
ATOM   673  C CB    . ALA A 1 111 ? 16.622  1.007   -4.649  1.00 6.84  ? 111 ALA A CB    1 
ATOM   674  N N     . PHE A 1 112 ? 13.936  2.388   -5.693  1.00 6.84  ? 112 PHE A N     1 
ATOM   675  C CA    . PHE A 1 112 ? 13.314  3.639   -6.108  1.00 4.89  ? 112 PHE A CA    1 
ATOM   676  C C     . PHE A 1 112 ? 12.722  4.359   -4.901  1.00 6.70  ? 112 PHE A C     1 
ATOM   677  O O     . PHE A 1 112 ? 12.284  3.722   -3.943  1.00 6.30  ? 112 PHE A O     1 
ATOM   678  C CB    . PHE A 1 112 ? 12.243  3.399   -7.179  1.00 5.78  ? 112 PHE A CB    1 
ATOM   679  C CG    . PHE A 1 112 ? 11.075  2.565   -6.710  1.00 7.22  ? 112 PHE A CG    1 
ATOM   680  C CD1   . PHE A 1 112 ? 11.149  1.182   -6.706  1.00 13.76 ? 112 PHE A CD1   1 
ATOM   681  C CD2   . PHE A 1 112 ? 9.893   3.167   -6.303  1.00 8.21  ? 112 PHE A CD2   1 
ATOM   682  C CE1   . PHE A 1 112 ? 10.075  0.415   -6.286  1.00 8.34  ? 112 PHE A CE1   1 
ATOM   683  C CE2   . PHE A 1 112 ? 8.812   2.404   -5.885  1.00 4.79  ? 112 PHE A CE2   1 
ATOM   684  C CZ    . PHE A 1 112 ? 8.903   1.028   -5.876  1.00 10.96 ? 112 PHE A CZ    1 
ATOM   685  N N     . VAL A 1 113 ? 12.735  5.686   -4.935  1.00 4.21  ? 113 VAL A N     1 
ATOM   686  C CA    . VAL A 1 113 ? 12.080  6.459   -3.886  1.00 5.36  ? 113 VAL A CA    1 
ATOM   687  C C     . VAL A 1 113 ? 10.583  6.511   -4.160  1.00 7.28  ? 113 VAL A C     1 
ATOM   688  O O     . VAL A 1 113 ? 10.141  6.993   -5.203  1.00 9.28  ? 113 VAL A O     1 
ATOM   689  C CB    . VAL A 1 113 ? 12.631  7.886   -3.774  1.00 7.60  ? 113 VAL A CB    1 
ATOM   690  C CG1   . VAL A 1 113 ? 11.839  8.669   -2.737  1.00 5.18  ? 113 VAL A CG1   1 
ATOM   691  C CG2   . VAL A 1 113 ? 14.112  7.855   -3.407  1.00 14.93 ? 113 VAL A CG2   1 
ATOM   692  N N     . ASN A 1 114 ? 9.811   6.007   -3.211  1.00 6.46  ? 114 ASN A N     1 
ATOM   693  C CA    . ASN A 1 114 ? 8.372   5.895   -3.366  1.00 6.07  ? 114 ASN A CA    1 
ATOM   694  C C     . ASN A 1 114 ? 7.640   6.948   -2.537  1.00 6.43  ? 114 ASN A C     1 
ATOM   695  O O     . ASN A 1 114 ? 7.785   6.990   -1.315  1.00 9.36  ? 114 ASN A O     1 
ATOM   696  C CB    . ASN A 1 114 ? 7.932   4.493   -2.945  1.00 7.84  ? 114 ASN A CB    1 
ATOM   697  C CG    . ASN A 1 114 ? 6.529   4.155   -3.399  1.00 32.76 ? 114 ASN A CG    1 
ATOM   698  O OD1   . ASN A 1 114 ? 5.964   4.820   -4.267  1.00 20.84 ? 114 ASN A OD1   1 
ATOM   699  N ND2   . ASN A 1 114 ? 5.960   3.105   -2.819  1.00 21.82 ? 114 ASN A ND2   1 
ATOM   700  N N     . ARG A 1 115 ? 6.873   7.810   -3.199  1.00 9.74  ? 115 ARG A N     1 
ATOM   701  C CA    . ARG A 1 115 ? 6.007   8.743   -2.483  1.00 4.46  ? 115 ARG A CA    1 
ATOM   702  C C     . ARG A 1 115 ? 4.682   8.065   -2.182  1.00 9.31  ? 115 ARG A C     1 
ATOM   703  O O     . ARG A 1 115 ? 3.849   7.870   -3.067  1.00 11.11 ? 115 ARG A O     1 
ATOM   704  C CB    . ARG A 1 115 ? 5.780   10.030  -3.272  1.00 5.88  ? 115 ARG A CB    1 
ATOM   705  C CG    . ARG A 1 115 ? 4.890   11.034  -2.540  1.00 7.13  ? 115 ARG A CG    1 
ATOM   706  C CD    . ARG A 1 115 ? 5.218   12.456  -2.958  1.00 11.83 ? 115 ARG A CD    1 
ATOM   707  N NE    . ARG A 1 115 ? 6.595   12.801  -2.614  1.00 18.06 ? 115 ARG A NE    1 
ATOM   708  C CZ    . ARG A 1 115 ? 7.269   13.814  -3.149  1.00 26.56 ? 115 ARG A CZ    1 
ATOM   709  N NH1   . ARG A 1 115 ? 6.699   14.584  -4.065  1.00 21.49 ? 115 ARG A NH1   1 
ATOM   710  N NH2   . ARG A 1 115 ? 8.520   14.051  -2.772  1.00 22.47 ? 115 ARG A NH2   1 
ATOM   711  N N     . LEU A 1 116 ? 4.504   7.702   -0.921  1.00 5.13  ? 116 LEU A N     1 
ATOM   712  C CA    . LEU A 1 116 ? 3.368   6.910   -0.489  1.00 3.99  ? 116 LEU A CA    1 
ATOM   713  C C     . LEU A 1 116 ? 2.322   7.810   0.155   1.00 10.63 ? 116 LEU A C     1 
ATOM   714  O O     . LEU A 1 116 ? 2.633   8.544   1.087   1.00 8.17  ? 116 LEU A O     1 
ATOM   715  C CB    . LEU A 1 116 ? 3.866   5.863   0.507   1.00 9.80  ? 116 LEU A CB    1 
ATOM   716  C CG    . LEU A 1 116 ? 2.896   4.925   1.215   1.00 20.68 ? 116 LEU A CG    1 
ATOM   717  C CD1   . LEU A 1 116 ? 2.041   4.174   0.214   1.00 18.79 ? 116 LEU A CD1   1 
ATOM   718  C CD2   . LEU A 1 116 ? 3.692   3.958   2.080   1.00 16.05 ? 116 LEU A CD2   1 
ATOM   719  N N     . ARG A 1 117 ? 1.094   7.765   -0.357  1.00 2.58  ? 117 ARG A N     1 
ATOM   720  C CA    . ARG A 1 117 ? -0.016  8.523   0.212   1.00 4.30  ? 117 ARG A CA    1 
ATOM   721  C C     . ARG A 1 117 ? -1.078  7.567   0.737   1.00 13.46 ? 117 ARG A C     1 
ATOM   722  O O     . ARG A 1 117 ? -1.641  6.779   -0.023  1.00 12.48 ? 117 ARG A O     1 
ATOM   723  C CB    . ARG A 1 117 ? -0.654  9.430   -0.840  1.00 15.28 ? 117 ARG A CB    1 
ATOM   724  C CG    . ARG A 1 117 ? 0.292   10.400  -1.498  1.00 34.82 ? 117 ARG A CG    1 
ATOM   725  C CD    . ARG A 1 117 ? -0.357  11.020  -2.724  1.00 28.55 ? 117 ARG A CD    1 
ATOM   726  N NE    . ARG A 1 117 ? 0.596   11.795  -3.509  1.00 45.92 ? 117 ARG A NE    1 
ATOM   727  C CZ    . ARG A 1 117 ? 1.491   11.259  -4.331  1.00 34.43 ? 117 ARG A CZ    1 
ATOM   728  N NH1   . ARG A 1 117 ? 1.563   9.940   -4.471  1.00 23.53 ? 117 ARG A NH1   1 
ATOM   729  N NH2   . ARG A 1 117 ? 2.323   12.040  -5.010  1.00 31.14 ? 117 ARG A NH2   1 
ATOM   730  N N     . ILE A 1 118 ? -1.365  7.650   2.032   1.00 3.37  ? 118 ILE A N     1 
ATOM   731  C CA    . ILE A 1 118 ? -2.278  6.704   2.666   1.00 3.91  ? 118 ILE A CA    1 
ATOM   732  C C     . ILE A 1 118 ? -3.432  7.424   3.356   1.00 6.01  ? 118 ILE A C     1 
ATOM   733  O O     . ILE A 1 118 ? -3.238  8.476   3.971   1.00 6.73  ? 118 ILE A O     1 
ATOM   734  C CB    . ILE A 1 118 ? -1.522  5.796   3.667   1.00 5.55  ? 118 ILE A CB    1 
ATOM   735  C CG1   . ILE A 1 118 ? -0.481  4.955   2.926   1.00 7.15  ? 118 ILE A CG1   1 
ATOM   736  C CG2   . ILE A 1 118 ? -2.489  4.896   4.433   1.00 5.29  ? 118 ILE A CG2   1 
ATOM   737  C CD1   . ILE A 1 118 ? 0.353   4.060   3.821   1.00 9.28  ? 118 ILE A CD1   1 
ATOM   738  N N     . ARG A 1 119 ? -4.632  6.862   3.234   1.00 6.55  ? 119 ARG A N     1 
ATOM   739  C CA    . ARG A 1 119 ? -5.808  7.391   3.913   1.00 5.59  ? 119 ARG A CA    1 
ATOM   740  C C     . ARG A 1 119 ? -6.733  6.256   4.358   1.00 9.18  ? 119 ARG A C     1 
ATOM   741  O O     . ARG A 1 119 ? -6.814  5.216   3.701   1.00 4.72  ? 119 ARG A O     1 
ATOM   742  C CB    . ARG A 1 119 ? -6.562  8.362   3.001   1.00 9.44  ? 119 ARG A CB    1 
ATOM   743  C CG    . ARG A 1 119 ? -7.233  7.693   1.821   1.00 14.89 ? 119 ARG A CG    1 
ATOM   744  C CD    . ARG A 1 119 ? -7.919  8.701   0.915   1.00 31.21 ? 119 ARG A CD    1 
ATOM   745  N NE    . ARG A 1 119 ? -8.821  8.042   -0.025  1.00 48.57 ? 119 ARG A NE    1 
ATOM   746  C CZ    . ARG A 1 119 ? -8.440  7.509   -1.182  1.00 35.93 ? 119 ARG A CZ    1 
ATOM   747  N NH1   . ARG A 1 119 ? -7.166  7.555   -1.553  1.00 34.84 ? 119 ARG A NH1   1 
ATOM   748  N NH2   . ARG A 1 119 ? -9.335  6.927   -1.968  1.00 40.15 ? 119 ARG A NH2   1 
ATOM   749  N N     . PRO A 1 120 ? -7.426  6.449   5.489   1.00 12.03 ? 120 PRO A N     1 
ATOM   750  C CA    . PRO A 1 120 ? -8.378  5.452   5.985   1.00 6.56  ? 120 PRO A CA    1 
ATOM   751  C C     . PRO A 1 120 ? -9.732  5.560   5.288   1.00 6.91  ? 120 PRO A C     1 
ATOM   752  O O     . PRO A 1 120 ? -10.138 6.652   4.894   1.00 9.78  ? 120 PRO A O     1 
ATOM   753  C CB    . PRO A 1 120 ? -8.518  5.824   7.462   1.00 9.04  ? 120 PRO A CB    1 
ATOM   754  C CG    . PRO A 1 120 ? -8.314  7.302   7.479   1.00 6.57  ? 120 PRO A CG    1 
ATOM   755  C CD    . PRO A 1 120 ? -7.278  7.583   6.421   1.00 10.22 ? 120 PRO A CD    1 
ATOM   756  N N     . ILE A 1 121 ? -10.410 4.429   5.131   1.00 9.42  ? 121 ILE A N     1 
ATOM   757  C CA    A ILE A 1 121 ? -11.757 4.412   4.577   0.52 7.59  ? 121 ILE A CA    1 
ATOM   758  C CA    B ILE A 1 121 ? -11.755 4.395   4.568   0.48 7.61  ? 121 ILE A CA    1 
ATOM   759  C C     . ILE A 1 121 ? -12.703 3.745   5.573   1.00 9.30  ? 121 ILE A C     1 
ATOM   760  O O     . ILE A 1 121 ? -12.413 2.671   6.097   1.00 8.25  ? 121 ILE A O     1 
ATOM   761  C CB    A ILE A 1 121 ? -11.808 3.684   3.219   0.52 8.93  ? 121 ILE A CB    1 
ATOM   762  C CB    B ILE A 1 121 ? -11.794 3.597   3.246   0.48 8.89  ? 121 ILE A CB    1 
ATOM   763  C CG1   A ILE A 1 121 ? -10.888 4.378   2.211   0.52 8.38  ? 121 ILE A CG1   1 
ATOM   764  C CG1   B ILE A 1 121 ? -10.726 4.104   2.274   0.48 9.67  ? 121 ILE A CG1   1 
ATOM   765  C CG2   A ILE A 1 121 ? -13.236 3.633   2.690   0.52 9.98  ? 121 ILE A CG2   1 
ATOM   766  C CG2   B ILE A 1 121 ? -13.177 3.667   2.615   0.48 9.97  ? 121 ILE A CG2   1 
ATOM   767  C CD1   A ILE A 1 121 ? -10.895 3.747   0.837   0.52 11.17 ? 121 ILE A CD1   1 
ATOM   768  C CD1   B ILE A 1 121 ? -10.956 5.516   1.793   0.48 7.17  ? 121 ILE A CD1   1 
ATOM   769  N N     . TYR A 1 122 ? -13.832 4.394   5.840   1.00 6.22  ? 122 TYR A N     1 
ATOM   770  C CA    . TYR A 1 122 ? -14.757 3.910   6.859   1.00 13.89 ? 122 TYR A CA    1 
ATOM   771  C C     . TYR A 1 122 ? -16.047 3.349   6.271   1.00 5.65  ? 122 TYR A C     1 
ATOM   772  O O     . TYR A 1 122 ? -16.441 3.712   5.161   1.00 7.45  ? 122 TYR A O     1 
ATOM   773  C CB    . TYR A 1 122 ? -15.080 5.037   7.846   1.00 14.22 ? 122 TYR A CB    1 
ATOM   774  C CG    . TYR A 1 122 ? -13.858 5.615   8.527   1.00 18.12 ? 122 TYR A CG    1 
ATOM   775  C CD1   . TYR A 1 122 ? -13.173 6.693   7.974   1.00 12.43 ? 122 TYR A CD1   1 
ATOM   776  C CD2   . TYR A 1 122 ? -13.386 5.080   9.718   1.00 15.35 ? 122 TYR A CD2   1 
ATOM   777  C CE1   . TYR A 1 122 ? -12.055 7.221   8.590   1.00 17.75 ? 122 TYR A CE1   1 
ATOM   778  C CE2   . TYR A 1 122 ? -12.268 5.602   10.342  1.00 27.23 ? 122 TYR A CE2   1 
ATOM   779  C CZ    . TYR A 1 122 ? -11.607 6.672   9.774   1.00 16.43 ? 122 TYR A CZ    1 
ATOM   780  O OH    . TYR A 1 122 ? -10.497 7.193   10.393  1.00 22.95 ? 122 TYR A OH    1 
ATOM   781  N N     . ASP A 1 123 ? -16.695 2.459   7.021   1.00 7.02  ? 123 ASP A N     1 
ATOM   782  C CA    . ASP A 1 123 ? -18.016 1.962   6.651   1.00 6.33  ? 123 ASP A CA    1 
ATOM   783  C C     . ASP A 1 123 ? -19.070 2.972   7.120   1.00 10.58 ? 123 ASP A C     1 
ATOM   784  O O     . ASP A 1 123 ? -18.748 3.862   7.910   1.00 15.17 ? 123 ASP A O     1 
ATOM   785  C CB    . ASP A 1 123 ? -18.261 0.547   7.218   1.00 11.10 ? 123 ASP A CB    1 
ATOM   786  C CG    . ASP A 1 123 ? -18.136 0.473   8.734   1.00 29.94 ? 123 ASP A CG    1 
ATOM   787  O OD1   . ASP A 1 123 ? -18.387 1.480   9.427   1.00 21.25 ? 123 ASP A OD1   1 
ATOM   788  O OD2   . ASP A 1 123 ? -17.794 -0.619  9.239   1.00 27.45 ? 123 ASP A OD2   1 
ATOM   789  N N     . PRO A 1 124 ? -20.319 2.857   6.625   1.00 11.62 ? 124 PRO A N     1 
ATOM   790  C CA    . PRO A 1 124 ? -21.376 3.795   7.032   1.00 10.06 ? 124 PRO A CA    1 
ATOM   791  C C     . PRO A 1 124 ? -21.574 3.887   8.545   1.00 14.70 ? 124 PRO A C     1 
ATOM   792  O O     . PRO A 1 124 ? -22.114 4.878   9.032   1.00 24.52 ? 124 PRO A O     1 
ATOM   793  C CB    . PRO A 1 124 ? -22.624 3.203   6.381   1.00 16.92 ? 124 PRO A CB    1 
ATOM   794  C CG    . PRO A 1 124 ? -22.110 2.553   5.152   1.00 19.23 ? 124 PRO A CG    1 
ATOM   795  C CD    . PRO A 1 124 ? -20.773 1.976   5.532   1.00 16.54 ? 124 PRO A CD    1 
ATOM   796  N N     . GLU A 1 125 ? -21.135 2.866   9.274   1.00 11.26 ? 125 GLU A N     1 
ATOM   797  C CA    . GLU A 1 125 ? -21.254 2.849   10.726  1.00 11.73 ? 125 GLU A CA    1 
ATOM   798  C C     . GLU A 1 125 ? -20.211 3.764   11.363  1.00 27.22 ? 125 GLU A C     1 
ATOM   799  O O     . GLU A 1 125 ? -20.427 4.311   12.445  1.00 20.74 ? 125 GLU A O     1 
ATOM   800  C CB    . GLU A 1 125 ? -21.084 1.419   11.239  1.00 22.71 ? 125 GLU A CB    1 
ATOM   801  C CG    . GLU A 1 125 ? -21.784 1.122   12.550  1.00 25.84 ? 125 GLU A CG    1 
ATOM   802  C CD    . GLU A 1 125 ? -21.883 -0.367  12.817  1.00 24.22 ? 125 GLU A CD    1 
ATOM   803  O OE1   . GLU A 1 125 ? -21.668 -1.156  11.871  1.00 50.13 ? 125 GLU A OE1   1 
ATOM   804  O OE2   . GLU A 1 125 ? -22.176 -0.749  13.970  1.00 60.56 ? 125 GLU A OE2   1 
ATOM   805  N N     . GLY A 1 126 ? -19.081 3.932   10.681  1.00 24.31 ? 126 GLY A N     1 
ATOM   806  C CA    . GLY A 1 126 ? -18.003 4.766   11.178  1.00 25.80 ? 126 GLY A CA    1 
ATOM   807  C C     . GLY A 1 126 ? -16.792 3.956   11.602  1.00 16.59 ? 126 GLY A C     1 
ATOM   808  O O     . GLY A 1 126 ? -15.823 4.502   12.124  1.00 20.59 ? 126 GLY A O     1 
ATOM   809  N N     . ASN A 1 127 ? -16.855 2.646   11.383  1.00 18.49 ? 127 ASN A N     1 
ATOM   810  C CA    . ASN A 1 127 ? -15.741 1.763   11.699  1.00 27.36 ? 127 ASN A CA    1 
ATOM   811  C C     . ASN A 1 127 ? -14.722 1.751   10.566  1.00 27.18 ? 127 ASN A C     1 
ATOM   812  O O     . ASN A 1 127 ? -15.087 1.857   9.396   1.00 10.29 ? 127 ASN A O     1 
ATOM   813  C CB    . ASN A 1 127 ? -16.236 0.338   11.958  1.00 20.29 ? 127 ASN A CB    1 
ATOM   814  C CG    . ASN A 1 127 ? -17.241 0.263   13.090  1.00 42.37 ? 127 ASN A CG    1 
ATOM   815  O OD1   . ASN A 1 127 ? -17.157 1.013   14.062  1.00 37.38 ? 127 ASN A OD1   1 
ATOM   816  N ND2   . ASN A 1 127 ? -18.200 -0.649  12.970  1.00 28.04 ? 127 ASN A ND2   1 
ATOM   817  N N     . LEU A 1 128 ? -13.448 1.626   10.922  1.00 17.34 ? 128 LEU A N     1 
ATOM   818  C CA    . LEU A 1 128 ? -12.382 1.523   9.933   1.00 12.04 ? 128 LEU A CA    1 
ATOM   819  C C     . LEU A 1 128 ? -12.584 0.276   9.079   1.00 8.12  ? 128 LEU A C     1 
ATOM   820  O O     . LEU A 1 128 ? -12.748 -0.824  9.603   1.00 11.36 ? 128 LEU A O     1 
ATOM   821  C CB    . LEU A 1 128 ? -11.016 1.483   10.621  1.00 9.80  ? 128 LEU A CB    1 
ATOM   822  C CG    . LEU A 1 128 ? -9.800  1.323   9.704   1.00 12.30 ? 128 LEU A CG    1 
ATOM   823  C CD1   . LEU A 1 128 ? -9.651  2.531   8.784   1.00 7.39  ? 128 LEU A CD1   1 
ATOM   824  C CD2   . LEU A 1 128 ? -8.537  1.099   10.520  1.00 9.42  ? 128 LEU A CD2   1 
ATOM   825  N N     . MET A 1 129 ? -12.571 0.452   7.764   1.00 8.54  ? 129 MET A N     1 
ATOM   826  C CA    . MET A 1 129 ? -12.881 -0.638  6.847   1.00 10.04 ? 129 MET A CA    1 
ATOM   827  C C     . MET A 1 129 ? -11.669 -1.057  6.023   1.00 9.79  ? 129 MET A C     1 
ATOM   828  O O     . MET A 1 129 ? -11.306 -2.232  5.994   1.00 6.41  ? 129 MET A O     1 
ATOM   829  C CB    . MET A 1 129 ? -14.013 -0.213  5.916   1.00 8.12  ? 129 MET A CB    1 
ATOM   830  C CG    . MET A 1 129 ? -14.743 -1.355  5.251   1.00 31.09 ? 129 MET A CG    1 
ATOM   831  S SD    . MET A 1 129 ? -16.152 -0.752  4.302   1.00 28.06 ? 129 MET A SD    1 
ATOM   832  C CE    . MET A 1 129 ? -16.917 -2.307  3.852   1.00 35.50 ? 129 MET A CE    1 
ATOM   833  N N     . PHE A 1 130 ? -11.061 -0.091  5.340   1.00 3.90  ? 130 PHE A N     1 
ATOM   834  C CA    . PHE A 1 130 ? -9.869  -0.337  4.539   1.00 5.15  ? 130 PHE A CA    1 
ATOM   835  C C     . PHE A 1 130 ? -8.883  0.798   4.723   1.00 9.49  ? 130 PHE A C     1 
ATOM   836  O O     . PHE A 1 130 ? -9.237  1.863   5.224   1.00 6.11  ? 130 PHE A O     1 
ATOM   837  C CB    . PHE A 1 130 ? -10.210 -0.395  3.046   1.00 10.01 ? 130 PHE A CB    1 
ATOM   838  C CG    . PHE A 1 130 ? -11.347 -1.311  2.709   1.00 14.43 ? 130 PHE A CG    1 
ATOM   839  C CD1   . PHE A 1 130 ? -11.194 -2.683  2.777   1.00 18.80 ? 130 PHE A CD1   1 
ATOM   840  C CD2   . PHE A 1 130 ? -12.562 -0.795  2.286   1.00 17.56 ? 130 PHE A CD2   1 
ATOM   841  C CE1   . PHE A 1 130 ? -12.240 -3.527  2.455   1.00 30.46 ? 130 PHE A CE1   1 
ATOM   842  C CE2   . PHE A 1 130 ? -13.609 -1.632  1.959   1.00 28.68 ? 130 PHE A CE2   1 
ATOM   843  C CZ    . PHE A 1 130 ? -13.448 -2.999  2.045   1.00 18.04 ? 130 PHE A CZ    1 
ATOM   844  N N     . PHE A 1 131 ? -7.645  0.560   4.304   1.00 2.86  ? 131 PHE A N     1 
ATOM   845  C CA    . PHE A 1 131 ? -6.718  1.645   4.025   1.00 4.74  ? 131 PHE A CA    1 
ATOM   846  C C     . PHE A 1 131 ? -6.534  1.711   2.517   1.00 8.23  ? 131 PHE A C     1 
ATOM   847  O O     . PHE A 1 131 ? -6.478  0.678   1.844   1.00 9.50  ? 131 PHE A O     1 
ATOM   848  C CB    . PHE A 1 131 ? -5.362  1.409   4.693   1.00 1.23  ? 131 PHE A CB    1 
ATOM   849  C CG    . PHE A 1 131 ? -5.343  1.732   6.156   1.00 2.30  ? 131 PHE A CG    1 
ATOM   850  C CD1   . PHE A 1 131 ? -5.401  3.050   6.589   1.00 6.12  ? 131 PHE A CD1   1 
ATOM   851  C CD2   . PHE A 1 131 ? -5.247  0.724   7.098   1.00 4.85  ? 131 PHE A CD2   1 
ATOM   852  C CE1   . PHE A 1 131 ? -5.383  3.351   7.939   1.00 2.98  ? 131 PHE A CE1   1 
ATOM   853  C CE2   . PHE A 1 131 ? -5.224  1.019   8.451   1.00 4.67  ? 131 PHE A CE2   1 
ATOM   854  C CZ    . PHE A 1 131 ? -5.293  2.334   8.872   1.00 6.18  ? 131 PHE A CZ    1 
ATOM   855  N N     . ALA A 1 132 ? -6.449  2.923   1.987   1.00 2.09  ? 132 ALA A N     1 
ATOM   856  C CA    . ALA A 1 132 ? -6.167  3.115   0.573   1.00 5.78  ? 132 ALA A CA    1 
ATOM   857  C C     . ALA A 1 132 ? -4.805  3.767   0.431   1.00 9.98  ? 132 ALA A C     1 
ATOM   858  O O     . ALA A 1 132 ? -4.482  4.708   1.154   1.00 6.23  ? 132 ALA A O     1 
ATOM   859  C CB    . ALA A 1 132 ? -7.235  3.974   -0.073  1.00 5.74  ? 132 ALA A CB    1 
ATOM   860  N N     . GLY A 1 133 ? -4.004  3.256   -0.495  1.00 4.44  ? 133 GLY A N     1 
ATOM   861  C CA    . GLY A 1 133 ? -2.680  3.794   -0.734  1.00 6.72  ? 133 GLY A CA    1 
ATOM   862  C C     . GLY A 1 133 ? -2.482  4.140   -2.194  1.00 11.95 ? 133 GLY A C     1 
ATOM   863  O O     . GLY A 1 133 ? -2.848  3.372   -3.083  1.00 10.41 ? 133 GLY A O     1 
ATOM   864  N N     . ALA A 1 134 ? -1.915  5.312   -2.444  1.00 11.62 ? 134 ALA A N     1 
ATOM   865  C CA    . ALA A 1 134 ? -1.565  5.717   -3.797  1.00 11.30 ? 134 ALA A CA    1 
ATOM   866  C C     . ALA A 1 134 ? -0.068  5.992   -3.833  1.00 20.98 ? 134 ALA A C     1 
ATOM   867  O O     . ALA A 1 134 ? 0.436   6.798   -3.053  1.00 21.48 ? 134 ALA A O     1 
ATOM   868  C CB    . ALA A 1 134 ? -2.357  6.948   -4.213  1.00 12.51 ? 134 ALA A CB    1 
ATOM   869  N N     . GLN A 1 135 ? 0.642   5.305   -4.721  1.00 9.39  ? 135 GLN A N     1 
ATOM   870  C CA    . GLN A 1 135 ? 2.093   5.429   -4.790  1.00 13.36 ? 135 GLN A CA    1 
ATOM   871  C C     . GLN A 1 135 ? 2.561   5.992   -6.120  1.00 20.91 ? 135 GLN A C     1 
ATOM   872  O O     . GLN A 1 135 ? 1.904   5.823   -7.148  1.00 9.97  ? 135 GLN A O     1 
ATOM   873  C CB    . GLN A 1 135 ? 2.761   4.072   -4.575  1.00 20.84 ? 135 GLN A CB    1 
ATOM   874  C CG    . GLN A 1 135 ? 2.489   3.447   -3.231  1.00 46.81 ? 135 GLN A CG    1 
ATOM   875  C CD    . GLN A 1 135 ? 1.552   2.267   -3.324  1.00 22.78 ? 135 GLN A CD    1 
ATOM   876  O OE1   . GLN A 1 135 ? 1.038   1.953   -4.397  1.00 32.04 ? 135 GLN A OE1   1 
ATOM   877  N NE2   . GLN A 1 135 ? 1.326   1.604   -2.199  1.00 24.58 ? 135 GLN A NE2   1 
ATOM   878  N N     . ASN A 1 136 ? 3.709   6.658   -6.093  1.00 13.68 ? 136 ASN A N     1 
ATOM   879  C CA    . ASN A 1 136 ? 4.382   7.071   -7.315  1.00 23.55 ? 136 ASN A CA    1 
ATOM   880  C C     . ASN A 1 136 ? 5.861   7.307   -7.051  1.00 20.27 ? 136 ASN A C     1 
ATOM   881  O O     . ASN A 1 136 ? 6.232   7.858   -6.009  1.00 12.90 ? 136 ASN A O     1 
ATOM   882  C CB    . ASN A 1 136 ? 3.731   8.315   -7.924  1.00 22.56 ? 136 ASN A CB    1 
ATOM   883  C CG    . ASN A 1 136 ? 4.035   9.572   -7.145  1.00 23.76 ? 136 ASN A CG    1 
ATOM   884  O OD1   . ASN A 1 136 ? 3.446   9.820   -6.095  1.00 51.40 ? 136 ASN A OD1   1 
ATOM   885  N ND2   . ASN A 1 136 ? 4.954   10.381  -7.659  1.00 58.89 ? 136 ASN A ND2   1 
ATOM   886  N N     . PRO A 1 137 ? 6.714   6.869   -7.988  1.00 25.90 ? 137 PRO A N     1 
ATOM   887  C CA    . PRO A 1 137 ? 8.161   7.060   -7.868  1.00 13.52 ? 137 PRO A CA    1 
ATOM   888  C C     . PRO A 1 137 ? 8.502   8.536   -7.905  1.00 12.14 ? 137 PRO A C     1 
ATOM   889  O O     . PRO A 1 137 ? 7.949   9.273   -8.722  1.00 19.41 ? 137 PRO A O     1 
ATOM   890  C CB    . PRO A 1 137 ? 8.714   6.379   -9.127  1.00 17.43 ? 137 PRO A CB    1 
ATOM   891  C CG    . PRO A 1 137 ? 7.631   5.471   -9.595  1.00 36.22 ? 137 PRO A CG    1 
ATOM   892  C CD    . PRO A 1 137 ? 6.351   6.138   -9.213  1.00 29.53 ? 137 PRO A CD    1 
ATOM   893  N N     . VAL A 1 138 ? 9.399   8.961   -7.024  1.00 7.29  ? 138 VAL A N     1 
ATOM   894  C CA    . VAL A 1 138 ? 9.858   10.337  -7.027  1.00 9.34  ? 138 VAL A CA    1 
ATOM   895  C C     . VAL A 1 138 ? 11.051  10.456  -7.962  1.00 25.72 ? 138 VAL A C     1 
ATOM   896  O O     . VAL A 1 138 ? 12.024  9.716   -7.828  1.00 21.37 ? 138 VAL A O     1 
ATOM   897  C CB    . VAL A 1 138 ? 10.282  10.792  -5.622  1.00 13.85 ? 138 VAL A CB    1 
ATOM   898  C CG1   . VAL A 1 138 ? 10.854  12.202  -5.672  1.00 20.67 ? 138 VAL A CG1   1 
ATOM   899  C CG2   . VAL A 1 138 ? 9.108   10.717  -4.663  1.00 12.91 ? 138 VAL A CG2   1 
ATOM   900  N N     . LEU A 1 139 ? 10.972  11.380  -8.916  1.00 27.34 ? 139 LEU A N     1 
ATOM   901  C CA    . LEU A 1 139 ? 12.084  11.630  -9.828  1.00 53.05 ? 139 LEU A CA    1 
ATOM   902  C C     . LEU A 1 139 ? 12.167  13.102  -10.222 1.00 41.76 ? 139 LEU A C     1 
ATOM   903  O O     . LEU A 1 139 ? 11.874  13.986  -9.419  1.00 40.48 ? 139 LEU A O     1 
ATOM   904  C CB    . LEU A 1 139 ? 11.963  10.756  -11.077 1.00 46.44 ? 139 LEU A CB    1 
HETATM 905  N N1    . RBF B 2 .   ? 5.098   0.428   2.567   1.00 4.87  ? 500 RBF A N1    1 
HETATM 906  C C2    . RBF B 2 .   ? 6.004   0.570   1.568   1.00 7.39  ? 500 RBF A C2    1 
HETATM 907  O O2    . RBF B 2 .   ? 7.214   0.492   1.860   1.00 6.01  ? 500 RBF A O2    1 
HETATM 908  N N3    . RBF B 2 .   ? 5.652   0.794   0.285   1.00 1.75  ? 500 RBF A N3    1 
HETATM 909  C C4    . RBF B 2 .   ? 4.372   0.889   -0.096  1.00 6.55  ? 500 RBF A C4    1 
HETATM 910  O O4    . RBF B 2 .   ? 4.060   1.097   -1.289  1.00 4.13  ? 500 RBF A O4    1 
HETATM 911  C C4A   . RBF B 2 .   ? 3.319   0.743   0.939   1.00 3.00  ? 500 RBF A C4A   1 
HETATM 912  N N5    . RBF B 2 .   ? 2.005   0.828   0.638   1.00 5.39  ? 500 RBF A N5    1 
HETATM 913  C C5A   . RBF B 2 .   ? 1.067   0.698   1.603   1.00 3.56  ? 500 RBF A C5A   1 
HETATM 914  C C6    . RBF B 2 .   ? -0.275  0.797   1.265   1.00 1.06  ? 500 RBF A C6    1 
HETATM 915  C C7    . RBF B 2 .   ? -1.263  0.657   2.232   1.00 8.96  ? 500 RBF A C7    1 
HETATM 916  C C7M   . RBF B 2 .   ? -2.718  0.764   1.845   1.00 3.10  ? 500 RBF A C7M   1 
HETATM 917  C C8    . RBF B 2 .   ? -0.879  0.412   3.646   1.00 3.77  ? 500 RBF A C8    1 
HETATM 918  C C8M   . RBF B 2 .   ? -1.948  0.264   4.701   1.00 6.21  ? 500 RBF A C8M   1 
HETATM 919  C C9    . RBF B 2 .   ? 0.465   0.316   3.992   1.00 4.69  ? 500 RBF A C9    1 
HETATM 920  C C9A   . RBF B 2 .   ? 1.455   0.451   3.018   1.00 3.43  ? 500 RBF A C9A   1 
HETATM 921  N N10   . RBF B 2 .   ? 2.825   0.347   3.351   1.00 3.65  ? 500 RBF A N10   1 
HETATM 922  C C10   . RBF B 2 .   ? 3.773   0.500   2.326   1.00 2.36  ? 500 RBF A C10   1 
HETATM 923  C "C1'" . RBF B 2 .   ? 3.260   0.131   4.733   1.00 3.33  ? 500 RBF A "C1'" 1 
HETATM 924  C "C2'" . RBF B 2 .   ? 3.409   -1.327  5.141   1.00 4.72  ? 500 RBF A "C2'" 1 
HETATM 925  O "O2'" . RBF B 2 .   ? 2.333   -2.120  4.630   1.00 9.16  ? 500 RBF A "O2'" 1 
HETATM 926  C "C3'" . RBF B 2 .   ? 3.421   -1.389  6.664   1.00 5.84  ? 500 RBF A "C3'" 1 
HETATM 927  O "O3'" . RBF B 2 .   ? 2.194   -0.856  7.167   1.00 9.15  ? 500 RBF A "O3'" 1 
HETATM 928  C "C4'" . RBF B 2 .   ? 4.571   -0.556  7.217   1.00 15.28 ? 500 RBF A "C4'" 1 
HETATM 929  O "O4'" . RBF B 2 .   ? 5.795   -1.207  6.878   1.00 7.34  ? 500 RBF A "O4'" 1 
HETATM 930  C "C5'" . RBF B 2 .   ? 4.479   -0.379  8.732   1.00 13.39 ? 500 RBF A "C5'" 1 
HETATM 931  O "O5'" . RBF B 2 .   ? 4.406   -1.660  9.372   1.00 15.73 ? 500 RBF A "O5'" 1 
HETATM 932  O O     . HOH C 3 .   ? 9.877   -5.880  -3.287  1.00 7.27  ? 601 HOH A O     1 
HETATM 933  O O     . HOH C 3 .   ? 13.609  4.927   3.247   1.00 3.03  ? 602 HOH A O     1 
HETATM 934  O O     . HOH C 3 .   ? 12.475  7.302   4.243   1.00 8.67  ? 603 HOH A O     1 
HETATM 935  O O     . HOH C 3 .   ? -4.113  6.272   8.670   1.00 7.79  ? 604 HOH A O     1 
HETATM 936  O O     . HOH C 3 .   ? 10.301  -8.995  -11.973 1.00 16.81 ? 605 HOH A O     1 
HETATM 937  O O     . HOH C 3 .   ? -8.315  -9.634  -2.334  1.00 15.83 ? 606 HOH A O     1 
HETATM 938  O O     . HOH C 3 .   ? 17.536  8.150   9.766   1.00 14.21 ? 607 HOH A O     1 
HETATM 939  O O     . HOH C 3 .   ? 13.666  -10.160 -5.023  1.00 21.56 ? 608 HOH A O     1 
HETATM 940  O O     . HOH C 3 .   ? 12.597  -7.168  2.102   1.00 16.91 ? 609 HOH A O     1 
HETATM 941  O O     . HOH C 3 .   ? 11.098  -10.279 -3.958  1.00 17.73 ? 610 HOH A O     1 
HETATM 942  O O     . HOH C 3 .   ? 4.807   -7.580  -13.155 1.00 13.05 ? 611 HOH A O     1 
HETATM 943  O O     . HOH C 3 .   ? 10.153  -6.913  3.766   1.00 18.87 ? 612 HOH A O     1 
HETATM 944  O O     . HOH C 3 .   ? 11.641  -6.332  -11.107 1.00 8.94  ? 613 HOH A O     1 
HETATM 945  O O     . HOH C 3 .   ? 7.189   -2.978  7.838   1.00 27.22 ? 614 HOH A O     1 
HETATM 946  O O     . HOH C 3 .   ? 2.073   5.338   -10.037 1.00 31.09 ? 615 HOH A O     1 
HETATM 947  O O     . HOH C 3 .   ? 19.021  0.038   -7.687  1.00 26.83 ? 616 HOH A O     1 
HETATM 948  O O     . HOH C 3 .   ? -4.817  -5.750  -10.729 1.00 21.45 ? 617 HOH A O     1 
HETATM 949  O O     . HOH C 3 .   ? 20.095  -0.882  -1.398  1.00 20.56 ? 618 HOH A O     1 
HETATM 950  O O     . HOH C 3 .   ? -6.186  11.140  13.662  1.00 16.46 ? 619 HOH A O     1 
HETATM 951  O O     . HOH C 3 .   ? 6.549   -2.181  11.276  1.00 17.80 ? 620 HOH A O     1 
HETATM 952  O O     . HOH C 3 .   ? 0.297   -2.598  8.094   1.00 16.15 ? 621 HOH A O     1 
HETATM 953  O O     . HOH C 3 .   ? 4.567   -9.094  3.487   1.00 14.09 ? 622 HOH A O     1 
HETATM 954  O O     . HOH C 3 .   ? 16.458  5.288   2.809   1.00 12.30 ? 623 HOH A O     1 
HETATM 955  O O     . HOH C 3 .   ? 7.410   -13.510 -4.724  1.00 25.15 ? 624 HOH A O     1 
HETATM 956  O O     . HOH C 3 .   ? 21.428  -3.371  4.393   1.00 19.39 ? 625 HOH A O     1 
HETATM 957  O O     . HOH C 3 .   ? -3.738  -12.807 3.841   1.00 23.00 ? 626 HOH A O     1 
HETATM 958  O O     . HOH C 3 .   ? -5.209  2.652   16.316  1.00 30.12 ? 627 HOH A O     1 
HETATM 959  O O     . HOH C 3 .   ? 4.928   -9.098  7.042   1.00 25.58 ? 628 HOH A O     1 
HETATM 960  O O     . HOH C 3 .   ? 19.671  -2.122  -5.308  1.00 21.40 ? 629 HOH A O     1 
HETATM 961  O O     . HOH C 3 .   ? 8.372   -1.591  -14.800 1.00 19.45 ? 630 HOH A O     1 
HETATM 962  O O     . HOH C 3 .   ? -12.645 -4.582  6.431   1.00 24.41 ? 631 HOH A O     1 
HETATM 963  O O     . HOH C 3 .   ? 11.039  0.182   11.999  1.00 15.71 ? 632 HOH A O     1 
HETATM 964  O O     . HOH C 3 .   ? -6.431  -6.073  -14.844 1.00 35.01 ? 633 HOH A O     1 
HETATM 965  O O     . HOH C 3 .   ? 21.756  0.498   5.329   1.00 36.30 ? 634 HOH A O     1 
HETATM 966  O O     . HOH C 3 .   ? 16.707  -1.671  6.167   1.00 32.03 ? 635 HOH A O     1 
HETATM 967  O O     . HOH C 3 .   ? -4.599  7.481   -0.570  1.00 34.01 ? 636 HOH A O     1 
HETATM 968  O O     . HOH C 3 .   ? -3.679  -12.305 6.852   1.00 36.39 ? 637 HOH A O     1 
HETATM 969  O O     . HOH C 3 .   ? -11.667 -5.363  -7.545  1.00 22.55 ? 638 HOH A O     1 
HETATM 970  O O     . HOH C 3 .   ? -0.104  -3.763  3.793   1.00 22.92 ? 639 HOH A O     1 
HETATM 971  O O     . HOH C 3 .   ? 8.244   -0.405  12.817  1.00 28.65 ? 640 HOH A O     1 
HETATM 972  O O     . HOH C 3 .   ? -11.867 -2.903  -8.992  1.00 27.56 ? 641 HOH A O     1 
HETATM 973  O O     . HOH C 3 .   ? 6.463   12.718  1.003   1.00 13.52 ? 642 HOH A O     1 
HETATM 974  O O     . HOH C 3 .   ? 9.658   -9.652  2.781   1.00 20.99 ? 643 HOH A O     1 
HETATM 975  O O     . HOH C 3 .   ? -7.798  11.086  15.833  1.00 15.80 ? 644 HOH A O     1 
HETATM 976  O O     . HOH C 3 .   ? 4.402   1.595   -7.962  1.00 34.98 ? 645 HOH A O     1 
HETATM 977  O O     . HOH C 3 .   ? 22.875  -2.341  2.414   1.00 14.91 ? 646 HOH A O     1 
HETATM 978  O O     . HOH C 3 .   ? 5.401   3.623   -6.743  1.00 31.45 ? 647 HOH A O     1 
HETATM 979  O O     . HOH C 3 .   ? -4.582  -8.257  -13.107 1.00 42.59 ? 648 HOH A O     1 
HETATM 980  O O     . HOH C 3 .   ? 11.349  -5.596  5.753   1.00 37.70 ? 649 HOH A O     1 
HETATM 981  O O     . HOH C 3 .   ? 7.262   -11.794 -10.911 1.00 27.61 ? 650 HOH A O     1 
HETATM 982  O O     . HOH C 3 .   ? -2.274  -14.247 -3.450  1.00 31.29 ? 651 HOH A O     1 
HETATM 983  O O     . HOH C 3 .   ? -10.324 1.446   14.352  1.00 32.13 ? 652 HOH A O     1 
HETATM 984  O O     . HOH C 3 .   ? -12.824 1.224   13.694  1.00 30.52 ? 653 HOH A O     1 
HETATM 985  O O     . HOH C 3 .   ? 6.582   8.884   -11.246 1.00 31.07 ? 654 HOH A O     1 
HETATM 986  O O     . HOH C 3 .   ? -18.941 -2.485  10.787  1.00 27.13 ? 655 HOH A O     1 
HETATM 987  O O     . HOH C 3 .   ? -12.336 -8.535  6.775   1.00 30.94 ? 656 HOH A O     1 
HETATM 988  O O     . HOH C 3 .   ? 2.351   -10.572 5.072   1.00 17.62 ? 657 HOH A O     1 
HETATM 989  O O     . HOH C 3 .   ? 0.097   0.019   12.289  1.00 27.67 ? 658 HOH A O     1 
HETATM 990  O O     . HOH C 3 .   ? 13.557  -0.654  7.795   1.00 31.35 ? 659 HOH A O     1 
HETATM 991  O O     . HOH C 3 .   ? -4.458  -14.596 -5.247  1.00 28.94 ? 660 HOH A O     1 
HETATM 992  O O     . HOH C 3 .   ? 0.939   -2.271  14.331  1.00 35.88 ? 661 HOH A O     1 
HETATM 993  O O     . HOH C 3 .   ? 2.422   -15.701 -10.258 1.00 18.82 ? 662 HOH A O     1 
HETATM 994  O O     . HOH C 3 .   ? -3.112  0.535   -13.205 1.00 13.55 ? 663 HOH A O     1 
HETATM 995  O O     . HOH C 3 .   ? 5.043   15.012  1.953   1.00 27.58 ? 664 HOH A O     1 
HETATM 996  O O     . HOH C 3 .   ? 23.104  -3.641  6.566   1.00 15.46 ? 665 HOH A O     1 
HETATM 997  O O     . HOH C 3 .   ? 12.052  -2.401  6.163   1.00 38.16 ? 666 HOH A O     1 
HETATM 998  O O     . HOH C 3 .   ? 12.360  12.155  -1.031  1.00 27.37 ? 667 HOH A O     1 
HETATM 999  O O     . HOH C 3 .   ? 4.616   -12.231 3.661   1.00 38.04 ? 668 HOH A O     1 
HETATM 1000 O O     . HOH C 3 .   ? -14.437 -5.539  4.208   0.50 40.04 ? 669 HOH A O     1 
HETATM 1001 O O     . HOH C 3 .   ? 3.016   -0.263  19.583  1.00 37.81 ? 670 HOH A O     1 
HETATM 1002 O O     . HOH C 3 .   ? 13.172  7.091   -7.272  1.00 25.87 ? 671 HOH A O     1 
HETATM 1003 O O     . HOH C 3 .   ? -5.421  -1.965  -12.528 1.00 23.47 ? 672 HOH A O     1 
HETATM 1004 O O     . HOH C 3 .   ? 6.373   -9.711  -13.246 1.00 35.73 ? 673 HOH A O     1 
HETATM 1005 O O     . HOH C 3 .   ? 0.078   -12.485 5.693   1.00 37.74 ? 674 HOH A O     1 
HETATM 1006 O O     . HOH C 3 .   ? 13.629  4.051   -11.074 1.00 20.18 ? 675 HOH A O     1 
HETATM 1007 O O     . HOH C 3 .   ? 20.220  -1.319  -9.044  1.00 38.05 ? 676 HOH A O     1 
HETATM 1008 O O     . HOH C 3 .   ? 18.859  -3.953  -9.438  1.00 31.60 ? 677 HOH A O     1 
HETATM 1009 O O     . HOH C 3 .   ? 15.753  1.985   -10.312 1.00 37.71 ? 678 HOH A O     1 
HETATM 1010 O O     . HOH C 3 .   ? 25.525  -1.085  3.629   1.00 39.09 ? 679 HOH A O     1 
HETATM 1011 O O     . HOH C 3 .   ? -2.404  -0.643  12.245  1.00 37.50 ? 680 HOH A O     1 
HETATM 1012 O O     . HOH C 3 .   ? -4.195  -5.150  10.747  1.00 34.07 ? 681 HOH A O     1 
HETATM 1013 O O     . HOH C 3 .   ? -6.159  -6.614  -7.473  1.00 13.85 ? 682 HOH A O     1 
HETATM 1014 O O     . HOH C 3 .   ? 12.494  12.812  1.067   1.00 29.28 ? 683 HOH A O     1 
HETATM 1015 O O     . HOH C 3 .   ? -5.771  1.582   12.847  1.00 33.28 ? 684 HOH A O     1 
# 
loop_
_pdbx_poly_seq_scheme.asym_id 
_pdbx_poly_seq_scheme.entity_id 
_pdbx_poly_seq_scheme.seq_id 
_pdbx_poly_seq_scheme.mon_id 
_pdbx_poly_seq_scheme.ndb_seq_num 
_pdbx_poly_seq_scheme.pdb_seq_num 
_pdbx_poly_seq_scheme.auth_seq_num 
_pdbx_poly_seq_scheme.pdb_mon_id 
_pdbx_poly_seq_scheme.auth_mon_id 
_pdbx_poly_seq_scheme.pdb_strand_id 
_pdbx_poly_seq_scheme.pdb_ins_code 
_pdbx_poly_seq_scheme.hetero 
A 1 1   MET 1   1   ?   ?   ?   A . n 
A 1 2   ARG 2   2   ?   ?   ?   A . n 
A 1 3   ARG 3   3   ?   ?   ?   A . n 
A 1 4   HIS 4   4   ?   ?   ?   A . n 
A 1 5   TYR 5   5   ?   ?   ?   A . n 
A 1 6   ARG 6   6   ?   ?   ?   A . n 
A 1 7   ASP 7   7   ?   ?   ?   A . n 
A 1 8   LEU 8   8   ?   ?   ?   A . n 
A 1 9   ILE 9   9   ?   ?   ?   A . n 
A 1 10  ARG 10  10  ?   ?   ?   A . n 
A 1 11  ASN 11  11  ?   ?   ?   A . n 
A 1 12  THR 12  12  ?   ?   ?   A . n 
A 1 13  PRO 13  13  ?   ?   ?   A . n 
A 1 14  MET 14  14  ?   ?   ?   A . n 
A 1 15  PRO 15  15  ?   ?   ?   A . n 
A 1 16  ASP 16  16  ?   ?   ?   A . n 
A 1 17  THR 17  17  ?   ?   ?   A . n 
A 1 18  PRO 18  18  ?   ?   ?   A . n 
A 1 19  GLN 19  19  ?   ?   ?   A . n 
A 1 20  ASP 20  20  20  ASP ASP A . n 
A 1 21  ILE 21  21  21  ILE ILE A . n 
A 1 22  ALA 22  22  22  ALA ALA A . n 
A 1 23  ASP 23  23  23  ASP ASP A . n 
A 1 24  LEU 24  24  24  LEU LEU A . n 
A 1 25  ARG 25  25  25  ARG ARG A . n 
A 1 26  ALA 26  26  26  ALA ALA A . n 
A 1 27  LEU 27  27  27  LEU LEU A . n 
A 1 28  LEU 28  28  28  LEU LEU A . n 
A 1 29  ASP 29  29  ?   ?   ?   A . n 
A 1 30  GLU 30  30  ?   ?   ?   A . n 
A 1 31  ASP 31  31  ?   ?   ?   A . n 
A 1 32  GLU 32  32  ?   ?   ?   A . n 
A 1 33  ALA 33  33  ?   ?   ?   A . n 
A 1 34  GLU 34  34  34  GLU GLU A . n 
A 1 35  MET 35  35  35  MET MET A . n 
A 1 36  SER 36  36  36  SER SER A . n 
A 1 37  VAL 37  37  37  VAL VAL A . n 
A 1 38  VAL 38  38  38  VAL VAL A . n 
A 1 39  PHE 39  39  39  PHE PHE A . n 
A 1 40  SER 40  40  40  SER SER A . n 
A 1 41  ASP 41  41  41  ASP ASP A . n 
A 1 42  PRO 42  42  42  PRO PRO A . n 
A 1 43  SER 43  43  43  SER SER A . n 
A 1 44  GLN 44  44  44  GLN GLN A . n 
A 1 45  PRO 45  45  45  PRO PRO A . n 
A 1 46  ASP 46  46  46  ASP ASP A . n 
A 1 47  ASN 47  47  47  ASN ASN A . n 
A 1 48  PRO 48  48  48  PRO PRO A . n 
A 1 49  MET 49  49  49  MET MET A . n 
A 1 50  ILE 50  50  50  ILE ILE A . n 
A 1 51  TYR 51  51  51  TYR TYR A . n 
A 1 52  VAL 52  52  52  VAL VAL A . n 
A 1 53  SER 53  53  53  SER SER A . n 
A 1 54  ASP 54  54  54  ASP ASP A . n 
A 1 55  ALA 55  55  55  ALA ALA A . n 
A 1 56  PHE 56  56  56  PHE PHE A . n 
A 1 57  LEU 57  57  57  LEU LEU A . n 
A 1 58  VAL 58  58  58  VAL VAL A . n 
A 1 59  GLN 59  59  59  GLN GLN A . n 
A 1 60  THR 60  60  60  THR THR A . n 
A 1 61  GLY 61  61  61  GLY GLY A . n 
A 1 62  TYR 62  62  62  TYR TYR A . n 
A 1 63  THR 63  63  63  THR THR A . n 
A 1 64  LEU 64  64  64  LEU LEU A . n 
A 1 65  GLU 65  65  65  GLU GLU A . n 
A 1 66  GLU 66  66  66  GLU GLU A . n 
A 1 67  VAL 67  67  67  VAL VAL A . n 
A 1 68  LEU 68  68  68  LEU LEU A . n 
A 1 69  GLY 69  69  69  GLY GLY A . n 
A 1 70  ARG 70  70  70  ARG ARG A . n 
A 1 71  ASN 71  71  71  ASN ASN A . n 
A 1 72  CYS 72  72  72  CYS CYS A . n 
A 1 73  ARG 73  73  73  ARG ARG A . n 
A 1 74  PHE 74  74  74  PHE PHE A . n 
A 1 75  LEU 75  75  75  LEU LEU A . n 
A 1 76  GLN 76  76  76  GLN GLN A . n 
A 1 77  GLY 77  77  77  GLY GLY A . n 
A 1 78  PRO 78  78  78  PRO PRO A . n 
A 1 79  ASP 79  79  79  ASP ASP A . n 
A 1 80  THR 80  80  80  THR THR A . n 
A 1 81  ASN 81  81  81  ASN ASN A . n 
A 1 82  PRO 82  82  82  PRO PRO A . n 
A 1 83  HIS 83  83  83  HIS HIS A . n 
A 1 84  ALA 84  84  84  ALA ALA A . n 
A 1 85  VAL 85  85  85  VAL VAL A . n 
A 1 86  GLU 86  86  86  GLU GLU A . n 
A 1 87  ALA 87  87  87  ALA ALA A . n 
A 1 88  ILE 88  88  88  ILE ILE A . n 
A 1 89  ARG 89  89  89  ARG ARG A . n 
A 1 90  GLN 90  90  90  GLN GLN A . n 
A 1 91  GLY 91  91  91  GLY GLY A . n 
A 1 92  LEU 92  92  92  LEU LEU A . n 
A 1 93  LYS 93  93  93  LYS LYS A . n 
A 1 94  ALA 94  94  94  ALA ALA A . n 
A 1 95  GLU 95  95  95  GLU GLU A . n 
A 1 96  THR 96  96  96  THR THR A . n 
A 1 97  ARG 97  97  97  ARG ARG A . n 
A 1 98  PHE 98  98  98  PHE PHE A . n 
A 1 99  THR 99  99  99  THR THR A . n 
A 1 100 ILE 100 100 100 ILE ILE A . n 
A 1 101 ASP 101 101 101 ASP ASP A . n 
A 1 102 ILE 102 102 102 ILE ILE A . n 
A 1 103 LEU 103 103 103 LEU LEU A . n 
A 1 104 ASN 104 104 104 ASN ASN A . n 
A 1 105 TYR 105 105 105 TYR TYR A . n 
A 1 106 ARG 106 106 106 ARG ARG A . n 
A 1 107 LYS 107 107 107 LYS LYS A . n 
A 1 108 ASP 108 108 108 ASP ASP A . n 
A 1 109 GLY 109 109 109 GLY GLY A . n 
A 1 110 SER 110 110 110 SER SER A . n 
A 1 111 ALA 111 111 111 ALA ALA A . n 
A 1 112 PHE 112 112 112 PHE PHE A . n 
A 1 113 VAL 113 113 113 VAL VAL A . n 
A 1 114 ASN 114 114 114 ASN ASN A . n 
A 1 115 ARG 115 115 115 ARG ARG A . n 
A 1 116 LEU 116 116 116 LEU LEU A . n 
A 1 117 ARG 117 117 117 ARG ARG A . n 
A 1 118 ILE 118 118 118 ILE ILE A . n 
A 1 119 ARG 119 119 119 ARG ARG A . n 
A 1 120 PRO 120 120 120 PRO PRO A . n 
A 1 121 ILE 121 121 121 ILE ILE A . n 
A 1 122 TYR 122 122 122 TYR TYR A . n 
A 1 123 ASP 123 123 123 ASP ASP A . n 
A 1 124 PRO 124 124 124 PRO PRO A . n 
A 1 125 GLU 125 125 125 GLU GLU A . n 
A 1 126 GLY 126 126 126 GLY GLY A . n 
A 1 127 ASN 127 127 127 ASN ASN A . n 
A 1 128 LEU 128 128 128 LEU LEU A . n 
A 1 129 MET 129 129 129 MET MET A . n 
A 1 130 PHE 130 130 130 PHE PHE A . n 
A 1 131 PHE 131 131 131 PHE PHE A . n 
A 1 132 ALA 132 132 132 ALA ALA A . n 
A 1 133 GLY 133 133 133 GLY GLY A . n 
A 1 134 ALA 134 134 134 ALA ALA A . n 
A 1 135 GLN 135 135 135 GLN GLN A . n 
A 1 136 ASN 136 136 136 ASN ASN A . n 
A 1 137 PRO 137 137 137 PRO PRO A . n 
A 1 138 VAL 138 138 138 VAL VAL A . n 
A 1 139 LEU 139 139 139 LEU LEU A . n 
A 1 140 GLU 140 140 ?   ?   ?   A . n 
A 1 141 HIS 141 141 ?   ?   ?   A . n 
A 1 142 HIS 142 142 ?   ?   ?   A . n 
A 1 143 HIS 143 143 ?   ?   ?   A . n 
A 1 144 HIS 144 144 ?   ?   ?   A . n 
A 1 145 HIS 145 145 ?   ?   ?   A . n 
A 1 146 HIS 146 146 ?   ?   ?   A . n 
# 
loop_
_pdbx_nonpoly_scheme.asym_id 
_pdbx_nonpoly_scheme.entity_id 
_pdbx_nonpoly_scheme.mon_id 
_pdbx_nonpoly_scheme.ndb_seq_num 
_pdbx_nonpoly_scheme.pdb_seq_num 
_pdbx_nonpoly_scheme.auth_seq_num 
_pdbx_nonpoly_scheme.pdb_mon_id 
_pdbx_nonpoly_scheme.auth_mon_id 
_pdbx_nonpoly_scheme.pdb_strand_id 
_pdbx_nonpoly_scheme.pdb_ins_code 
B 2 RBF 1  500 500 RBF RBF A . 
C 3 HOH 1  601 1   HOH HOH A . 
C 3 HOH 2  602 2   HOH HOH A . 
C 3 HOH 3  603 3   HOH HOH A . 
C 3 HOH 4  604 4   HOH HOH A . 
C 3 HOH 5  605 5   HOH HOH A . 
C 3 HOH 6  606 6   HOH HOH A . 
C 3 HOH 7  607 7   HOH HOH A . 
C 3 HOH 8  608 8   HOH HOH A . 
C 3 HOH 9  609 9   HOH HOH A . 
C 3 HOH 10 610 10  HOH HOH A . 
C 3 HOH 11 611 11  HOH HOH A . 
C 3 HOH 12 612 12  HOH HOH A . 
C 3 HOH 13 613 13  HOH HOH A . 
C 3 HOH 14 614 14  HOH HOH A . 
C 3 HOH 15 615 15  HOH HOH A . 
C 3 HOH 16 616 16  HOH HOH A . 
C 3 HOH 17 617 17  HOH HOH A . 
C 3 HOH 18 618 18  HOH HOH A . 
C 3 HOH 19 619 19  HOH HOH A . 
C 3 HOH 20 620 20  HOH HOH A . 
C 3 HOH 21 621 21  HOH HOH A . 
C 3 HOH 22 622 22  HOH HOH A . 
C 3 HOH 23 623 23  HOH HOH A . 
C 3 HOH 24 624 24  HOH HOH A . 
C 3 HOH 25 625 25  HOH HOH A . 
C 3 HOH 26 626 26  HOH HOH A . 
C 3 HOH 27 627 27  HOH HOH A . 
C 3 HOH 28 628 28  HOH HOH A . 
C 3 HOH 29 629 29  HOH HOH A . 
C 3 HOH 30 630 30  HOH HOH A . 
C 3 HOH 31 631 31  HOH HOH A . 
C 3 HOH 32 632 32  HOH HOH A . 
C 3 HOH 33 633 33  HOH HOH A . 
C 3 HOH 34 634 34  HOH HOH A . 
C 3 HOH 35 635 35  HOH HOH A . 
C 3 HOH 36 636 36  HOH HOH A . 
C 3 HOH 37 637 37  HOH HOH A . 
C 3 HOH 38 638 38  HOH HOH A . 
C 3 HOH 39 639 39  HOH HOH A . 
C 3 HOH 40 640 40  HOH HOH A . 
C 3 HOH 41 641 41  HOH HOH A . 
C 3 HOH 42 642 42  HOH HOH A . 
C 3 HOH 43 643 43  HOH HOH A . 
C 3 HOH 44 644 44  HOH HOH A . 
C 3 HOH 45 645 45  HOH HOH A . 
C 3 HOH 46 646 46  HOH HOH A . 
C 3 HOH 47 647 47  HOH HOH A . 
C 3 HOH 48 648 48  HOH HOH A . 
C 3 HOH 49 649 49  HOH HOH A . 
C 3 HOH 50 650 50  HOH HOH A . 
C 3 HOH 51 651 51  HOH HOH A . 
C 3 HOH 52 652 52  HOH HOH A . 
C 3 HOH 53 653 53  HOH HOH A . 
C 3 HOH 54 654 54  HOH HOH A . 
C 3 HOH 55 655 55  HOH HOH A . 
C 3 HOH 56 656 56  HOH HOH A . 
C 3 HOH 57 657 57  HOH HOH A . 
C 3 HOH 58 658 58  HOH HOH A . 
C 3 HOH 59 659 59  HOH HOH A . 
C 3 HOH 60 660 60  HOH HOH A . 
C 3 HOH 61 661 61  HOH HOH A . 
C 3 HOH 62 662 62  HOH HOH A . 
C 3 HOH 63 663 63  HOH HOH A . 
C 3 HOH 64 664 64  HOH HOH A . 
C 3 HOH 65 665 65  HOH HOH A . 
C 3 HOH 66 666 66  HOH HOH A . 
C 3 HOH 67 667 67  HOH HOH A . 
C 3 HOH 68 668 68  HOH HOH A . 
C 3 HOH 69 669 69  HOH HOH A . 
C 3 HOH 70 670 70  HOH HOH A . 
C 3 HOH 71 671 71  HOH HOH A . 
C 3 HOH 72 672 72  HOH HOH A . 
C 3 HOH 73 673 73  HOH HOH A . 
C 3 HOH 74 674 74  HOH HOH A . 
C 3 HOH 75 675 75  HOH HOH A . 
C 3 HOH 76 676 76  HOH HOH A . 
C 3 HOH 77 677 77  HOH HOH A . 
C 3 HOH 78 678 78  HOH HOH A . 
C 3 HOH 79 679 79  HOH HOH A . 
C 3 HOH 80 680 80  HOH HOH A . 
C 3 HOH 81 681 81  HOH HOH A . 
C 3 HOH 82 682 82  HOH HOH A . 
C 3 HOH 83 683 83  HOH HOH A . 
C 3 HOH 84 684 84  HOH HOH A . 
# 
_pdbx_struct_assembly.id                   1 
_pdbx_struct_assembly.details              author_and_software_defined_assembly 
_pdbx_struct_assembly.method_details       PISA 
_pdbx_struct_assembly.oligomeric_details   dimeric 
_pdbx_struct_assembly.oligomeric_count     2 
# 
_pdbx_struct_assembly_gen.assembly_id       1 
_pdbx_struct_assembly_gen.oper_expression   1,2 
_pdbx_struct_assembly_gen.asym_id_list      A,B,C 
# 
loop_
_pdbx_struct_assembly_prop.biol_id 
_pdbx_struct_assembly_prop.type 
_pdbx_struct_assembly_prop.value 
_pdbx_struct_assembly_prop.details 
1 'ABSA (A^2)' 3460  ? 
1 MORE         -18   ? 
1 'SSA (A^2)'  11370 ? 
# 
loop_
_pdbx_struct_oper_list.id 
_pdbx_struct_oper_list.type 
_pdbx_struct_oper_list.name 
_pdbx_struct_oper_list.symmetry_operation 
_pdbx_struct_oper_list.matrix[1][1] 
_pdbx_struct_oper_list.matrix[1][2] 
_pdbx_struct_oper_list.matrix[1][3] 
_pdbx_struct_oper_list.vector[1] 
_pdbx_struct_oper_list.matrix[2][1] 
_pdbx_struct_oper_list.matrix[2][2] 
_pdbx_struct_oper_list.matrix[2][3] 
_pdbx_struct_oper_list.vector[2] 
_pdbx_struct_oper_list.matrix[3][1] 
_pdbx_struct_oper_list.matrix[3][2] 
_pdbx_struct_oper_list.matrix[3][3] 
_pdbx_struct_oper_list.vector[3] 
1 'identity operation'         1_555 x,y,z     1.0000000000  0.0000000000  0.0000000000 0.0000000000   0.0000000000  1.0000000000  0.0000000000  0.0000000000  0.0000000000 0.0000000000  1.0000000000 0.0000000000 
2 'crystal symmetry operation' 2_554 -x,y,-z-1 -0.8445978676 -0.2877208343 0.4515209446 -30.1257652130 -0.2877208343 -0.4672963797 -0.8359729751 -8.7616236591 0.4515209446 -0.8359729751 0.3118942473 4.7853959138 
# 
_pdbx_struct_special_symmetry.id              1 
_pdbx_struct_special_symmetry.PDB_model_num   1 
_pdbx_struct_special_symmetry.auth_asym_id    A 
_pdbx_struct_special_symmetry.auth_comp_id    HOH 
_pdbx_struct_special_symmetry.auth_seq_id     669 
_pdbx_struct_special_symmetry.PDB_ins_code    ? 
_pdbx_struct_special_symmetry.label_asym_id   C 
_pdbx_struct_special_symmetry.label_comp_id   HOH 
_pdbx_struct_special_symmetry.label_seq_id    . 
# 
loop_
_pdbx_audit_revision_history.ordinal 
_pdbx_audit_revision_history.data_content_type 
_pdbx_audit_revision_history.major_revision 
_pdbx_audit_revision_history.minor_revision 
_pdbx_audit_revision_history.revision_date 
1 'Structure model' 1 0 2014-11-26 
2 'Structure model' 1 1 2015-03-04 
3 'Structure model' 1 2 2015-04-01 
4 'Structure model' 1 3 2015-04-29 
5 'Structure model' 1 4 2023-09-20 
# 
_pdbx_audit_revision_details.ordinal             1 
_pdbx_audit_revision_details.revision_ordinal    1 
_pdbx_audit_revision_details.data_content_type   'Structure model' 
_pdbx_audit_revision_details.provider            repository 
_pdbx_audit_revision_details.type                'Initial release' 
_pdbx_audit_revision_details.description         ? 
_pdbx_audit_revision_details.details             ? 
# 
loop_
_pdbx_audit_revision_group.ordinal 
_pdbx_audit_revision_group.revision_ordinal 
_pdbx_audit_revision_group.data_content_type 
_pdbx_audit_revision_group.group 
1 2 'Structure model' 'Database references'    
2 3 'Structure model' 'Database references'    
3 4 'Structure model' 'Database references'    
4 5 'Structure model' 'Data collection'        
5 5 'Structure model' 'Database references'    
6 5 'Structure model' 'Derived calculations'   
7 5 'Structure model' 'Refinement description' 
# 
loop_
_pdbx_audit_revision_category.ordinal 
_pdbx_audit_revision_category.revision_ordinal 
_pdbx_audit_revision_category.data_content_type 
_pdbx_audit_revision_category.category 
1 5 'Structure model' chem_comp_atom                
2 5 'Structure model' chem_comp_bond                
3 5 'Structure model' database_2                    
4 5 'Structure model' pdbx_initial_refinement_model 
5 5 'Structure model' struct_ref_seq_dif            
6 5 'Structure model' struct_site                   
# 
loop_
_pdbx_audit_revision_item.ordinal 
_pdbx_audit_revision_item.revision_ordinal 
_pdbx_audit_revision_item.data_content_type 
_pdbx_audit_revision_item.item 
1 5 'Structure model' '_database_2.pdbx_DOI'                
2 5 'Structure model' '_database_2.pdbx_database_accession' 
3 5 'Structure model' '_struct_ref_seq_dif.details'         
4 5 'Structure model' '_struct_site.pdbx_auth_asym_id'      
5 5 'Structure model' '_struct_site.pdbx_auth_comp_id'      
6 5 'Structure model' '_struct_site.pdbx_auth_seq_id'       
# 
loop_
_software.name 
_software.classification 
_software.version 
_software.citation_id 
_software.pdbx_ordinal 
ADSC   'data collection' Quantum                       ? 1 
PHASER phasing           .                             ? 2 
PHENIX refinement        '(phenix.refine: 1.8.2_1309)' ? 3 
MOSFLM 'data reduction'  .                             ? 4 
SCALA  'data scaling'    .                             ? 5 
# 
loop_
_pdbx_validate_torsion.id 
_pdbx_validate_torsion.PDB_model_num 
_pdbx_validate_torsion.auth_comp_id 
_pdbx_validate_torsion.auth_asym_id 
_pdbx_validate_torsion.auth_seq_id 
_pdbx_validate_torsion.PDB_ins_code 
_pdbx_validate_torsion.label_alt_id 
_pdbx_validate_torsion.phi 
_pdbx_validate_torsion.psi 
1 1 ALA A 26 ? ? -77.79 24.45 
2 1 CYS A 72 ? ? -69.28 0.83  
# 
loop_
_pdbx_unobs_or_zero_occ_atoms.id 
_pdbx_unobs_or_zero_occ_atoms.PDB_model_num 
_pdbx_unobs_or_zero_occ_atoms.polymer_flag 
_pdbx_unobs_or_zero_occ_atoms.occupancy_flag 
_pdbx_unobs_or_zero_occ_atoms.auth_asym_id 
_pdbx_unobs_or_zero_occ_atoms.auth_comp_id 
_pdbx_unobs_or_zero_occ_atoms.auth_seq_id 
_pdbx_unobs_or_zero_occ_atoms.PDB_ins_code 
_pdbx_unobs_or_zero_occ_atoms.auth_atom_id 
_pdbx_unobs_or_zero_occ_atoms.label_alt_id 
_pdbx_unobs_or_zero_occ_atoms.label_asym_id 
_pdbx_unobs_or_zero_occ_atoms.label_comp_id 
_pdbx_unobs_or_zero_occ_atoms.label_seq_id 
_pdbx_unobs_or_zero_occ_atoms.label_atom_id 
1  1 Y 1 A ASP 20  ? CG  ? A ASP 20  CG  
2  1 Y 1 A ASP 20  ? OD1 ? A ASP 20  OD1 
3  1 Y 1 A ASP 20  ? OD2 ? A ASP 20  OD2 
4  1 Y 1 A ARG 25  ? CG  ? A ARG 25  CG  
5  1 Y 1 A ARG 25  ? CD  ? A ARG 25  CD  
6  1 Y 1 A ARG 25  ? NE  ? A ARG 25  NE  
7  1 Y 1 A ARG 25  ? CZ  ? A ARG 25  CZ  
8  1 Y 1 A ARG 25  ? NH1 ? A ARG 25  NH1 
9  1 Y 1 A ARG 25  ? NH2 ? A ARG 25  NH2 
10 1 Y 1 A LEU 28  ? CG  ? A LEU 28  CG  
11 1 Y 1 A LEU 28  ? CD1 ? A LEU 28  CD1 
12 1 Y 1 A LEU 28  ? CD2 ? A LEU 28  CD2 
13 1 Y 1 A GLU 34  ? CG  ? A GLU 34  CG  
14 1 Y 1 A GLU 34  ? CD  ? A GLU 34  CD  
15 1 Y 1 A GLU 34  ? OE1 ? A GLU 34  OE1 
16 1 Y 1 A GLU 34  ? OE2 ? A GLU 34  OE2 
17 1 Y 1 A GLU 65  ? CG  ? A GLU 65  CG  
18 1 Y 1 A GLU 65  ? CD  ? A GLU 65  CD  
19 1 Y 1 A GLU 65  ? OE1 ? A GLU 65  OE1 
20 1 Y 1 A GLU 65  ? OE2 ? A GLU 65  OE2 
21 1 Y 1 A LEU 139 ? CG  ? A LEU 139 CG  
22 1 Y 1 A LEU 139 ? CD1 ? A LEU 139 CD1 
23 1 Y 1 A LEU 139 ? CD2 ? A LEU 139 CD2 
# 
loop_
_pdbx_unobs_or_zero_occ_residues.id 
_pdbx_unobs_or_zero_occ_residues.PDB_model_num 
_pdbx_unobs_or_zero_occ_residues.polymer_flag 
_pdbx_unobs_or_zero_occ_residues.occupancy_flag 
_pdbx_unobs_or_zero_occ_residues.auth_asym_id 
_pdbx_unobs_or_zero_occ_residues.auth_comp_id 
_pdbx_unobs_or_zero_occ_residues.auth_seq_id 
_pdbx_unobs_or_zero_occ_residues.PDB_ins_code 
_pdbx_unobs_or_zero_occ_residues.label_asym_id 
_pdbx_unobs_or_zero_occ_residues.label_comp_id 
_pdbx_unobs_or_zero_occ_residues.label_seq_id 
1  1 Y 1 A MET 1   ? A MET 1   
2  1 Y 1 A ARG 2   ? A ARG 2   
3  1 Y 1 A ARG 3   ? A ARG 3   
4  1 Y 1 A HIS 4   ? A HIS 4   
5  1 Y 1 A TYR 5   ? A TYR 5   
6  1 Y 1 A ARG 6   ? A ARG 6   
7  1 Y 1 A ASP 7   ? A ASP 7   
8  1 Y 1 A LEU 8   ? A LEU 8   
9  1 Y 1 A ILE 9   ? A ILE 9   
10 1 Y 1 A ARG 10  ? A ARG 10  
11 1 Y 1 A ASN 11  ? A ASN 11  
12 1 Y 1 A THR 12  ? A THR 12  
13 1 Y 1 A PRO 13  ? A PRO 13  
14 1 Y 1 A MET 14  ? A MET 14  
15 1 Y 1 A PRO 15  ? A PRO 15  
16 1 Y 1 A ASP 16  ? A ASP 16  
17 1 Y 1 A THR 17  ? A THR 17  
18 1 Y 1 A PRO 18  ? A PRO 18  
19 1 Y 1 A GLN 19  ? A GLN 19  
20 1 Y 1 A ASP 29  ? A ASP 29  
21 1 Y 1 A GLU 30  ? A GLU 30  
22 1 Y 1 A ASP 31  ? A ASP 31  
23 1 Y 1 A GLU 32  ? A GLU 32  
24 1 Y 1 A ALA 33  ? A ALA 33  
25 1 Y 1 A GLU 140 ? A GLU 140 
26 1 Y 1 A HIS 141 ? A HIS 141 
27 1 Y 1 A HIS 142 ? A HIS 142 
28 1 Y 1 A HIS 143 ? A HIS 143 
29 1 Y 1 A HIS 144 ? A HIS 144 
30 1 Y 1 A HIS 145 ? A HIS 145 
31 1 Y 1 A HIS 146 ? A HIS 146 
# 
loop_
_chem_comp_atom.comp_id 
_chem_comp_atom.atom_id 
_chem_comp_atom.type_symbol 
_chem_comp_atom.pdbx_aromatic_flag 
_chem_comp_atom.pdbx_stereo_config 
_chem_comp_atom.pdbx_ordinal 
ALA N      N N N 1   
ALA CA     C N S 2   
ALA C      C N N 3   
ALA O      O N N 4   
ALA CB     C N N 5   
ALA OXT    O N N 6   
ALA H      H N N 7   
ALA H2     H N N 8   
ALA HA     H N N 9   
ALA HB1    H N N 10  
ALA HB2    H N N 11  
ALA HB3    H N N 12  
ALA HXT    H N N 13  
ARG N      N N N 14  
ARG CA     C N S 15  
ARG C      C N N 16  
ARG O      O N N 17  
ARG CB     C N N 18  
ARG CG     C N N 19  
ARG CD     C N N 20  
ARG NE     N N N 21  
ARG CZ     C N N 22  
ARG NH1    N N N 23  
ARG NH2    N N N 24  
ARG OXT    O N N 25  
ARG H      H N N 26  
ARG H2     H N N 27  
ARG HA     H N N 28  
ARG HB2    H N N 29  
ARG HB3    H N N 30  
ARG HG2    H N N 31  
ARG HG3    H N N 32  
ARG HD2    H N N 33  
ARG HD3    H N N 34  
ARG HE     H N N 35  
ARG HH11   H N N 36  
ARG HH12   H N N 37  
ARG HH21   H N N 38  
ARG HH22   H N N 39  
ARG HXT    H N N 40  
ASN N      N N N 41  
ASN CA     C N S 42  
ASN C      C N N 43  
ASN O      O N N 44  
ASN CB     C N N 45  
ASN CG     C N N 46  
ASN OD1    O N N 47  
ASN ND2    N N N 48  
ASN OXT    O N N 49  
ASN H      H N N 50  
ASN H2     H N N 51  
ASN HA     H N N 52  
ASN HB2    H N N 53  
ASN HB3    H N N 54  
ASN HD21   H N N 55  
ASN HD22   H N N 56  
ASN HXT    H N N 57  
ASP N      N N N 58  
ASP CA     C N S 59  
ASP C      C N N 60  
ASP O      O N N 61  
ASP CB     C N N 62  
ASP CG     C N N 63  
ASP OD1    O N N 64  
ASP OD2    O N N 65  
ASP OXT    O N N 66  
ASP H      H N N 67  
ASP H2     H N N 68  
ASP HA     H N N 69  
ASP HB2    H N N 70  
ASP HB3    H N N 71  
ASP HD2    H N N 72  
ASP HXT    H N N 73  
CYS N      N N N 74  
CYS CA     C N R 75  
CYS C      C N N 76  
CYS O      O N N 77  
CYS CB     C N N 78  
CYS SG     S N N 79  
CYS OXT    O N N 80  
CYS H      H N N 81  
CYS H2     H N N 82  
CYS HA     H N N 83  
CYS HB2    H N N 84  
CYS HB3    H N N 85  
CYS HG     H N N 86  
CYS HXT    H N N 87  
GLN N      N N N 88  
GLN CA     C N S 89  
GLN C      C N N 90  
GLN O      O N N 91  
GLN CB     C N N 92  
GLN CG     C N N 93  
GLN CD     C N N 94  
GLN OE1    O N N 95  
GLN NE2    N N N 96  
GLN OXT    O N N 97  
GLN H      H N N 98  
GLN H2     H N N 99  
GLN HA     H N N 100 
GLN HB2    H N N 101 
GLN HB3    H N N 102 
GLN HG2    H N N 103 
GLN HG3    H N N 104 
GLN HE21   H N N 105 
GLN HE22   H N N 106 
GLN HXT    H N N 107 
GLU N      N N N 108 
GLU CA     C N S 109 
GLU C      C N N 110 
GLU O      O N N 111 
GLU CB     C N N 112 
GLU CG     C N N 113 
GLU CD     C N N 114 
GLU OE1    O N N 115 
GLU OE2    O N N 116 
GLU OXT    O N N 117 
GLU H      H N N 118 
GLU H2     H N N 119 
GLU HA     H N N 120 
GLU HB2    H N N 121 
GLU HB3    H N N 122 
GLU HG2    H N N 123 
GLU HG3    H N N 124 
GLU HE2    H N N 125 
GLU HXT    H N N 126 
GLY N      N N N 127 
GLY CA     C N N 128 
GLY C      C N N 129 
GLY O      O N N 130 
GLY OXT    O N N 131 
GLY H      H N N 132 
GLY H2     H N N 133 
GLY HA2    H N N 134 
GLY HA3    H N N 135 
GLY HXT    H N N 136 
HIS N      N N N 137 
HIS CA     C N S 138 
HIS C      C N N 139 
HIS O      O N N 140 
HIS CB     C N N 141 
HIS CG     C Y N 142 
HIS ND1    N Y N 143 
HIS CD2    C Y N 144 
HIS CE1    C Y N 145 
HIS NE2    N Y N 146 
HIS OXT    O N N 147 
HIS H      H N N 148 
HIS H2     H N N 149 
HIS HA     H N N 150 
HIS HB2    H N N 151 
HIS HB3    H N N 152 
HIS HD1    H N N 153 
HIS HD2    H N N 154 
HIS HE1    H N N 155 
HIS HE2    H N N 156 
HIS HXT    H N N 157 
HOH O      O N N 158 
HOH H1     H N N 159 
HOH H2     H N N 160 
ILE N      N N N 161 
ILE CA     C N S 162 
ILE C      C N N 163 
ILE O      O N N 164 
ILE CB     C N S 165 
ILE CG1    C N N 166 
ILE CG2    C N N 167 
ILE CD1    C N N 168 
ILE OXT    O N N 169 
ILE H      H N N 170 
ILE H2     H N N 171 
ILE HA     H N N 172 
ILE HB     H N N 173 
ILE HG12   H N N 174 
ILE HG13   H N N 175 
ILE HG21   H N N 176 
ILE HG22   H N N 177 
ILE HG23   H N N 178 
ILE HD11   H N N 179 
ILE HD12   H N N 180 
ILE HD13   H N N 181 
ILE HXT    H N N 182 
LEU N      N N N 183 
LEU CA     C N S 184 
LEU C      C N N 185 
LEU O      O N N 186 
LEU CB     C N N 187 
LEU CG     C N N 188 
LEU CD1    C N N 189 
LEU CD2    C N N 190 
LEU OXT    O N N 191 
LEU H      H N N 192 
LEU H2     H N N 193 
LEU HA     H N N 194 
LEU HB2    H N N 195 
LEU HB3    H N N 196 
LEU HG     H N N 197 
LEU HD11   H N N 198 
LEU HD12   H N N 199 
LEU HD13   H N N 200 
LEU HD21   H N N 201 
LEU HD22   H N N 202 
LEU HD23   H N N 203 
LEU HXT    H N N 204 
LYS N      N N N 205 
LYS CA     C N S 206 
LYS C      C N N 207 
LYS O      O N N 208 
LYS CB     C N N 209 
LYS CG     C N N 210 
LYS CD     C N N 211 
LYS CE     C N N 212 
LYS NZ     N N N 213 
LYS OXT    O N N 214 
LYS H      H N N 215 
LYS H2     H N N 216 
LYS HA     H N N 217 
LYS HB2    H N N 218 
LYS HB3    H N N 219 
LYS HG2    H N N 220 
LYS HG3    H N N 221 
LYS HD2    H N N 222 
LYS HD3    H N N 223 
LYS HE2    H N N 224 
LYS HE3    H N N 225 
LYS HZ1    H N N 226 
LYS HZ2    H N N 227 
LYS HZ3    H N N 228 
LYS HXT    H N N 229 
MET N      N N N 230 
MET CA     C N S 231 
MET C      C N N 232 
MET O      O N N 233 
MET CB     C N N 234 
MET CG     C N N 235 
MET SD     S N N 236 
MET CE     C N N 237 
MET OXT    O N N 238 
MET H      H N N 239 
MET H2     H N N 240 
MET HA     H N N 241 
MET HB2    H N N 242 
MET HB3    H N N 243 
MET HG2    H N N 244 
MET HG3    H N N 245 
MET HE1    H N N 246 
MET HE2    H N N 247 
MET HE3    H N N 248 
MET HXT    H N N 249 
PHE N      N N N 250 
PHE CA     C N S 251 
PHE C      C N N 252 
PHE O      O N N 253 
PHE CB     C N N 254 
PHE CG     C Y N 255 
PHE CD1    C Y N 256 
PHE CD2    C Y N 257 
PHE CE1    C Y N 258 
PHE CE2    C Y N 259 
PHE CZ     C Y N 260 
PHE OXT    O N N 261 
PHE H      H N N 262 
PHE H2     H N N 263 
PHE HA     H N N 264 
PHE HB2    H N N 265 
PHE HB3    H N N 266 
PHE HD1    H N N 267 
PHE HD2    H N N 268 
PHE HE1    H N N 269 
PHE HE2    H N N 270 
PHE HZ     H N N 271 
PHE HXT    H N N 272 
PRO N      N N N 273 
PRO CA     C N S 274 
PRO C      C N N 275 
PRO O      O N N 276 
PRO CB     C N N 277 
PRO CG     C N N 278 
PRO CD     C N N 279 
PRO OXT    O N N 280 
PRO H      H N N 281 
PRO HA     H N N 282 
PRO HB2    H N N 283 
PRO HB3    H N N 284 
PRO HG2    H N N 285 
PRO HG3    H N N 286 
PRO HD2    H N N 287 
PRO HD3    H N N 288 
PRO HXT    H N N 289 
RBF N1     N N N 290 
RBF C2     C N N 291 
RBF O2     O N N 292 
RBF N3     N N N 293 
RBF C4     C N N 294 
RBF O4     O N N 295 
RBF C4A    C N N 296 
RBF N5     N N N 297 
RBF C5A    C Y N 298 
RBF C6     C Y N 299 
RBF C7     C Y N 300 
RBF C7M    C N N 301 
RBF C8     C Y N 302 
RBF C8M    C N N 303 
RBF C9     C Y N 304 
RBF C9A    C Y N 305 
RBF N10    N N N 306 
RBF C10    C N N 307 
RBF "C1'"  C N N 308 
RBF "C2'"  C N S 309 
RBF "O2'"  O N N 310 
RBF "C3'"  C N S 311 
RBF "O3'"  O N N 312 
RBF "C4'"  C N R 313 
RBF "O4'"  O N N 314 
RBF "C5'"  C N N 315 
RBF "O5'"  O N N 316 
RBF HN3    H N N 317 
RBF HC6    H N N 318 
RBF HC71   H N N 319 
RBF HC72   H N N 320 
RBF HC73   H N N 321 
RBF HC81   H N N 322 
RBF HC82   H N N 323 
RBF HC83   H N N 324 
RBF HC9    H N N 325 
RBF HC11   H N N 326 
RBF HC12   H N N 327 
RBF "HC2'" H N N 328 
RBF "HO2'" H N N 329 
RBF "HC3'" H N N 330 
RBF "HO3'" H N N 331 
RBF "HC4'" H N N 332 
RBF "HO4'" H N N 333 
RBF HC51   H N N 334 
RBF HC52   H N N 335 
RBF "HO5'" H N N 336 
SER N      N N N 337 
SER CA     C N S 338 
SER C      C N N 339 
SER O      O N N 340 
SER CB     C N N 341 
SER OG     O N N 342 
SER OXT    O N N 343 
SER H      H N N 344 
SER H2     H N N 345 
SER HA     H N N 346 
SER HB2    H N N 347 
SER HB3    H N N 348 
SER HG     H N N 349 
SER HXT    H N N 350 
THR N      N N N 351 
THR CA     C N S 352 
THR C      C N N 353 
THR O      O N N 354 
THR CB     C N R 355 
THR OG1    O N N 356 
THR CG2    C N N 357 
THR OXT    O N N 358 
THR H      H N N 359 
THR H2     H N N 360 
THR HA     H N N 361 
THR HB     H N N 362 
THR HG1    H N N 363 
THR HG21   H N N 364 
THR HG22   H N N 365 
THR HG23   H N N 366 
THR HXT    H N N 367 
TYR N      N N N 368 
TYR CA     C N S 369 
TYR C      C N N 370 
TYR O      O N N 371 
TYR CB     C N N 372 
TYR CG     C Y N 373 
TYR CD1    C Y N 374 
TYR CD2    C Y N 375 
TYR CE1    C Y N 376 
TYR CE2    C Y N 377 
TYR CZ     C Y N 378 
TYR OH     O N N 379 
TYR OXT    O N N 380 
TYR H      H N N 381 
TYR H2     H N N 382 
TYR HA     H N N 383 
TYR HB2    H N N 384 
TYR HB3    H N N 385 
TYR HD1    H N N 386 
TYR HD2    H N N 387 
TYR HE1    H N N 388 
TYR HE2    H N N 389 
TYR HH     H N N 390 
TYR HXT    H N N 391 
VAL N      N N N 392 
VAL CA     C N S 393 
VAL C      C N N 394 
VAL O      O N N 395 
VAL CB     C N N 396 
VAL CG1    C N N 397 
VAL CG2    C N N 398 
VAL OXT    O N N 399 
VAL H      H N N 400 
VAL H2     H N N 401 
VAL HA     H N N 402 
VAL HB     H N N 403 
VAL HG11   H N N 404 
VAL HG12   H N N 405 
VAL HG13   H N N 406 
VAL HG21   H N N 407 
VAL HG22   H N N 408 
VAL HG23   H N N 409 
VAL HXT    H N N 410 
# 
loop_
_chem_comp_bond.comp_id 
_chem_comp_bond.atom_id_1 
_chem_comp_bond.atom_id_2 
_chem_comp_bond.value_order 
_chem_comp_bond.pdbx_aromatic_flag 
_chem_comp_bond.pdbx_stereo_config 
_chem_comp_bond.pdbx_ordinal 
ALA N     CA     sing N N 1   
ALA N     H      sing N N 2   
ALA N     H2     sing N N 3   
ALA CA    C      sing N N 4   
ALA CA    CB     sing N N 5   
ALA CA    HA     sing N N 6   
ALA C     O      doub N N 7   
ALA C     OXT    sing N N 8   
ALA CB    HB1    sing N N 9   
ALA CB    HB2    sing N N 10  
ALA CB    HB3    sing N N 11  
ALA OXT   HXT    sing N N 12  
ARG N     CA     sing N N 13  
ARG N     H      sing N N 14  
ARG N     H2     sing N N 15  
ARG CA    C      sing N N 16  
ARG CA    CB     sing N N 17  
ARG CA    HA     sing N N 18  
ARG C     O      doub N N 19  
ARG C     OXT    sing N N 20  
ARG CB    CG     sing N N 21  
ARG CB    HB2    sing N N 22  
ARG CB    HB3    sing N N 23  
ARG CG    CD     sing N N 24  
ARG CG    HG2    sing N N 25  
ARG CG    HG3    sing N N 26  
ARG CD    NE     sing N N 27  
ARG CD    HD2    sing N N 28  
ARG CD    HD3    sing N N 29  
ARG NE    CZ     sing N N 30  
ARG NE    HE     sing N N 31  
ARG CZ    NH1    sing N N 32  
ARG CZ    NH2    doub N N 33  
ARG NH1   HH11   sing N N 34  
ARG NH1   HH12   sing N N 35  
ARG NH2   HH21   sing N N 36  
ARG NH2   HH22   sing N N 37  
ARG OXT   HXT    sing N N 38  
ASN N     CA     sing N N 39  
ASN N     H      sing N N 40  
ASN N     H2     sing N N 41  
ASN CA    C      sing N N 42  
ASN CA    CB     sing N N 43  
ASN CA    HA     sing N N 44  
ASN C     O      doub N N 45  
ASN C     OXT    sing N N 46  
ASN CB    CG     sing N N 47  
ASN CB    HB2    sing N N 48  
ASN CB    HB3    sing N N 49  
ASN CG    OD1    doub N N 50  
ASN CG    ND2    sing N N 51  
ASN ND2   HD21   sing N N 52  
ASN ND2   HD22   sing N N 53  
ASN OXT   HXT    sing N N 54  
ASP N     CA     sing N N 55  
ASP N     H      sing N N 56  
ASP N     H2     sing N N 57  
ASP CA    C      sing N N 58  
ASP CA    CB     sing N N 59  
ASP CA    HA     sing N N 60  
ASP C     O      doub N N 61  
ASP C     OXT    sing N N 62  
ASP CB    CG     sing N N 63  
ASP CB    HB2    sing N N 64  
ASP CB    HB3    sing N N 65  
ASP CG    OD1    doub N N 66  
ASP CG    OD2    sing N N 67  
ASP OD2   HD2    sing N N 68  
ASP OXT   HXT    sing N N 69  
CYS N     CA     sing N N 70  
CYS N     H      sing N N 71  
CYS N     H2     sing N N 72  
CYS CA    C      sing N N 73  
CYS CA    CB     sing N N 74  
CYS CA    HA     sing N N 75  
CYS C     O      doub N N 76  
CYS C     OXT    sing N N 77  
CYS CB    SG     sing N N 78  
CYS CB    HB2    sing N N 79  
CYS CB    HB3    sing N N 80  
CYS SG    HG     sing N N 81  
CYS OXT   HXT    sing N N 82  
GLN N     CA     sing N N 83  
GLN N     H      sing N N 84  
GLN N     H2     sing N N 85  
GLN CA    C      sing N N 86  
GLN CA    CB     sing N N 87  
GLN CA    HA     sing N N 88  
GLN C     O      doub N N 89  
GLN C     OXT    sing N N 90  
GLN CB    CG     sing N N 91  
GLN CB    HB2    sing N N 92  
GLN CB    HB3    sing N N 93  
GLN CG    CD     sing N N 94  
GLN CG    HG2    sing N N 95  
GLN CG    HG3    sing N N 96  
GLN CD    OE1    doub N N 97  
GLN CD    NE2    sing N N 98  
GLN NE2   HE21   sing N N 99  
GLN NE2   HE22   sing N N 100 
GLN OXT   HXT    sing N N 101 
GLU N     CA     sing N N 102 
GLU N     H      sing N N 103 
GLU N     H2     sing N N 104 
GLU CA    C      sing N N 105 
GLU CA    CB     sing N N 106 
GLU CA    HA     sing N N 107 
GLU C     O      doub N N 108 
GLU C     OXT    sing N N 109 
GLU CB    CG     sing N N 110 
GLU CB    HB2    sing N N 111 
GLU CB    HB3    sing N N 112 
GLU CG    CD     sing N N 113 
GLU CG    HG2    sing N N 114 
GLU CG    HG3    sing N N 115 
GLU CD    OE1    doub N N 116 
GLU CD    OE2    sing N N 117 
GLU OE2   HE2    sing N N 118 
GLU OXT   HXT    sing N N 119 
GLY N     CA     sing N N 120 
GLY N     H      sing N N 121 
GLY N     H2     sing N N 122 
GLY CA    C      sing N N 123 
GLY CA    HA2    sing N N 124 
GLY CA    HA3    sing N N 125 
GLY C     O      doub N N 126 
GLY C     OXT    sing N N 127 
GLY OXT   HXT    sing N N 128 
HIS N     CA     sing N N 129 
HIS N     H      sing N N 130 
HIS N     H2     sing N N 131 
HIS CA    C      sing N N 132 
HIS CA    CB     sing N N 133 
HIS CA    HA     sing N N 134 
HIS C     O      doub N N 135 
HIS C     OXT    sing N N 136 
HIS CB    CG     sing N N 137 
HIS CB    HB2    sing N N 138 
HIS CB    HB3    sing N N 139 
HIS CG    ND1    sing Y N 140 
HIS CG    CD2    doub Y N 141 
HIS ND1   CE1    doub Y N 142 
HIS ND1   HD1    sing N N 143 
HIS CD2   NE2    sing Y N 144 
HIS CD2   HD2    sing N N 145 
HIS CE1   NE2    sing Y N 146 
HIS CE1   HE1    sing N N 147 
HIS NE2   HE2    sing N N 148 
HIS OXT   HXT    sing N N 149 
HOH O     H1     sing N N 150 
HOH O     H2     sing N N 151 
ILE N     CA     sing N N 152 
ILE N     H      sing N N 153 
ILE N     H2     sing N N 154 
ILE CA    C      sing N N 155 
ILE CA    CB     sing N N 156 
ILE CA    HA     sing N N 157 
ILE C     O      doub N N 158 
ILE C     OXT    sing N N 159 
ILE CB    CG1    sing N N 160 
ILE CB    CG2    sing N N 161 
ILE CB    HB     sing N N 162 
ILE CG1   CD1    sing N N 163 
ILE CG1   HG12   sing N N 164 
ILE CG1   HG13   sing N N 165 
ILE CG2   HG21   sing N N 166 
ILE CG2   HG22   sing N N 167 
ILE CG2   HG23   sing N N 168 
ILE CD1   HD11   sing N N 169 
ILE CD1   HD12   sing N N 170 
ILE CD1   HD13   sing N N 171 
ILE OXT   HXT    sing N N 172 
LEU N     CA     sing N N 173 
LEU N     H      sing N N 174 
LEU N     H2     sing N N 175 
LEU CA    C      sing N N 176 
LEU CA    CB     sing N N 177 
LEU CA    HA     sing N N 178 
LEU C     O      doub N N 179 
LEU C     OXT    sing N N 180 
LEU CB    CG     sing N N 181 
LEU CB    HB2    sing N N 182 
LEU CB    HB3    sing N N 183 
LEU CG    CD1    sing N N 184 
LEU CG    CD2    sing N N 185 
LEU CG    HG     sing N N 186 
LEU CD1   HD11   sing N N 187 
LEU CD1   HD12   sing N N 188 
LEU CD1   HD13   sing N N 189 
LEU CD2   HD21   sing N N 190 
LEU CD2   HD22   sing N N 191 
LEU CD2   HD23   sing N N 192 
LEU OXT   HXT    sing N N 193 
LYS N     CA     sing N N 194 
LYS N     H      sing N N 195 
LYS N     H2     sing N N 196 
LYS CA    C      sing N N 197 
LYS CA    CB     sing N N 198 
LYS CA    HA     sing N N 199 
LYS C     O      doub N N 200 
LYS C     OXT    sing N N 201 
LYS CB    CG     sing N N 202 
LYS CB    HB2    sing N N 203 
LYS CB    HB3    sing N N 204 
LYS CG    CD     sing N N 205 
LYS CG    HG2    sing N N 206 
LYS CG    HG3    sing N N 207 
LYS CD    CE     sing N N 208 
LYS CD    HD2    sing N N 209 
LYS CD    HD3    sing N N 210 
LYS CE    NZ     sing N N 211 
LYS CE    HE2    sing N N 212 
LYS CE    HE3    sing N N 213 
LYS NZ    HZ1    sing N N 214 
LYS NZ    HZ2    sing N N 215 
LYS NZ    HZ3    sing N N 216 
LYS OXT   HXT    sing N N 217 
MET N     CA     sing N N 218 
MET N     H      sing N N 219 
MET N     H2     sing N N 220 
MET CA    C      sing N N 221 
MET CA    CB     sing N N 222 
MET CA    HA     sing N N 223 
MET C     O      doub N N 224 
MET C     OXT    sing N N 225 
MET CB    CG     sing N N 226 
MET CB    HB2    sing N N 227 
MET CB    HB3    sing N N 228 
MET CG    SD     sing N N 229 
MET CG    HG2    sing N N 230 
MET CG    HG3    sing N N 231 
MET SD    CE     sing N N 232 
MET CE    HE1    sing N N 233 
MET CE    HE2    sing N N 234 
MET CE    HE3    sing N N 235 
MET OXT   HXT    sing N N 236 
PHE N     CA     sing N N 237 
PHE N     H      sing N N 238 
PHE N     H2     sing N N 239 
PHE CA    C      sing N N 240 
PHE CA    CB     sing N N 241 
PHE CA    HA     sing N N 242 
PHE C     O      doub N N 243 
PHE C     OXT    sing N N 244 
PHE CB    CG     sing N N 245 
PHE CB    HB2    sing N N 246 
PHE CB    HB3    sing N N 247 
PHE CG    CD1    doub Y N 248 
PHE CG    CD2    sing Y N 249 
PHE CD1   CE1    sing Y N 250 
PHE CD1   HD1    sing N N 251 
PHE CD2   CE2    doub Y N 252 
PHE CD2   HD2    sing N N 253 
PHE CE1   CZ     doub Y N 254 
PHE CE1   HE1    sing N N 255 
PHE CE2   CZ     sing Y N 256 
PHE CE2   HE2    sing N N 257 
PHE CZ    HZ     sing N N 258 
PHE OXT   HXT    sing N N 259 
PRO N     CA     sing N N 260 
PRO N     CD     sing N N 261 
PRO N     H      sing N N 262 
PRO CA    C      sing N N 263 
PRO CA    CB     sing N N 264 
PRO CA    HA     sing N N 265 
PRO C     O      doub N N 266 
PRO C     OXT    sing N N 267 
PRO CB    CG     sing N N 268 
PRO CB    HB2    sing N N 269 
PRO CB    HB3    sing N N 270 
PRO CG    CD     sing N N 271 
PRO CG    HG2    sing N N 272 
PRO CG    HG3    sing N N 273 
PRO CD    HD2    sing N N 274 
PRO CD    HD3    sing N N 275 
PRO OXT   HXT    sing N N 276 
RBF N1    C2     sing N N 277 
RBF N1    C10    doub N N 278 
RBF C2    O2     doub N N 279 
RBF C2    N3     sing N N 280 
RBF N3    C4     sing N N 281 
RBF N3    HN3    sing N N 282 
RBF C4    O4     doub N N 283 
RBF C4    C4A    sing N N 284 
RBF C4A   N5     doub N N 285 
RBF C4A   C10    sing N N 286 
RBF N5    C5A    sing N N 287 
RBF C5A   C6     doub Y N 288 
RBF C5A   C9A    sing Y N 289 
RBF C6    C7     sing Y N 290 
RBF C6    HC6    sing N N 291 
RBF C7    C7M    sing N N 292 
RBF C7    C8     doub Y N 293 
RBF C7M   HC71   sing N N 294 
RBF C7M   HC72   sing N N 295 
RBF C7M   HC73   sing N N 296 
RBF C8    C8M    sing N N 297 
RBF C8    C9     sing Y N 298 
RBF C8M   HC81   sing N N 299 
RBF C8M   HC82   sing N N 300 
RBF C8M   HC83   sing N N 301 
RBF C9    C9A    doub Y N 302 
RBF C9    HC9    sing N N 303 
RBF C9A   N10    sing N N 304 
RBF N10   C10    sing N N 305 
RBF N10   "C1'"  sing N N 306 
RBF "C1'" "C2'"  sing N N 307 
RBF "C1'" HC11   sing N N 308 
RBF "C1'" HC12   sing N N 309 
RBF "C2'" "O2'"  sing N N 310 
RBF "C2'" "C3'"  sing N N 311 
RBF "C2'" "HC2'" sing N N 312 
RBF "O2'" "HO2'" sing N N 313 
RBF "C3'" "O3'"  sing N N 314 
RBF "C3'" "C4'"  sing N N 315 
RBF "C3'" "HC3'" sing N N 316 
RBF "O3'" "HO3'" sing N N 317 
RBF "C4'" "O4'"  sing N N 318 
RBF "C4'" "C5'"  sing N N 319 
RBF "C4'" "HC4'" sing N N 320 
RBF "O4'" "HO4'" sing N N 321 
RBF "C5'" "O5'"  sing N N 322 
RBF "C5'" HC51   sing N N 323 
RBF "C5'" HC52   sing N N 324 
RBF "O5'" "HO5'" sing N N 325 
SER N     CA     sing N N 326 
SER N     H      sing N N 327 
SER N     H2     sing N N 328 
SER CA    C      sing N N 329 
SER CA    CB     sing N N 330 
SER CA    HA     sing N N 331 
SER C     O      doub N N 332 
SER C     OXT    sing N N 333 
SER CB    OG     sing N N 334 
SER CB    HB2    sing N N 335 
SER CB    HB3    sing N N 336 
SER OG    HG     sing N N 337 
SER OXT   HXT    sing N N 338 
THR N     CA     sing N N 339 
THR N     H      sing N N 340 
THR N     H2     sing N N 341 
THR CA    C      sing N N 342 
THR CA    CB     sing N N 343 
THR CA    HA     sing N N 344 
THR C     O      doub N N 345 
THR C     OXT    sing N N 346 
THR CB    OG1    sing N N 347 
THR CB    CG2    sing N N 348 
THR CB    HB     sing N N 349 
THR OG1   HG1    sing N N 350 
THR CG2   HG21   sing N N 351 
THR CG2   HG22   sing N N 352 
THR CG2   HG23   sing N N 353 
THR OXT   HXT    sing N N 354 
TYR N     CA     sing N N 355 
TYR N     H      sing N N 356 
TYR N     H2     sing N N 357 
TYR CA    C      sing N N 358 
TYR CA    CB     sing N N 359 
TYR CA    HA     sing N N 360 
TYR C     O      doub N N 361 
TYR C     OXT    sing N N 362 
TYR CB    CG     sing N N 363 
TYR CB    HB2    sing N N 364 
TYR CB    HB3    sing N N 365 
TYR CG    CD1    doub Y N 366 
TYR CG    CD2    sing Y N 367 
TYR CD1   CE1    sing Y N 368 
TYR CD1   HD1    sing N N 369 
TYR CD2   CE2    doub Y N 370 
TYR CD2   HD2    sing N N 371 
TYR CE1   CZ     doub Y N 372 
TYR CE1   HE1    sing N N 373 
TYR CE2   CZ     sing Y N 374 
TYR CE2   HE2    sing N N 375 
TYR CZ    OH     sing N N 376 
TYR OH    HH     sing N N 377 
TYR OXT   HXT    sing N N 378 
VAL N     CA     sing N N 379 
VAL N     H      sing N N 380 
VAL N     H2     sing N N 381 
VAL CA    C      sing N N 382 
VAL CA    CB     sing N N 383 
VAL CA    HA     sing N N 384 
VAL C     O      doub N N 385 
VAL C     OXT    sing N N 386 
VAL CB    CG1    sing N N 387 
VAL CB    CG2    sing N N 388 
VAL CB    HB     sing N N 389 
VAL CG1   HG11   sing N N 390 
VAL CG1   HG12   sing N N 391 
VAL CG1   HG13   sing N N 392 
VAL CG2   HG21   sing N N 393 
VAL CG2   HG22   sing N N 394 
VAL CG2   HG23   sing N N 395 
VAL OXT   HXT    sing N N 396 
# 
loop_
_pdbx_entity_nonpoly.entity_id 
_pdbx_entity_nonpoly.name 
_pdbx_entity_nonpoly.comp_id 
2 RIBOFLAVIN RBF 
3 water      HOH 
# 
_pdbx_initial_refinement_model.id               1 
_pdbx_initial_refinement_model.entity_id_list   ? 
_pdbx_initial_refinement_model.type             'experimental model' 
_pdbx_initial_refinement_model.source_name      PDB 
_pdbx_initial_refinement_model.accession_code   4KUK 
_pdbx_initial_refinement_model.details          'PDB ENTRY 4KUK' 
# 
